data_7KEX
#
_entry.id   7KEX
#
loop_
_entity.id
_entity.type
_entity.pdbx_description
1 polymer 'Antibody Fab EBOV-293 light chain'
2 polymer 'Antibody Fab EBOV-293 heavy chain'
3 polymer 'Virion spike glycoprotein 1'
4 polymer 'Virion spike glycoprotein 2'
5 branched beta-D-mannopyranose-(1-4)-2-acetamido-2-deoxy-beta-D-glucopyranose-(1-4)-2-acetamido-2-deoxy-beta-D-glucopyranose
6 branched alpha-D-mannopyranose-(1-6)-beta-D-mannopyranose-(1-4)-2-acetamido-2-deoxy-beta-D-glucopyranose-(1-4)-2-acetamido-2-deoxy-beta-D-glucopyranose
7 non-polymer 2-acetamido-2-deoxy-beta-D-glucopyranose
#
loop_
_entity_poly.entity_id
_entity_poly.type
_entity_poly.pdbx_seq_one_letter_code
_entity_poly.pdbx_strand_id
1 'polypeptide(L)'
;MGWSCIILFLVATATGVHQTVMTQSPGTLSLSPGERATLSCGVSQSISSTYFAWYQQKVGQAPRLLIYGASNRASGIPDR
FSGSASGTDFTLTISRVEPEDFAVYYCQQYGSSPTFGQGTRLEIKRTVAAPSVFIFPPSDEQLKSGTASVVCLLNNFYPR
EAKVQWKVDNALQSGNSQESVTEQDSKDSTYSLSSTLTLSKADYEKHKVYACEVTHQGLSSPVTKSFNRGEC
;
J,K,L
2 'polypeptide(L)'
;MELGLRWVFLVAILEGVQCQVQLVQSGAEVKKPGSSVKVSCKASGGTFIDYTYNWVRQAPGQGLVWMGRVVPGLGLSSYA
QQFEDRVTITAAKSTSTVYMELRGLTSEDTAMYYCARDTASFGWLPFAFWGQGTLVTVSSASTKGPSVFPLAPSSKSTSG
GTAALGCLVKDYFPEPVTVSWNSGALTSGVHTFPAVLQSSGLYSLSSVVTVPSSSLGTQTYICNVNHKPSNTKVDKRVEP
KSCD
;
G,H,I
3 'polypeptide(L)'
;MDAMKRGLCCVLLLCGAVFVSPSQEIHARFRRGARSIPLGVIHNSTLQVSDVDKLVCRDKLSSTNQLRSVGLNLEGNGVA
TDVPSVTKRWGFRSGVPPKVVNYEAGEWAENCYNLEIKKPDGSECLPAAPDGIRGFPRCRYVHKVSGTGPCAGDFAFHKE
GAFFLYDRLASTVIYRGTTFAEGVVAFLILPQAKKDFFSSHPLREPVNATEDPSSGYYSTTIRYQATGFGTNETEYLFEV
DNLTYVQLESRFTPQFLLQLNETIYASGKRSNTTGKLIWKVNPEIDTTIGEWAFWETKKNLTRKIRSEELSFT
;
A,B,C
4 'polypeptide(L)'
;NNNTHHQDTGEESASSGKLGLITNTIAGVAGLITGGRRTRREVIVNAQPKCNPNLHYWTTQDEGAAIGLAWIPYFGPAAE
GIYTEGLMHNQDGLICGLRQLANETTQALQLFLRATTELRTFSILNRKAIDFLLQRWGGTCHILGPDCCIEPHDWTKNIT
DKIDQIIHDDDDKAGWSHPQFEKGGGSGGGSGGGSWSHPQFEK
;
D,E,F
#
# COMPACT_ATOMS: atom_id res chain seq x y z
N GLN A 19 12.68 -33.53 24.19
CA GLN A 19 11.36 -34.13 24.29
C GLN A 19 11.31 -35.05 25.52
N THR A 20 10.57 -34.64 26.60
CA THR A 20 10.37 -35.37 27.90
C THR A 20 11.59 -36.19 28.30
N VAL A 21 12.72 -35.51 28.44
CA VAL A 21 13.95 -36.18 28.73
C VAL A 21 14.04 -36.39 30.20
N MET A 22 14.25 -37.63 30.61
CA MET A 22 14.28 -37.89 32.03
C MET A 22 15.58 -38.43 32.55
N THR A 23 15.94 -37.91 33.72
CA THR A 23 17.12 -38.34 34.44
C THR A 23 16.70 -38.88 35.78
N GLN A 24 17.08 -40.11 36.04
CA GLN A 24 16.69 -40.72 37.29
C GLN A 24 17.79 -40.43 38.29
N SER A 25 17.40 -40.11 39.53
CA SER A 25 18.38 -39.82 40.56
C SER A 25 17.88 -40.24 41.96
N PRO A 26 18.66 -41.07 42.68
CA PRO A 26 19.92 -41.71 42.37
C PRO A 26 19.78 -42.66 41.21
N GLY A 27 20.87 -42.87 40.45
CA GLY A 27 20.89 -43.84 39.35
C GLY A 27 21.12 -45.24 39.91
N THR A 28 21.46 -45.26 41.19
CA THR A 28 21.66 -46.46 41.95
C THR A 28 21.49 -46.14 43.42
N LEU A 29 20.91 -47.09 44.13
CA LEU A 29 20.71 -47.02 45.57
C LEU A 29 21.35 -48.24 46.21
N SER A 30 21.86 -48.10 47.43
CA SER A 30 22.42 -49.28 48.11
C SER A 30 21.92 -49.35 49.53
N LEU A 31 21.01 -50.29 49.77
CA LEU A 31 20.36 -50.43 51.07
C LEU A 31 20.32 -51.85 51.57
N SER A 32 20.35 -52.04 52.87
CA SER A 32 20.14 -53.37 53.43
C SER A 32 18.64 -53.64 53.26
N PRO A 33 18.19 -54.86 52.99
CA PRO A 33 16.79 -55.18 52.93
C PRO A 33 16.15 -54.76 54.26
N GLY A 34 14.97 -54.17 54.18
CA GLY A 34 14.23 -53.70 55.33
C GLY A 34 14.36 -52.18 55.56
N GLU A 35 15.29 -51.54 54.86
CA GLU A 35 15.47 -50.09 54.98
C GLU A 35 14.52 -49.34 54.06
N ARG A 36 14.24 -48.08 54.41
CA ARG A 36 13.40 -47.17 53.62
C ARG A 36 14.13 -46.55 52.42
N ALA A 37 13.48 -46.48 51.26
CA ALA A 37 14.17 -45.86 50.12
C ALA A 37 13.27 -45.00 49.25
N THR A 38 13.86 -43.95 48.68
CA THR A 38 13.17 -43.09 47.74
C THR A 38 13.98 -42.87 46.47
N LEU A 39 13.27 -42.67 45.39
CA LEU A 39 13.80 -42.38 44.07
C LEU A 39 13.00 -41.33 43.34
N SER A 40 13.65 -40.38 42.72
CA SER A 40 12.87 -39.43 41.95
C SER A 40 13.48 -39.26 40.57
N CYS A 41 12.67 -38.74 39.63
CA CYS A 41 13.07 -38.44 38.26
C CYS A 41 12.75 -36.99 37.94
N GLY A 42 13.71 -36.35 37.30
CA GLY A 42 13.49 -35.01 36.84
C GLY A 42 13.22 -35.10 35.37
N VAL A 43 12.36 -34.23 34.87
CA VAL A 43 12.09 -34.20 33.45
C VAL A 43 12.31 -32.80 32.88
N SER A 44 12.83 -32.73 31.65
CA SER A 44 13.11 -31.46 30.96
C SER A 44 11.89 -30.58 30.68
N GLN A 45 10.71 -31.16 30.71
CA GLN A 45 9.47 -30.44 30.48
C GLN A 45 8.42 -31.01 31.39
N SER A 46 7.40 -30.24 31.70
CA SER A 46 6.34 -30.80 32.50
C SER A 46 5.62 -31.92 31.76
N ILE A 47 5.25 -32.94 32.54
CA ILE A 47 4.45 -34.06 32.08
C ILE A 47 3.24 -34.08 32.99
N SER A 48 2.03 -34.14 32.46
CA SER A 48 0.91 -34.19 33.37
C SER A 48 1.12 -35.46 34.16
N SER A 49 0.74 -35.50 35.43
CA SER A 49 1.01 -36.72 36.15
C SER A 49 0.30 -37.91 35.54
N THR A 50 -0.81 -37.65 34.87
CA THR A 50 -1.64 -38.64 34.22
C THR A 50 -1.00 -39.28 32.99
N TYR A 51 0.11 -38.70 32.52
CA TYR A 51 0.79 -39.23 31.36
C TYR A 51 2.13 -39.84 31.74
N PHE A 52 2.32 -40.05 33.05
CA PHE A 52 3.55 -40.62 33.59
C PHE A 52 3.36 -41.90 34.43
N ALA A 53 4.26 -42.88 34.28
CA ALA A 53 4.20 -44.09 35.11
C ALA A 53 5.57 -44.62 35.57
N TRP A 54 5.52 -45.34 36.68
CA TRP A 54 6.68 -46.01 37.25
C TRP A 54 6.64 -47.51 36.99
N TYR A 55 7.82 -48.10 36.75
CA TYR A 55 8.03 -49.56 36.59
C TYR A 55 9.11 -50.16 37.48
N GLN A 56 8.98 -51.46 37.77
CA GLN A 56 9.98 -52.27 38.47
C GLN A 56 10.51 -53.41 37.57
N GLN A 57 11.79 -53.36 37.19
CA GLN A 57 12.38 -54.38 36.34
C GLN A 57 13.29 -55.36 37.07
N LYS A 58 12.88 -56.61 37.04
CA LYS A 58 13.62 -57.66 37.68
C LYS A 58 14.66 -58.14 36.69
N VAL A 59 15.73 -58.73 37.18
CA VAL A 59 16.76 -59.08 36.23
C VAL A 59 16.33 -60.18 35.29
N GLY A 60 16.50 -59.90 34.00
CA GLY A 60 16.17 -60.81 32.93
C GLY A 60 14.70 -60.76 32.54
N GLN A 61 13.93 -59.90 33.17
CA GLN A 61 12.50 -59.81 32.93
C GLN A 61 12.06 -58.52 32.30
N ALA A 62 10.94 -58.55 31.60
CA ALA A 62 10.33 -57.33 31.13
C ALA A 62 9.90 -56.56 32.39
N PRO A 63 9.92 -55.22 32.40
CA PRO A 63 9.55 -54.40 33.53
C PRO A 63 8.09 -54.49 33.88
N ARG A 64 7.78 -54.42 35.15
CA ARG A 64 6.39 -54.44 35.61
C ARG A 64 5.87 -53.07 35.97
N LEU A 65 4.70 -52.71 35.47
CA LEU A 65 4.14 -51.39 35.78
C LEU A 65 3.83 -51.38 37.28
N LEU A 66 4.28 -50.34 37.96
CA LEU A 66 3.99 -50.14 39.37
C LEU A 66 2.94 -49.09 39.61
N ILE A 67 3.16 -47.92 39.05
CA ILE A 67 2.29 -46.79 39.33
C ILE A 67 1.74 -46.04 38.12
N TYR A 68 0.42 -45.89 38.07
CA TYR A 68 -0.28 -45.17 37.02
C TYR A 68 -0.58 -43.72 37.33
N GLY A 69 -0.32 -42.84 36.38
CA GLY A 69 -0.64 -41.44 36.59
C GLY A 69 0.23 -40.86 37.68
N ALA A 70 1.39 -41.46 37.83
CA ALA A 70 2.37 -41.16 38.85
C ALA A 70 1.86 -41.33 40.28
N SER A 71 0.69 -41.99 40.50
CA SER A 71 0.21 -42.18 41.88
C SER A 71 -0.59 -43.46 42.18
N ASN A 72 -1.24 -44.06 41.18
CA ASN A 72 -2.14 -45.18 41.41
C ASN A 72 -1.51 -46.56 41.28
N ARG A 73 -1.53 -47.34 42.35
CA ARG A 73 -0.89 -48.64 42.25
C ARG A 73 -1.54 -49.51 41.19
N ALA A 74 -0.69 -50.16 40.42
CA ALA A 74 -1.04 -51.09 39.38
C ALA A 74 -1.54 -52.37 39.99
N SER A 75 -2.22 -53.16 39.21
CA SER A 75 -2.74 -54.38 39.75
C SER A 75 -1.64 -55.28 40.28
N GLY A 76 -1.88 -55.82 41.46
CA GLY A 76 -0.97 -56.74 42.09
C GLY A 76 0.21 -56.06 42.78
N ILE A 77 0.18 -54.73 42.88
CA ILE A 77 1.26 -53.99 43.50
C ILE A 77 1.01 -53.75 44.98
N PRO A 78 1.94 -54.17 45.87
CA PRO A 78 1.90 -54.01 47.30
C PRO A 78 1.83 -52.57 47.74
N ASP A 79 1.21 -52.36 48.89
CA ASP A 79 0.98 -51.05 49.49
C ASP A 79 2.23 -50.37 49.98
N ARG A 80 3.32 -51.12 50.04
CA ARG A 80 4.60 -50.54 50.42
C ARG A 80 5.09 -49.60 49.33
N PHE A 81 4.54 -49.72 48.11
CA PHE A 81 4.92 -48.85 47.01
C PHE A 81 3.99 -47.67 46.92
N SER A 82 4.56 -46.48 46.79
CA SER A 82 3.75 -45.29 46.66
C SER A 82 4.51 -44.22 45.95
N GLY A 83 3.81 -43.18 45.53
CA GLY A 83 4.48 -42.08 44.87
C GLY A 83 3.49 -41.02 44.46
N SER A 84 4.02 -39.93 43.94
CA SER A 84 3.24 -38.79 43.49
C SER A 84 4.03 -37.93 42.51
N ALA A 85 3.34 -37.04 41.81
CA ALA A 85 4.07 -36.13 40.94
C ALA A 85 3.32 -34.89 40.54
N SER A 86 4.11 -33.89 40.17
CA SER A 86 3.59 -32.68 39.55
C SER A 86 4.69 -32.02 38.74
N GLY A 87 4.34 -31.23 37.74
CA GLY A 87 5.37 -30.47 37.03
C GLY A 87 6.41 -31.40 36.41
N THR A 88 7.64 -31.16 36.84
CA THR A 88 8.82 -31.88 36.40
C THR A 88 9.41 -32.80 37.49
N ASP A 89 8.68 -32.93 38.60
CA ASP A 89 9.10 -33.70 39.79
C ASP A 89 8.33 -35.01 40.05
N PHE A 90 8.94 -36.15 39.71
CA PHE A 90 8.28 -37.45 39.84
C PHE A 90 8.93 -38.32 40.92
N THR A 91 8.19 -38.69 41.98
CA THR A 91 8.82 -39.48 43.06
C THR A 91 8.14 -40.81 43.43
N LEU A 92 8.99 -41.83 43.56
CA LEU A 92 8.69 -43.19 43.97
C LEU A 92 9.28 -43.52 45.32
N THR A 93 8.53 -44.21 46.15
CA THR A 93 9.12 -44.67 47.38
C THR A 93 8.63 -46.05 47.77
N ILE A 94 9.48 -46.74 48.52
CA ILE A 94 9.13 -48.02 49.07
C ILE A 94 9.32 -47.89 50.58
N SER A 95 8.28 -48.21 51.36
CA SER A 95 8.39 -48.03 52.82
C SER A 95 9.46 -48.90 53.47
N ARG A 96 9.69 -50.07 52.91
CA ARG A 96 10.69 -51.05 53.32
C ARG A 96 11.12 -51.75 52.06
N VAL A 97 12.38 -51.77 51.74
CA VAL A 97 12.74 -52.45 50.51
C VAL A 97 12.94 -53.93 50.82
N GLU A 98 12.17 -54.78 50.18
CA GLU A 98 12.29 -56.20 50.46
C GLU A 98 13.36 -56.76 49.53
N PRO A 99 13.99 -57.91 49.80
CA PRO A 99 14.97 -58.53 48.91
C PRO A 99 14.47 -58.61 47.46
N GLU A 100 13.17 -58.84 47.30
CA GLU A 100 12.52 -58.96 46.02
C GLU A 100 12.37 -57.64 45.26
N ASP A 101 12.61 -56.52 45.95
CA ASP A 101 12.48 -55.19 45.40
C ASP A 101 13.80 -54.60 44.93
N PHE A 102 14.90 -55.35 45.00
CA PHE A 102 16.16 -54.75 44.55
C PHE A 102 16.32 -54.87 43.02
N ALA A 103 15.47 -54.10 42.36
CA ALA A 103 15.16 -54.02 40.94
C ALA A 103 15.60 -52.72 40.29
N VAL A 104 15.53 -52.69 38.96
CA VAL A 104 15.81 -51.44 38.28
C VAL A 104 14.51 -50.73 38.07
N TYR A 105 14.40 -49.53 38.56
CA TYR A 105 13.16 -48.84 38.43
C TYR A 105 13.20 -47.87 37.29
N TYR A 106 12.09 -47.75 36.61
CA TYR A 106 12.04 -46.83 35.49
C TYR A 106 10.91 -45.83 35.51
N CYS A 107 11.21 -44.64 34.98
CA CYS A 107 10.30 -43.54 34.71
C CYS A 107 9.89 -43.51 33.23
N GLN A 108 8.57 -43.58 32.98
CA GLN A 108 8.03 -43.54 31.63
C GLN A 108 7.04 -42.44 31.33
N GLN A 109 7.26 -41.80 30.20
CA GLN A 109 6.32 -40.84 29.64
C GLN A 109 5.57 -41.57 28.54
N TYR A 110 4.24 -41.57 28.57
CA TYR A 110 3.47 -42.27 27.53
C TYR A 110 2.35 -41.51 26.82
N GLY A 111 2.20 -40.20 27.04
CA GLY A 111 1.08 -39.50 26.42
C GLY A 111 1.25 -39.27 24.91
N SER A 112 2.50 -39.26 24.45
CA SER A 112 2.83 -39.05 23.03
C SER A 112 3.89 -40.04 22.66
N SER A 113 4.79 -39.68 21.74
CA SER A 113 5.85 -40.61 21.44
C SER A 113 6.46 -40.77 22.83
N PRO A 114 6.56 -42.00 23.37
CA PRO A 114 7.01 -42.31 24.70
C PRO A 114 8.49 -42.18 24.89
N THR A 115 8.88 -41.95 26.13
CA THR A 115 10.29 -41.91 26.51
C THR A 115 10.52 -42.59 27.86
N PHE A 116 11.75 -42.98 28.11
CA PHE A 116 12.14 -43.56 29.39
C PHE A 116 13.40 -42.91 29.94
N GLY A 117 13.53 -42.93 31.26
CA GLY A 117 14.77 -42.48 31.91
C GLY A 117 15.78 -43.63 31.78
N GLN A 118 17.00 -43.46 32.29
CA GLN A 118 18.02 -44.50 32.10
C GLN A 118 17.81 -45.74 32.98
N GLY A 119 17.02 -45.60 34.02
CA GLY A 119 16.75 -46.67 34.98
C GLY A 119 17.64 -46.57 36.22
N THR A 120 17.06 -46.91 37.37
CA THR A 120 17.80 -46.89 38.62
C THR A 120 17.89 -48.21 39.31
N ARG A 121 19.10 -48.68 39.58
CA ARG A 121 19.17 -49.97 40.25
C ARG A 121 19.25 -49.86 41.75
N LEU A 122 18.36 -50.54 42.40
CA LEU A 122 18.38 -50.64 43.83
C LEU A 122 19.08 -51.94 44.20
N GLU A 123 20.28 -51.81 44.75
CA GLU A 123 21.18 -52.91 45.10
C GLU A 123 21.19 -53.20 46.60
N ILE A 124 21.55 -54.44 46.94
CA ILE A 124 21.63 -54.91 48.32
C ILE A 124 22.95 -54.59 49.02
N LYS A 125 22.86 -53.91 50.19
CA LYS A 125 23.97 -53.50 51.07
C LYS A 125 24.02 -54.43 52.31
N GLN B 20 -4.94 -61.19 32.00
CA GLN B 20 -3.67 -60.72 31.47
C GLN B 20 -3.52 -61.33 30.06
N VAL B 21 -3.51 -60.46 29.02
CA VAL B 21 -3.43 -60.83 27.60
C VAL B 21 -1.93 -61.08 27.31
N GLN B 22 -1.64 -62.19 26.63
CA GLN B 22 -0.27 -62.60 26.38
C GLN B 22 0.31 -62.20 25.03
N LEU B 23 1.64 -62.10 25.00
CA LEU B 23 2.47 -61.87 23.82
C LEU B 23 3.50 -62.97 23.71
N VAL B 24 3.51 -63.71 22.61
CA VAL B 24 4.45 -64.82 22.45
C VAL B 24 5.46 -64.62 21.33
N GLN B 25 6.75 -64.71 21.67
CA GLN B 25 7.79 -64.44 20.67
C GLN B 25 8.69 -65.61 20.33
N SER B 26 9.32 -65.50 19.16
CA SER B 26 10.29 -66.46 18.67
C SER B 26 11.62 -66.38 19.41
N GLY B 27 12.47 -67.39 19.23
CA GLY B 27 13.76 -67.40 19.90
C GLY B 27 14.84 -66.59 19.18
N ALA B 28 16.06 -66.66 19.73
CA ALA B 28 17.20 -65.90 19.25
C ALA B 28 17.65 -66.25 17.84
N GLU B 29 18.13 -65.24 17.12
CA GLU B 29 18.66 -65.43 15.77
C GLU B 29 19.90 -64.56 15.52
N VAL B 30 20.88 -65.14 14.80
CA VAL B 30 22.11 -64.44 14.46
C VAL B 30 22.11 -63.99 13.01
N LYS B 31 22.38 -62.71 12.81
CA LYS B 31 22.43 -62.07 11.52
C LYS B 31 23.78 -61.49 11.18
N LYS B 32 24.02 -61.34 9.88
CA LYS B 32 25.26 -60.74 9.45
C LYS B 32 25.01 -59.25 9.20
N PRO B 33 26.00 -58.38 9.35
CA PRO B 33 25.88 -56.97 9.11
C PRO B 33 25.36 -56.71 7.69
N GLY B 34 24.45 -55.75 7.60
CA GLY B 34 23.83 -55.31 6.36
C GLY B 34 22.49 -55.98 6.07
N SER B 35 22.16 -57.04 6.81
CA SER B 35 20.92 -57.77 6.59
C SER B 35 19.75 -57.24 7.42
N SER B 36 18.70 -58.07 7.54
CA SER B 36 17.53 -57.68 8.30
C SER B 36 16.95 -58.87 9.03
N VAL B 37 16.22 -58.55 10.09
CA VAL B 37 15.55 -59.57 10.88
C VAL B 37 14.10 -59.26 11.03
N LYS B 38 13.29 -60.28 10.87
CA LYS B 38 11.89 -60.11 11.08
C LYS B 38 11.56 -60.79 12.38
N VAL B 39 10.88 -60.07 13.24
CA VAL B 39 10.48 -60.57 14.53
C VAL B 39 8.99 -60.41 14.67
N SER B 40 8.39 -61.17 15.57
CA SER B 40 6.96 -61.06 15.72
C SER B 40 6.53 -61.46 17.12
N CYS B 41 5.29 -61.05 17.51
CA CYS B 41 4.65 -61.42 18.77
C CYS B 41 3.22 -61.88 18.51
N LYS B 42 2.90 -63.08 18.92
CA LYS B 42 1.54 -63.52 18.73
C LYS B 42 0.73 -63.07 19.91
N ALA B 43 -0.37 -62.38 19.64
CA ALA B 43 -1.22 -61.91 20.70
C ALA B 43 -2.30 -62.94 20.97
N SER B 44 -2.53 -63.24 22.23
CA SER B 44 -3.59 -64.19 22.56
C SER B 44 -4.17 -63.92 23.94
N GLY B 45 -5.42 -64.33 24.15
CA GLY B 45 -6.06 -64.11 25.42
C GLY B 45 -6.77 -62.76 25.50
N GLY B 46 -6.87 -62.07 24.35
CA GLY B 46 -7.51 -60.76 24.28
C GLY B 46 -7.57 -60.22 22.86
N THR B 47 -8.05 -58.98 22.74
CA THR B 47 -8.27 -58.34 21.46
C THR B 47 -6.96 -57.88 20.79
N PHE B 48 -6.87 -58.07 19.49
CA PHE B 48 -5.74 -57.56 18.76
C PHE B 48 -6.02 -56.11 18.33
N ILE B 49 -7.21 -55.89 17.84
CA ILE B 49 -7.63 -54.61 17.29
C ILE B 49 -7.61 -53.45 18.29
N ASP B 50 -8.02 -53.71 19.54
CA ASP B 50 -8.17 -52.72 20.60
C ASP B 50 -6.89 -52.16 21.18
N TYR B 51 -5.75 -52.80 20.95
CA TYR B 51 -4.56 -52.35 21.64
C TYR B 51 -3.44 -51.87 20.77
N THR B 52 -2.61 -51.02 21.35
CA THR B 52 -1.43 -50.65 20.62
C THR B 52 -0.40 -51.69 20.94
N TYR B 53 0.23 -52.16 19.90
CA TYR B 53 1.32 -53.07 20.07
C TYR B 53 2.59 -52.31 19.78
N ASN B 54 3.37 -52.13 20.82
CA ASN B 54 4.57 -51.32 20.73
C ASN B 54 5.81 -52.16 20.74
N TRP B 55 6.72 -51.85 19.86
CA TRP B 55 8.02 -52.49 19.86
C TRP B 55 8.99 -51.63 20.59
N VAL B 56 9.74 -52.28 21.45
CA VAL B 56 10.77 -51.65 22.25
C VAL B 56 12.07 -52.47 22.15
N ARG B 57 13.19 -51.84 22.50
CA ARG B 57 14.50 -52.48 22.47
C ARG B 57 15.29 -52.32 23.76
N GLN B 58 15.89 -53.40 24.23
CA GLN B 58 16.77 -53.29 25.38
C GLN B 58 18.01 -54.16 25.31
N ALA B 59 19.14 -53.52 25.15
CA ALA B 59 20.39 -54.24 25.15
C ALA B 59 20.79 -54.28 26.61
N PRO B 60 21.49 -55.30 27.10
CA PRO B 60 21.93 -55.35 28.47
C PRO B 60 22.76 -54.13 28.80
N GLY B 61 22.46 -53.52 29.92
CA GLY B 61 23.19 -52.37 30.41
C GLY B 61 22.78 -51.03 29.78
N GLN B 62 21.87 -51.05 28.80
CA GLN B 62 21.51 -49.81 28.13
C GLN B 62 20.18 -49.19 28.56
N GLY B 63 19.30 -49.98 29.13
CA GLY B 63 17.98 -49.48 29.48
C GLY B 63 17.04 -49.68 28.31
N LEU B 64 15.80 -49.26 28.46
CA LEU B 64 14.82 -49.52 27.43
C LEU B 64 14.47 -48.30 26.58
N VAL B 65 14.35 -48.52 25.27
CA VAL B 65 13.89 -47.45 24.40
C VAL B 65 12.73 -47.94 23.54
N TRP B 66 11.90 -47.01 23.11
CA TRP B 66 10.80 -47.33 22.21
C TRP B 66 11.25 -47.26 20.78
N MET B 67 10.80 -48.21 19.96
CA MET B 67 11.14 -48.23 18.55
C MET B 67 10.01 -47.75 17.65
N GLY B 68 8.80 -48.13 18.02
CA GLY B 68 7.65 -47.81 17.20
C GLY B 68 6.42 -48.60 17.60
N ARG B 69 5.30 -48.37 16.92
CA ARG B 69 4.06 -49.05 17.25
C ARG B 69 3.08 -49.21 16.13
N VAL B 70 2.18 -50.17 16.29
CA VAL B 70 1.04 -50.34 15.42
C VAL B 70 -0.25 -50.43 16.22
N VAL B 71 -1.28 -49.78 15.73
CA VAL B 71 -2.58 -49.85 16.35
C VAL B 71 -3.53 -50.36 15.29
N PRO B 72 -3.76 -51.67 15.17
CA PRO B 72 -4.55 -52.30 14.13
C PRO B 72 -5.94 -51.67 14.01
N GLY B 73 -6.52 -51.21 15.13
CA GLY B 73 -7.82 -50.54 15.14
C GLY B 73 -7.83 -49.26 14.31
N LEU B 74 -6.71 -48.55 14.25
CA LEU B 74 -6.63 -47.33 13.46
C LEU B 74 -6.05 -47.68 12.11
N GLY B 75 -5.21 -48.72 12.09
CA GLY B 75 -4.52 -49.16 10.88
C GLY B 75 -3.27 -48.34 10.65
N LEU B 76 -2.84 -47.67 11.71
CA LEU B 76 -1.70 -46.79 11.70
C LEU B 76 -0.51 -47.27 12.48
N SER B 77 0.65 -46.75 12.12
CA SER B 77 1.85 -47.05 12.87
C SER B 77 2.73 -45.82 13.02
N SER B 78 3.57 -45.81 14.03
CA SER B 78 4.44 -44.67 14.27
C SER B 78 5.78 -45.11 14.79
N TYR B 79 6.76 -44.23 14.66
CA TYR B 79 8.12 -44.64 14.98
C TYR B 79 8.93 -43.69 15.81
N ALA B 80 9.90 -44.25 16.50
CA ALA B 80 10.93 -43.52 17.20
C ALA B 80 11.80 -42.90 16.14
N GLN B 81 12.25 -41.67 16.33
CA GLN B 81 13.03 -41.06 15.25
C GLN B 81 14.33 -41.77 14.89
N GLN B 82 15.01 -42.33 15.86
CA GLN B 82 16.30 -42.96 15.58
C GLN B 82 16.16 -44.29 14.84
N PHE B 83 14.94 -44.80 14.77
CA PHE B 83 14.67 -46.04 14.09
C PHE B 83 13.94 -45.81 12.76
N GLU B 84 13.84 -44.55 12.35
CA GLU B 84 13.15 -44.19 11.12
C GLU B 84 13.70 -44.94 9.90
N ASP B 85 12.78 -45.50 9.09
CA ASP B 85 13.07 -46.22 7.85
C ASP B 85 13.60 -47.65 8.09
N ARG B 86 14.62 -47.77 8.93
CA ARG B 86 15.21 -49.04 9.28
C ARG B 86 14.21 -49.94 9.96
N VAL B 87 13.27 -49.36 10.71
CA VAL B 87 12.27 -50.16 11.34
C VAL B 87 10.89 -49.95 10.76
N THR B 88 10.30 -51.06 10.33
CA THR B 88 8.96 -51.07 9.80
C THR B 88 8.08 -51.96 10.66
N ILE B 89 6.96 -51.42 11.11
CA ILE B 89 6.05 -52.16 11.97
C ILE B 89 4.69 -52.33 11.34
N THR B 90 4.26 -53.57 11.35
CA THR B 90 3.00 -53.94 10.78
C THR B 90 2.29 -54.95 11.64
N ALA B 91 1.19 -55.47 11.14
CA ALA B 91 0.40 -56.42 11.88
C ALA B 91 -0.40 -57.29 10.95
N ALA B 92 -0.66 -58.50 11.39
CA ALA B 92 -1.55 -59.37 10.67
C ALA B 92 -2.78 -59.53 11.47
N LYS B 93 -3.84 -58.83 11.08
CA LYS B 93 -5.04 -58.90 11.87
C LYS B 93 -5.57 -60.31 11.90
N SER B 94 -5.41 -60.99 10.77
CA SER B 94 -5.90 -62.34 10.57
C SER B 94 -5.23 -63.41 11.42
N THR B 95 -4.05 -63.12 11.96
CA THR B 95 -3.37 -64.08 12.79
C THR B 95 -3.12 -63.50 14.15
N SER B 96 -3.68 -62.32 14.42
CA SER B 96 -3.47 -61.59 15.65
C SER B 96 -1.99 -61.50 15.98
N THR B 97 -1.18 -61.21 14.98
CA THR B 97 0.26 -61.17 15.21
C THR B 97 0.89 -59.84 14.86
N VAL B 98 1.73 -59.40 15.76
CA VAL B 98 2.44 -58.15 15.66
C VAL B 98 3.75 -58.40 14.94
N TYR B 99 4.08 -57.59 13.94
CA TYR B 99 5.35 -57.81 13.23
C TYR B 99 6.25 -56.60 13.12
N MET B 100 7.54 -56.86 13.18
CA MET B 100 8.50 -55.79 12.95
C MET B 100 9.70 -56.27 12.17
N GLU B 101 10.17 -55.42 11.28
CA GLU B 101 11.39 -55.73 10.59
C GLU B 101 12.41 -54.65 10.82
N LEU B 102 13.56 -55.08 11.27
CA LEU B 102 14.68 -54.21 11.53
C LEU B 102 15.73 -54.49 10.47
N ARG B 103 16.10 -53.46 9.71
CA ARG B 103 17.07 -53.68 8.65
C ARG B 103 18.26 -52.76 8.68
N GLY B 104 19.33 -53.17 7.97
CA GLY B 104 20.54 -52.38 7.92
C GLY B 104 21.28 -52.67 9.21
N LEU B 105 21.15 -53.92 9.64
CA LEU B 105 21.69 -54.40 10.89
C LEU B 105 23.19 -54.30 11.03
N THR B 106 23.58 -53.89 12.22
CA THR B 106 24.96 -53.81 12.65
C THR B 106 25.16 -54.48 14.00
N SER B 107 26.40 -54.62 14.45
CA SER B 107 26.67 -55.27 15.73
C SER B 107 26.13 -54.46 16.91
N GLU B 108 25.99 -53.15 16.73
CA GLU B 108 25.44 -52.26 17.74
C GLU B 108 23.95 -52.49 17.97
N ASP B 109 23.28 -53.24 17.08
CA ASP B 109 21.86 -53.46 17.21
C ASP B 109 21.57 -54.65 18.10
N THR B 110 22.59 -55.38 18.55
CA THR B 110 22.30 -56.55 19.37
C THR B 110 21.53 -56.12 20.62
N ALA B 111 20.39 -56.76 20.84
CA ALA B 111 19.52 -56.44 21.96
C ALA B 111 18.39 -57.40 22.09
N MET B 112 17.66 -57.32 23.19
CA MET B 112 16.43 -58.06 23.29
C MET B 112 15.34 -57.21 22.69
N TYR B 113 14.53 -57.81 21.84
CA TYR B 113 13.44 -57.07 21.25
C TYR B 113 12.13 -57.57 21.75
N TYR B 114 11.34 -56.64 22.23
CA TYR B 114 10.07 -56.94 22.84
C TYR B 114 8.90 -56.22 22.23
N CYS B 115 7.72 -56.84 22.39
CA CYS B 115 6.45 -56.22 22.18
C CYS B 115 5.95 -55.97 23.58
N ALA B 116 5.22 -54.92 23.69
CA ALA B 116 4.51 -54.64 24.90
C ALA B 116 3.19 -54.06 24.47
N ARG B 117 2.17 -54.49 25.14
CA ARG B 117 0.84 -54.04 24.84
C ARG B 117 0.45 -52.99 25.83
N ASP B 118 -0.12 -51.93 25.31
CA ASP B 118 -0.56 -50.88 26.19
C ASP B 118 -1.94 -51.16 26.72
N THR B 119 -2.42 -50.20 27.45
CA THR B 119 -3.72 -50.20 28.05
C THR B 119 -4.68 -49.25 27.31
N ALA B 120 -4.56 -49.17 25.97
CA ALA B 120 -5.40 -48.26 25.19
C ALA B 120 -6.89 -48.50 25.41
N SER B 121 -7.29 -49.74 25.62
CA SER B 121 -8.67 -50.13 25.82
C SER B 121 -9.20 -49.64 27.18
N PHE B 122 -8.30 -49.19 28.05
CA PHE B 122 -8.59 -48.72 29.39
C PHE B 122 -8.51 -47.20 29.46
N GLY B 123 -8.17 -46.55 28.33
CA GLY B 123 -7.99 -45.10 28.30
C GLY B 123 -6.59 -44.61 28.73
N TRP B 124 -5.64 -45.53 28.92
CA TRP B 124 -4.28 -45.19 29.36
C TRP B 124 -3.28 -45.65 28.31
N LEU B 125 -2.18 -44.93 28.12
CA LEU B 125 -1.20 -45.40 27.14
C LEU B 125 0.10 -46.20 27.60
N PRO B 126 0.40 -46.48 28.91
CA PRO B 126 1.58 -47.21 29.39
C PRO B 126 1.45 -48.71 29.13
N PHE B 127 2.53 -49.45 29.36
CA PHE B 127 2.54 -50.88 29.11
C PHE B 127 2.20 -51.80 30.25
N ALA B 128 1.12 -52.54 30.07
CA ALA B 128 0.70 -53.45 31.12
C ALA B 128 1.03 -54.89 30.79
N PHE B 129 1.24 -55.21 29.50
CA PHE B 129 1.44 -56.59 29.15
C PHE B 129 2.76 -56.69 28.42
N TRP B 130 3.58 -57.66 28.78
CA TRP B 130 4.90 -57.77 28.17
C TRP B 130 5.25 -59.16 27.67
N GLY B 131 6.09 -59.21 26.63
CA GLY B 131 6.60 -60.47 26.09
C GLY B 131 7.84 -61.01 26.83
N GLN B 132 8.51 -61.99 26.21
CA GLN B 132 9.67 -62.65 26.79
C GLN B 132 10.95 -62.00 26.32
N GLY B 133 10.91 -61.56 25.06
CA GLY B 133 12.04 -60.90 24.41
C GLY B 133 12.77 -61.82 23.46
N THR B 134 12.97 -61.36 22.24
CA THR B 134 13.68 -62.13 21.25
C THR B 134 15.07 -61.57 21.10
N LEU B 135 16.09 -62.40 21.24
CA LEU B 135 17.41 -61.84 21.07
C LEU B 135 17.82 -61.75 19.63
N VAL B 136 18.23 -60.56 19.25
CA VAL B 136 18.75 -60.33 17.93
C VAL B 136 20.22 -60.11 18.10
N THR B 137 21.00 -60.97 17.45
CA THR B 137 22.44 -60.91 17.51
C THR B 137 22.98 -60.59 16.17
N VAL B 138 23.85 -59.61 16.09
CA VAL B 138 24.42 -59.31 14.80
C VAL B 138 25.92 -59.43 14.96
N SER B 139 26.53 -60.24 14.12
CA SER B 139 27.96 -60.48 14.22
C SER B 139 28.58 -60.96 12.89
N SER B 140 29.92 -60.92 12.81
CA SER B 140 30.75 -61.40 11.70
C SER B 140 32.18 -61.52 12.25
N SER C 36 -8.33 -15.06 -32.52
CA SER C 36 -8.41 -16.35 -33.19
C SER C 36 -8.95 -17.51 -32.29
N ILE C 37 -9.67 -17.17 -31.20
CA ILE C 37 -10.28 -18.10 -30.26
C ILE C 37 -11.59 -18.66 -30.82
N PRO C 38 -11.76 -19.98 -30.96
CA PRO C 38 -12.97 -20.62 -31.45
C PRO C 38 -14.02 -20.57 -30.38
N LEU C 39 -15.28 -20.61 -30.77
CA LEU C 39 -16.42 -20.70 -29.85
C LEU C 39 -17.15 -22.01 -29.99
N GLY C 40 -17.91 -22.41 -28.98
CA GLY C 40 -18.77 -23.58 -29.19
C GLY C 40 -20.15 -23.16 -29.70
N VAL C 41 -20.75 -23.95 -30.58
CA VAL C 41 -22.10 -23.66 -31.05
C VAL C 41 -22.89 -24.96 -31.11
N ILE C 42 -24.21 -24.93 -30.93
CA ILE C 42 -24.94 -26.17 -30.99
C ILE C 42 -25.43 -26.40 -32.42
N HIS C 43 -25.18 -27.62 -32.92
CA HIS C 43 -25.53 -28.11 -34.24
C HIS C 43 -27.01 -28.40 -34.23
N ASN C 44 -27.57 -28.86 -35.33
CA ASN C 44 -28.98 -29.15 -35.29
C ASN C 44 -29.22 -30.33 -34.35
N SER C 45 -28.20 -31.21 -34.22
CA SER C 45 -28.24 -32.34 -33.31
C SER C 45 -27.37 -32.13 -32.05
N THR C 46 -26.08 -32.42 -32.16
CA THR C 46 -25.09 -32.37 -31.08
C THR C 46 -24.26 -31.08 -31.09
N LEU C 47 -23.20 -31.04 -30.32
CA LEU C 47 -22.33 -29.87 -30.22
C LEU C 47 -21.30 -29.82 -31.34
N GLN C 48 -21.08 -28.64 -31.91
CA GLN C 48 -20.07 -28.51 -32.95
C GLN C 48 -19.11 -27.37 -32.67
N VAL C 49 -17.98 -27.43 -33.32
CA VAL C 49 -17.00 -26.39 -33.21
C VAL C 49 -17.50 -25.21 -34.03
N SER C 50 -17.53 -24.01 -33.46
CA SER C 50 -17.95 -22.87 -34.26
C SER C 50 -16.67 -22.35 -34.89
N ASP C 51 -16.76 -21.92 -36.13
CA ASP C 51 -15.59 -21.39 -36.81
C ASP C 51 -15.30 -19.96 -36.37
N VAL C 52 -14.08 -19.55 -36.60
CA VAL C 52 -13.63 -18.21 -36.39
C VAL C 52 -13.86 -17.41 -37.69
N ASP C 53 -13.53 -18.02 -38.84
CA ASP C 53 -13.62 -17.30 -40.12
C ASP C 53 -14.93 -17.45 -40.94
N LYS C 54 -15.51 -18.65 -40.97
CA LYS C 54 -16.73 -18.92 -41.75
C LYS C 54 -17.97 -18.30 -41.17
N LEU C 55 -18.83 -17.82 -42.05
CA LEU C 55 -20.12 -17.31 -41.65
C LEU C 55 -21.11 -18.45 -41.77
N VAL C 56 -21.77 -18.76 -40.68
CA VAL C 56 -22.69 -19.86 -40.67
C VAL C 56 -24.12 -19.34 -40.69
N CYS C 57 -24.87 -19.75 -41.71
CA CYS C 57 -26.22 -19.25 -41.94
C CYS C 57 -27.24 -19.63 -40.88
N ARG C 58 -27.00 -20.73 -40.20
CA ARG C 58 -27.89 -21.20 -39.16
C ARG C 58 -27.51 -20.65 -37.78
N ASP C 59 -26.41 -19.92 -37.72
CA ASP C 59 -25.92 -19.45 -36.44
C ASP C 59 -26.62 -18.16 -36.08
N LYS C 60 -27.87 -18.27 -35.66
CA LYS C 60 -28.66 -17.08 -35.39
C LYS C 60 -28.31 -16.51 -34.03
N LEU C 61 -27.89 -15.26 -34.00
CA LEU C 61 -27.49 -14.62 -32.76
C LEU C 61 -28.34 -13.38 -32.57
N SER C 62 -29.40 -13.46 -31.80
CA SER C 62 -30.29 -12.33 -31.63
C SER C 62 -29.88 -11.43 -30.48
N SER C 63 -29.09 -11.94 -29.54
CA SER C 63 -28.66 -11.12 -28.42
C SER C 63 -27.30 -11.51 -27.88
N THR C 64 -26.68 -10.61 -27.11
CA THR C 64 -25.39 -10.89 -26.47
C THR C 64 -25.56 -11.83 -25.30
N ASN C 65 -26.81 -12.08 -24.93
CA ASN C 65 -27.16 -12.94 -23.83
C ASN C 65 -27.03 -14.40 -24.24
N GLN C 66 -26.74 -14.64 -25.51
CA GLN C 66 -26.50 -15.97 -26.00
C GLN C 66 -25.03 -16.34 -25.90
N LEU C 67 -24.15 -15.41 -25.52
CA LEU C 67 -22.73 -15.74 -25.43
C LEU C 67 -22.31 -15.78 -23.98
N ARG C 68 -21.88 -16.94 -23.51
CA ARG C 68 -21.56 -17.11 -22.10
C ARG C 68 -20.20 -17.73 -21.84
N SER C 69 -19.56 -17.27 -20.79
CA SER C 69 -18.30 -17.82 -20.36
C SER C 69 -18.49 -18.81 -19.21
N VAL C 70 -18.15 -20.07 -19.50
CA VAL C 70 -18.34 -21.16 -18.58
C VAL C 70 -17.03 -21.83 -18.17
N GLY C 71 -16.84 -21.95 -16.85
CA GLY C 71 -15.64 -22.62 -16.33
C GLY C 71 -15.86 -24.09 -16.09
N LEU C 72 -14.89 -24.88 -16.50
CA LEU C 72 -14.93 -26.33 -16.32
C LEU C 72 -13.78 -26.78 -15.46
N ASN C 73 -14.01 -27.82 -14.66
CA ASN C 73 -12.96 -28.33 -13.79
C ASN C 73 -12.26 -29.54 -14.45
N LEU C 74 -10.93 -29.59 -14.38
CA LEU C 74 -10.16 -30.67 -15.03
C LEU C 74 -10.27 -32.00 -14.33
N GLU C 75 -10.83 -31.99 -13.14
CA GLU C 75 -11.08 -33.23 -12.43
C GLU C 75 -12.04 -34.08 -13.28
N GLY C 76 -12.85 -33.43 -14.15
CA GLY C 76 -13.82 -34.13 -15.00
C GLY C 76 -13.15 -34.78 -16.21
N ASN C 77 -11.86 -34.53 -16.38
CA ASN C 77 -11.09 -35.09 -17.47
C ASN C 77 -10.19 -36.18 -16.91
N GLY C 78 -10.34 -36.49 -15.62
CA GLY C 78 -9.51 -37.49 -14.99
C GLY C 78 -8.24 -36.99 -14.33
N VAL C 79 -8.11 -35.69 -14.08
CA VAL C 79 -6.91 -35.23 -13.41
C VAL C 79 -6.97 -35.61 -11.93
N ALA C 80 -5.89 -36.21 -11.43
CA ALA C 80 -5.79 -36.64 -10.05
C ALA C 80 -5.85 -35.45 -9.12
N THR C 81 -6.49 -35.65 -7.98
CA THR C 81 -6.67 -34.63 -6.96
C THR C 81 -5.82 -34.82 -5.70
N ASP C 82 -4.88 -35.77 -5.74
CA ASP C 82 -4.02 -36.01 -4.60
C ASP C 82 -3.11 -34.84 -4.39
N VAL C 83 -2.60 -34.68 -3.19
CA VAL C 83 -1.81 -33.50 -2.95
C VAL C 83 -0.56 -33.45 -3.80
N PRO C 84 0.40 -34.39 -3.75
CA PRO C 84 1.55 -34.31 -4.61
C PRO C 84 1.16 -34.35 -6.08
N SER C 85 0.00 -34.94 -6.42
CA SER C 85 -0.40 -34.95 -7.80
C SER C 85 -0.74 -33.56 -8.30
N VAL C 86 -1.30 -32.72 -7.43
CA VAL C 86 -1.64 -31.40 -7.89
C VAL C 86 -0.49 -30.46 -7.71
N THR C 87 0.27 -30.59 -6.64
CA THR C 87 1.32 -29.63 -6.44
C THR C 87 2.42 -29.79 -7.46
N LYS C 88 2.63 -31.00 -7.97
CA LYS C 88 3.68 -31.22 -8.94
C LYS C 88 3.32 -30.60 -10.29
N ARG C 89 2.05 -30.24 -10.47
CA ARG C 89 1.54 -29.68 -11.69
C ARG C 89 1.63 -28.16 -11.68
N TRP C 90 2.12 -27.61 -10.58
CA TRP C 90 2.23 -26.17 -10.40
C TRP C 90 3.70 -25.85 -10.24
N GLY C 91 4.14 -24.66 -10.61
CA GLY C 91 5.52 -24.36 -10.27
C GLY C 91 5.90 -22.92 -10.50
N PHE C 92 7.04 -22.53 -9.95
CA PHE C 92 7.41 -21.14 -10.06
C PHE C 92 8.38 -20.78 -11.16
N ARG C 93 8.03 -19.69 -11.82
CA ARG C 93 8.83 -19.10 -12.88
C ARG C 93 8.81 -17.59 -12.82
N SER C 94 9.88 -16.99 -13.31
CA SER C 94 10.02 -15.54 -13.37
C SER C 94 9.75 -14.96 -14.75
N GLY C 95 9.62 -13.65 -14.81
CA GLY C 95 9.55 -12.88 -16.07
C GLY C 95 8.17 -12.75 -16.69
N VAL C 96 7.51 -13.88 -16.83
CA VAL C 96 6.19 -13.92 -17.41
C VAL C 96 5.14 -13.32 -16.47
N PRO C 97 4.34 -12.33 -16.89
CA PRO C 97 3.29 -11.69 -16.13
C PRO C 97 2.04 -12.59 -16.05
N PRO C 98 1.17 -12.40 -15.06
CA PRO C 98 -0.12 -13.04 -14.87
C PRO C 98 -1.18 -12.48 -15.79
N LYS C 99 -2.22 -13.26 -16.03
CA LYS C 99 -3.43 -12.83 -16.75
C LYS C 99 -4.70 -13.24 -16.00
N VAL C 100 -5.76 -12.44 -16.12
CA VAL C 100 -7.08 -12.70 -15.52
C VAL C 100 -8.20 -12.68 -16.60
N VAL C 101 -9.10 -13.66 -16.52
CA VAL C 101 -10.23 -13.81 -17.45
C VAL C 101 -11.55 -13.85 -16.69
N ASN C 102 -12.68 -13.69 -17.37
CA ASN C 102 -13.97 -13.69 -16.67
C ASN C 102 -14.98 -14.75 -17.11
N TYR C 103 -15.64 -15.33 -16.11
CA TYR C 103 -16.73 -16.30 -16.20
C TYR C 103 -18.04 -15.74 -15.72
N GLU C 104 -19.13 -16.31 -16.20
CA GLU C 104 -20.43 -15.99 -15.66
C GLU C 104 -20.97 -17.21 -14.92
N ALA C 105 -20.52 -18.38 -15.37
CA ALA C 105 -21.01 -19.67 -14.88
C ALA C 105 -19.93 -20.72 -14.88
N GLY C 106 -20.20 -21.84 -14.25
CA GLY C 106 -19.24 -22.93 -14.24
C GLY C 106 -19.71 -24.16 -13.51
N GLU C 107 -18.83 -25.15 -13.50
CA GLU C 107 -19.09 -26.42 -12.85
C GLU C 107 -18.73 -26.36 -11.37
N TRP C 108 -19.50 -27.05 -10.57
CA TRP C 108 -19.27 -27.20 -9.15
C TRP C 108 -18.06 -28.08 -9.04
N ALA C 109 -17.12 -27.77 -8.14
CA ALA C 109 -15.94 -28.62 -8.04
C ALA C 109 -16.02 -29.55 -6.87
N GLU C 110 -15.63 -30.79 -7.03
CA GLU C 110 -15.64 -31.62 -5.86
C GLU C 110 -14.38 -31.34 -5.05
N ASN C 111 -13.23 -31.16 -5.73
CA ASN C 111 -11.95 -30.94 -5.04
C ASN C 111 -11.21 -29.65 -5.40
N CYS C 112 -10.99 -28.79 -4.40
CA CYS C 112 -10.28 -27.51 -4.58
C CYS C 112 -9.14 -27.30 -3.61
N TYR C 113 -8.28 -26.33 -3.93
CA TYR C 113 -7.08 -26.07 -3.14
C TYR C 113 -6.82 -24.61 -2.85
N ASN C 114 -6.12 -24.34 -1.77
CA ASN C 114 -5.58 -23.02 -1.49
C ASN C 114 -4.10 -23.25 -1.36
N LEU C 115 -3.37 -22.18 -1.10
CA LEU C 115 -1.97 -22.26 -0.75
C LEU C 115 -1.60 -21.19 0.23
N GLU C 116 -0.91 -21.62 1.27
CA GLU C 116 -0.39 -20.72 2.26
C GLU C 116 1.04 -21.11 2.47
N ILE C 117 1.84 -20.89 1.41
CA ILE C 117 3.20 -21.35 1.40
C ILE C 117 4.16 -20.20 1.52
N LYS C 118 5.07 -20.35 2.44
CA LYS C 118 6.10 -19.36 2.64
C LYS C 118 7.43 -19.91 2.15
N LYS C 119 8.33 -19.01 1.82
CA LYS C 119 9.64 -19.42 1.40
C LYS C 119 10.26 -20.08 2.62
N PRO C 120 11.38 -20.81 2.53
CA PRO C 120 11.99 -21.50 3.65
C PRO C 120 12.24 -20.59 4.86
N ASP C 121 12.47 -19.29 4.64
CA ASP C 121 12.73 -18.37 5.74
C ASP C 121 11.48 -17.59 6.15
N GLY C 122 10.32 -17.99 5.65
CA GLY C 122 9.05 -17.35 5.96
C GLY C 122 8.64 -16.23 4.98
N SER C 123 9.44 -15.94 3.96
CA SER C 123 9.15 -14.85 3.05
C SER C 123 8.12 -15.08 1.92
N GLU C 124 6.88 -15.34 2.30
CA GLU C 124 5.69 -15.46 1.41
C GLU C 124 5.94 -15.86 -0.08
N CYS C 125 5.74 -17.15 -0.50
CA CYS C 125 5.98 -17.61 -1.87
C CYS C 125 5.03 -16.97 -2.88
N LEU C 126 3.79 -16.81 -2.49
CA LEU C 126 2.82 -16.26 -3.41
C LEU C 126 2.48 -14.83 -3.04
N PRO C 127 2.15 -13.97 -4.01
CA PRO C 127 1.67 -12.63 -3.80
C PRO C 127 0.27 -12.74 -3.24
N ALA C 128 -0.15 -11.78 -2.44
CA ALA C 128 -1.51 -11.80 -1.93
C ALA C 128 -2.48 -11.64 -3.05
N ALA C 129 -3.61 -12.33 -2.96
CA ALA C 129 -4.61 -12.13 -3.99
C ALA C 129 -5.00 -10.65 -4.01
N PRO C 130 -5.07 -10.01 -5.19
CA PRO C 130 -5.44 -8.63 -5.40
C PRO C 130 -6.92 -8.46 -5.22
N ASP C 131 -7.34 -7.22 -5.04
CA ASP C 131 -8.74 -6.96 -4.89
C ASP C 131 -9.52 -7.51 -6.07
N GLY C 132 -10.65 -8.13 -5.76
CA GLY C 132 -11.55 -8.74 -6.72
C GLY C 132 -11.36 -10.25 -6.81
N ILE C 133 -10.25 -10.76 -6.30
CA ILE C 133 -10.00 -12.18 -6.34
C ILE C 133 -10.46 -12.86 -5.05
N ARG C 134 -11.40 -13.76 -5.23
CA ARG C 134 -12.07 -14.50 -4.17
C ARG C 134 -12.11 -15.95 -4.60
N GLY C 135 -12.36 -16.87 -3.70
CA GLY C 135 -12.39 -18.26 -4.12
C GLY C 135 -13.63 -18.57 -4.93
N PHE C 136 -13.61 -19.71 -5.61
CA PHE C 136 -14.73 -20.16 -6.42
C PHE C 136 -15.97 -20.22 -5.55
N PRO C 137 -17.16 -20.09 -6.10
CA PRO C 137 -18.41 -20.17 -5.37
C PRO C 137 -18.57 -21.38 -4.46
N ARG C 138 -18.49 -22.59 -5.03
CA ARG C 138 -18.79 -23.79 -4.23
C ARG C 138 -17.93 -25.03 -4.56
N CYS C 139 -17.64 -25.80 -3.50
CA CYS C 139 -16.91 -27.06 -3.58
C CYS C 139 -17.27 -27.97 -2.41
N ARG C 140 -16.67 -29.18 -2.31
CA ARG C 140 -16.93 -30.05 -1.20
C ARG C 140 -15.71 -30.15 -0.33
N TYR C 141 -14.61 -30.61 -0.93
CA TYR C 141 -13.39 -30.76 -0.18
C TYR C 141 -12.41 -29.69 -0.55
N VAL C 142 -12.15 -28.79 0.38
CA VAL C 142 -11.23 -27.72 0.10
C VAL C 142 -10.01 -27.89 0.94
N HIS C 143 -8.88 -27.93 0.28
CA HIS C 143 -7.62 -28.16 0.94
C HIS C 143 -6.87 -26.84 1.02
N LYS C 144 -6.06 -26.64 2.05
CA LYS C 144 -5.30 -25.38 2.10
C LYS C 144 -3.82 -25.51 1.84
N VAL C 145 -3.27 -26.70 1.99
CA VAL C 145 -1.85 -26.96 1.76
C VAL C 145 -0.98 -25.80 2.28
N SER C 146 -0.98 -25.61 3.59
CA SER C 146 -0.16 -24.56 4.19
C SER C 146 1.23 -25.11 4.35
N GLY C 147 2.24 -24.28 4.54
CA GLY C 147 3.56 -24.85 4.73
C GLY C 147 4.67 -24.00 4.13
N THR C 148 5.82 -24.63 3.91
CA THR C 148 6.97 -23.91 3.36
C THR C 148 7.66 -24.70 2.27
N GLY C 149 8.47 -24.00 1.48
CA GLY C 149 9.33 -24.63 0.47
C GLY C 149 10.02 -23.58 -0.39
N PRO C 150 11.00 -23.98 -1.19
CA PRO C 150 11.73 -23.12 -2.09
C PRO C 150 10.72 -22.70 -3.12
N CYS C 151 10.74 -21.43 -3.59
CA CYS C 151 9.78 -20.91 -4.59
C CYS C 151 10.47 -19.92 -5.53
N ALA C 152 11.58 -20.32 -6.13
CA ALA C 152 12.24 -19.36 -7.01
C ALA C 152 11.33 -19.04 -8.17
N GLY C 153 11.20 -17.76 -8.52
CA GLY C 153 10.33 -17.34 -9.61
C GLY C 153 9.47 -16.20 -9.10
N ASP C 154 8.64 -15.61 -9.96
CA ASP C 154 7.80 -14.51 -9.53
C ASP C 154 6.42 -15.03 -9.16
N PHE C 155 5.94 -16.01 -9.94
CA PHE C 155 4.62 -16.56 -9.76
C PHE C 155 4.59 -18.04 -9.92
N ALA C 156 3.61 -18.68 -9.27
CA ALA C 156 3.33 -20.08 -9.48
C ALA C 156 2.35 -20.20 -10.63
N PHE C 157 2.78 -20.86 -11.69
CA PHE C 157 2.00 -21.05 -12.90
C PHE C 157 1.59 -22.48 -13.03
N HIS C 158 0.47 -22.72 -13.72
CA HIS C 158 0.11 -24.09 -13.95
C HIS C 158 0.98 -24.65 -15.06
N LYS C 159 1.52 -25.84 -14.86
CA LYS C 159 2.41 -26.42 -15.84
C LYS C 159 1.78 -26.86 -17.14
N GLU C 160 0.49 -27.15 -17.15
CA GLU C 160 -0.14 -27.58 -18.38
C GLU C 160 -0.90 -26.41 -18.94
N GLY C 161 -0.77 -25.26 -18.28
CA GLY C 161 -1.51 -24.09 -18.68
C GLY C 161 -2.95 -24.06 -18.18
N ALA C 162 -3.31 -24.84 -17.17
CA ALA C 162 -4.69 -24.74 -16.72
C ALA C 162 -4.84 -23.45 -15.94
N PHE C 163 -6.05 -22.95 -15.84
CA PHE C 163 -6.30 -21.76 -15.06
C PHE C 163 -6.64 -22.09 -13.63
N PHE C 164 -6.29 -21.18 -12.76
CA PHE C 164 -6.65 -21.31 -11.36
C PHE C 164 -7.95 -20.56 -11.27
N LEU C 165 -9.01 -21.23 -10.90
CA LEU C 165 -10.27 -20.57 -10.99
C LEU C 165 -10.64 -19.98 -9.66
N TYR C 166 -10.73 -18.67 -9.64
CA TYR C 166 -11.05 -17.90 -8.48
C TYR C 166 -12.36 -17.27 -8.75
N ASP C 167 -13.23 -17.15 -7.76
CA ASP C 167 -14.53 -16.53 -7.95
C ASP C 167 -15.03 -16.98 -9.32
N ARG C 168 -15.39 -15.99 -10.14
CA ARG C 168 -15.65 -16.19 -11.53
C ARG C 168 -14.53 -15.53 -12.34
N LEU C 169 -13.44 -15.19 -11.68
CA LEU C 169 -12.29 -14.55 -12.32
C LEU C 169 -11.03 -15.40 -12.25
N ALA C 170 -10.89 -16.30 -13.20
CA ALA C 170 -9.78 -17.22 -13.22
C ALA C 170 -8.51 -16.52 -13.64
N SER C 171 -7.38 -17.10 -13.27
CA SER C 171 -6.11 -16.51 -13.61
C SER C 171 -5.04 -17.54 -13.92
N THR C 172 -3.95 -17.08 -14.48
CA THR C 172 -2.86 -17.98 -14.84
C THR C 172 -1.89 -18.25 -13.69
N VAL C 173 -2.07 -17.55 -12.58
CA VAL C 173 -1.18 -17.74 -11.44
C VAL C 173 -1.94 -18.03 -10.18
N ILE C 174 -1.26 -18.60 -9.21
CA ILE C 174 -1.90 -18.85 -7.94
C ILE C 174 -1.68 -17.66 -7.04
N TYR C 175 -2.74 -17.22 -6.39
CA TYR C 175 -2.67 -16.13 -5.46
C TYR C 175 -2.74 -16.62 -4.02
N ARG C 176 -1.98 -15.98 -3.16
CA ARG C 176 -1.92 -16.40 -1.77
C ARG C 176 -3.17 -16.15 -0.97
N GLY C 177 -3.54 -17.18 -0.22
CA GLY C 177 -4.63 -17.14 0.73
C GLY C 177 -5.99 -17.35 0.10
N THR C 178 -6.06 -17.49 -1.22
CA THR C 178 -7.36 -17.61 -1.85
C THR C 178 -7.46 -18.95 -2.52
N THR C 179 -8.58 -19.63 -2.33
CA THR C 179 -8.75 -20.94 -2.89
C THR C 179 -9.06 -20.87 -4.36
N PHE C 180 -8.83 -21.97 -5.04
CA PHE C 180 -9.10 -22.10 -6.45
C PHE C 180 -9.41 -23.51 -6.94
N ALA C 181 -10.11 -23.56 -8.06
CA ALA C 181 -10.36 -24.81 -8.76
C ALA C 181 -9.36 -24.93 -9.89
N GLU C 182 -9.11 -26.13 -10.38
CA GLU C 182 -8.21 -26.28 -11.52
C GLU C 182 -9.02 -26.46 -12.81
N GLY C 183 -8.86 -25.57 -13.82
CA GLY C 183 -9.74 -25.69 -14.98
C GLY C 183 -9.48 -24.88 -16.27
N VAL C 184 -10.50 -24.90 -17.13
CA VAL C 184 -10.48 -24.30 -18.47
C VAL C 184 -11.68 -23.40 -18.79
N VAL C 185 -11.58 -22.60 -19.86
CA VAL C 185 -12.65 -21.69 -20.27
C VAL C 185 -13.30 -22.14 -21.59
N ALA C 186 -14.60 -22.41 -21.56
CA ALA C 186 -15.30 -22.91 -22.75
C ALA C 186 -15.80 -21.92 -23.82
N PHE C 187 -16.09 -20.66 -23.50
CA PHE C 187 -16.61 -19.73 -24.53
C PHE C 187 -17.74 -20.31 -25.41
N LEU C 188 -18.95 -20.39 -24.87
CA LEU C 188 -20.06 -21.06 -25.55
C LEU C 188 -21.25 -20.17 -25.93
N ILE C 189 -21.99 -20.54 -27.01
CA ILE C 189 -23.28 -19.93 -27.37
C ILE C 189 -24.30 -20.13 -26.21
N SER C 219 -19.04 -26.49 3.18
CA SER C 219 -18.71 -27.90 3.09
C SER C 219 -17.62 -28.24 4.15
N THR C 220 -16.37 -28.67 3.74
CA THR C 220 -15.28 -28.95 4.70
C THR C 220 -13.89 -28.50 4.29
N THR C 221 -13.11 -28.17 5.31
CA THR C 221 -11.73 -27.75 5.16
C THR C 221 -10.80 -28.79 5.72
N ILE C 222 -9.88 -29.21 4.89
CA ILE C 222 -8.94 -30.25 5.23
C ILE C 222 -7.63 -29.70 5.76
N ARG C 223 -7.14 -28.65 5.15
CA ARG C 223 -5.93 -27.97 5.61
C ARG C 223 -4.67 -28.82 5.81
N TYR C 224 -4.22 -29.53 4.78
CA TYR C 224 -3.00 -30.33 4.92
C TYR C 224 -1.81 -29.38 5.08
N GLN C 225 -0.75 -29.87 5.72
CA GLN C 225 0.52 -29.14 5.84
C GLN C 225 1.48 -29.58 4.74
N ALA C 226 2.43 -28.72 4.38
CA ALA C 226 3.44 -29.06 3.38
C ALA C 226 4.87 -28.68 3.76
N THR C 227 5.80 -29.53 3.36
CA THR C 227 7.23 -29.26 3.48
C THR C 227 7.92 -29.46 2.12
N GLY C 228 8.70 -28.45 1.72
CA GLY C 228 9.44 -28.51 0.47
C GLY C 228 8.49 -28.26 -0.67
N PHE C 229 7.45 -27.51 -0.38
CA PHE C 229 6.39 -27.29 -1.34
C PHE C 229 6.74 -27.03 -2.81
N GLY C 230 7.70 -26.17 -3.09
CA GLY C 230 7.95 -25.80 -4.47
C GLY C 230 8.94 -26.68 -5.23
N THR C 231 9.39 -27.78 -4.62
CA THR C 231 10.36 -28.66 -5.27
C THR C 231 9.75 -30.06 -5.50
N ASN C 232 10.57 -31.00 -6.05
CA ASN C 232 10.18 -32.40 -6.34
C ASN C 232 10.17 -33.31 -5.09
N GLU C 233 11.02 -33.01 -4.06
CA GLU C 233 11.15 -33.76 -2.82
C GLU C 233 10.31 -33.09 -1.75
N THR C 234 9.15 -33.65 -1.49
CA THR C 234 8.17 -33.05 -0.61
C THR C 234 7.60 -34.01 0.40
N GLU C 235 6.93 -33.43 1.39
CA GLU C 235 6.18 -34.17 2.39
C GLU C 235 4.87 -33.45 2.69
N TYR C 236 3.81 -34.23 2.90
CA TYR C 236 2.52 -33.64 3.22
C TYR C 236 1.81 -34.36 4.36
N LEU C 237 1.16 -33.58 5.23
CA LEU C 237 0.46 -34.15 6.38
C LEU C 237 -0.99 -33.73 6.59
N PHE C 238 -1.80 -34.67 7.04
CA PHE C 238 -3.15 -34.36 7.44
C PHE C 238 -3.21 -34.14 8.92
N GLU C 239 -3.62 -32.94 9.32
CA GLU C 239 -3.67 -32.58 10.71
C GLU C 239 -4.96 -32.97 11.39
N VAL C 240 -4.82 -33.74 12.46
CA VAL C 240 -5.90 -34.25 13.28
C VAL C 240 -6.01 -33.34 14.51
N ASP C 241 -4.86 -33.01 15.04
CA ASP C 241 -4.72 -32.19 16.23
C ASP C 241 -3.39 -31.44 16.09
N ASN C 242 -3.01 -30.55 17.04
CA ASN C 242 -1.75 -29.79 16.97
C ASN C 242 -0.51 -30.71 17.04
N LEU C 243 -0.66 -31.85 17.72
CA LEU C 243 0.35 -32.86 17.94
C LEU C 243 0.12 -34.09 17.10
N THR C 244 -0.94 -34.12 16.29
CA THR C 244 -1.23 -35.36 15.60
C THR C 244 -1.39 -35.22 14.12
N TYR C 245 -0.56 -35.98 13.40
CA TYR C 245 -0.59 -35.93 11.95
C TYR C 245 -0.54 -37.28 11.32
N VAL C 246 -1.08 -37.34 10.12
CA VAL C 246 -1.02 -38.54 9.31
C VAL C 246 -0.31 -38.27 7.98
N GLN C 247 0.65 -39.11 7.64
CA GLN C 247 1.38 -38.99 6.38
C GLN C 247 0.43 -39.27 5.21
N LEU C 248 0.47 -38.44 4.17
CA LEU C 248 -0.42 -38.70 3.04
C LEU C 248 0.13 -39.69 2.04
N GLU C 249 -0.80 -40.39 1.40
CA GLU C 249 -0.54 -41.29 0.29
C GLU C 249 -1.71 -41.21 -0.66
N SER C 250 -1.44 -41.27 -1.95
CA SER C 250 -2.41 -41.12 -3.04
C SER C 250 -3.49 -42.18 -3.12
N ARG C 251 -3.31 -43.28 -2.41
CA ARG C 251 -4.32 -44.33 -2.44
C ARG C 251 -5.42 -44.01 -1.44
N PHE C 252 -5.24 -42.93 -0.67
CA PHE C 252 -6.22 -42.55 0.31
C PHE C 252 -6.94 -41.26 -0.03
N THR C 253 -8.20 -41.42 -0.31
CA THR C 253 -9.09 -40.37 -0.73
C THR C 253 -9.52 -39.53 0.46
N PRO C 254 -10.08 -38.32 0.26
CA PRO C 254 -10.63 -37.50 1.31
C PRO C 254 -11.63 -38.24 2.18
N GLN C 255 -12.38 -39.18 1.61
CA GLN C 255 -13.33 -39.87 2.45
C GLN C 255 -12.60 -40.78 3.41
N PHE C 256 -11.58 -41.46 2.92
CA PHE C 256 -10.79 -42.31 3.78
C PHE C 256 -10.15 -41.53 4.89
N LEU C 257 -9.50 -40.44 4.50
CA LEU C 257 -8.73 -39.66 5.42
C LEU C 257 -9.60 -39.03 6.48
N LEU C 258 -10.78 -38.57 6.12
CA LEU C 258 -11.63 -37.95 7.10
C LEU C 258 -12.22 -38.97 8.04
N GLN C 259 -12.53 -40.17 7.54
CA GLN C 259 -13.04 -41.23 8.39
C GLN C 259 -11.96 -41.64 9.36
N LEU C 260 -10.73 -41.67 8.86
CA LEU C 260 -9.59 -41.98 9.69
C LEU C 260 -9.38 -40.95 10.79
N ASN C 261 -9.45 -39.63 10.46
CA ASN C 261 -9.26 -38.52 11.40
C ASN C 261 -10.31 -38.56 12.52
N GLU C 262 -11.59 -38.92 12.20
CA GLU C 262 -12.65 -39.03 13.19
C GLU C 262 -12.37 -40.21 14.09
N THR C 263 -11.91 -41.31 13.52
CA THR C 263 -11.61 -42.47 14.33
C THR C 263 -10.48 -42.18 15.31
N ILE C 264 -9.43 -41.52 14.84
CA ILE C 264 -8.29 -41.25 15.69
C ILE C 264 -8.69 -40.28 16.77
N TYR C 265 -9.33 -39.20 16.36
CA TYR C 265 -9.69 -38.17 17.27
C TYR C 265 -10.64 -38.68 18.35
N ALA C 266 -11.70 -39.36 17.90
CA ALA C 266 -12.72 -39.89 18.77
C ALA C 266 -12.22 -40.98 19.70
N SER C 267 -11.33 -41.86 19.22
CA SER C 267 -10.83 -42.93 20.06
C SER C 267 -9.88 -42.37 21.10
N GLY C 268 -9.25 -41.25 20.76
CA GLY C 268 -8.34 -40.56 21.66
C GLY C 268 -6.93 -41.12 21.60
N LYS C 269 -6.69 -42.08 20.71
CA LYS C 269 -5.37 -42.68 20.65
C LYS C 269 -4.44 -41.86 19.79
N ARG C 270 -4.03 -40.76 20.36
CA ARG C 270 -3.20 -39.77 19.72
C ARG C 270 -2.43 -39.03 20.77
N SER C 271 -1.45 -38.22 20.38
CA SER C 271 -0.73 -37.47 21.38
C SER C 271 -1.61 -36.54 22.16
N ASN C 272 -1.45 -36.60 23.46
CA ASN C 272 -2.20 -35.77 24.38
C ASN C 272 -1.34 -34.90 25.29
N THR C 273 -0.06 -34.72 24.92
CA THR C 273 0.83 -33.90 25.75
C THR C 273 1.20 -32.65 24.99
N THR C 274 2.49 -32.51 24.71
CA THR C 274 3.03 -31.39 23.96
C THR C 274 3.85 -31.88 22.77
N GLY C 275 4.17 -33.18 22.75
CA GLY C 275 5.04 -33.75 21.71
C GLY C 275 4.27 -34.21 20.50
N LYS C 276 4.92 -34.17 19.34
CA LYS C 276 4.28 -34.62 18.11
C LYS C 276 4.33 -36.13 17.96
N LEU C 277 3.23 -36.73 17.52
CA LEU C 277 3.18 -38.13 17.18
C LEU C 277 2.65 -38.22 15.76
N ILE C 278 3.49 -38.66 14.82
CA ILE C 278 3.03 -38.70 13.45
C ILE C 278 2.93 -40.11 12.93
N TRP C 279 1.72 -40.40 12.50
CA TRP C 279 1.31 -41.70 12.05
C TRP C 279 1.47 -41.92 10.56
N LYS C 280 1.80 -43.14 10.21
CA LYS C 280 1.86 -43.56 8.84
C LYS C 280 0.75 -44.56 8.65
N VAL C 281 0.19 -44.62 7.47
CA VAL C 281 -0.86 -45.59 7.28
C VAL C 281 -0.22 -46.91 6.90
N ASN C 282 -0.66 -47.98 7.55
CA ASN C 282 -0.16 -49.31 7.31
C ASN C 282 -0.21 -49.63 5.81
N PRO C 283 0.82 -50.28 5.24
CA PRO C 283 0.88 -50.70 3.84
C PRO C 283 -0.34 -51.45 3.26
N GLU C 284 -1.12 -52.19 4.09
CA GLU C 284 -2.31 -52.94 3.64
C GLU C 284 -3.57 -52.01 3.73
N VAL D 43 -18.46 -31.79 -36.35
CA VAL D 43 -18.82 -31.59 -34.94
C VAL D 43 -17.56 -31.82 -34.08
N ILE D 44 -17.67 -31.65 -32.73
CA ILE D 44 -16.54 -31.86 -31.78
C ILE D 44 -16.57 -33.24 -31.15
N VAL D 45 -15.46 -33.97 -31.25
CA VAL D 45 -15.37 -35.30 -30.70
C VAL D 45 -14.35 -35.35 -29.57
N ASN D 46 -14.80 -35.80 -28.42
CA ASN D 46 -13.98 -35.95 -27.24
C ASN D 46 -13.06 -37.16 -27.39
N ALA D 47 -11.77 -36.95 -27.21
CA ALA D 47 -10.79 -38.01 -27.39
C ALA D 47 -9.68 -37.95 -26.34
N GLN D 48 -10.04 -38.17 -25.09
CA GLN D 48 -9.12 -38.08 -23.97
C GLN D 48 -9.41 -39.34 -23.14
N PRO D 49 -8.51 -39.81 -22.24
CA PRO D 49 -8.68 -41.03 -21.44
C PRO D 49 -10.01 -41.22 -20.72
N LYS D 50 -10.61 -40.16 -20.21
CA LYS D 50 -11.89 -40.31 -19.54
C LYS D 50 -12.66 -39.00 -19.61
N CYS D 51 -13.99 -39.04 -19.36
CA CYS D 51 -14.90 -37.90 -19.38
C CYS D 51 -15.97 -38.05 -18.33
N ASN D 52 -16.20 -36.99 -17.57
CA ASN D 52 -17.28 -36.94 -16.62
C ASN D 52 -18.57 -36.47 -17.33
N PRO D 53 -19.61 -37.33 -17.45
CA PRO D 53 -20.82 -37.10 -18.19
C PRO D 53 -21.89 -36.35 -17.41
N ASN D 54 -21.57 -35.78 -16.26
CA ASN D 54 -22.60 -35.09 -15.50
C ASN D 54 -22.18 -33.71 -15.09
N LEU D 55 -23.11 -32.80 -15.09
CA LEU D 55 -22.81 -31.49 -14.57
C LEU D 55 -23.55 -31.21 -13.31
N HIS D 56 -22.86 -30.54 -12.42
CA HIS D 56 -23.46 -29.91 -11.27
C HIS D 56 -23.04 -28.52 -11.56
N TYR D 57 -24.01 -27.75 -11.94
CA TYR D 57 -23.82 -26.44 -12.48
C TYR D 57 -24.23 -25.31 -11.60
N TRP D 58 -23.45 -24.23 -11.65
CA TRP D 58 -23.80 -23.01 -10.95
C TRP D 58 -23.64 -21.76 -11.82
N THR D 59 -24.42 -20.75 -11.48
CA THR D 59 -24.34 -19.38 -12.04
C THR D 59 -25.07 -18.45 -11.09
N THR D 60 -25.33 -17.21 -11.50
CA THR D 60 -26.03 -16.29 -10.61
C THR D 60 -27.25 -15.67 -11.23
N GLN D 61 -28.17 -15.29 -10.35
CA GLN D 61 -29.40 -14.55 -10.63
C GLN D 61 -29.67 -13.58 -9.50
N ALA D 66 -30.38 -12.51 -9.77
CA ALA D 66 -30.80 -11.62 -8.70
C ALA D 66 -32.21 -11.13 -9.01
N ILE D 67 -33.05 -11.12 -7.98
CA ILE D 67 -34.44 -10.70 -8.09
C ILE D 67 -34.97 -10.23 -6.74
N GLY D 68 -35.92 -9.29 -6.74
CA GLY D 68 -36.55 -8.85 -5.49
C GLY D 68 -35.77 -7.74 -4.80
N LEU D 69 -36.01 -7.60 -3.49
CA LEU D 69 -35.50 -6.50 -2.64
C LEU D 69 -34.01 -6.57 -2.45
N ALA D 70 -33.44 -7.68 -2.88
CA ALA D 70 -32.01 -7.93 -2.85
C ALA D 70 -31.30 -6.85 -3.63
N TRP D 71 -32.02 -6.18 -4.55
CA TRP D 71 -31.45 -5.12 -5.36
C TRP D 71 -30.80 -4.07 -4.47
N ILE D 72 -31.25 -3.97 -3.24
CA ILE D 72 -30.67 -3.03 -2.33
C ILE D 72 -29.59 -3.82 -1.59
N PRO D 73 -28.31 -3.52 -1.77
CA PRO D 73 -27.20 -4.28 -1.25
C PRO D 73 -27.09 -4.39 0.25
N TYR D 74 -27.65 -3.46 1.01
CA TYR D 74 -27.54 -3.60 2.46
C TYR D 74 -28.54 -4.68 2.90
N PHE D 75 -29.59 -4.82 2.11
CA PHE D 75 -30.71 -5.66 2.42
C PHE D 75 -30.47 -7.09 1.98
N GLY D 76 -29.97 -7.23 0.76
CA GLY D 76 -29.79 -8.53 0.16
C GLY D 76 -28.65 -9.31 0.81
N PRO D 77 -28.48 -10.58 0.39
CA PRO D 77 -27.48 -11.52 0.85
C PRO D 77 -26.10 -11.23 0.29
N ALA D 78 -25.10 -11.82 0.93
CA ALA D 78 -23.75 -11.78 0.38
C ALA D 78 -23.77 -12.56 -0.92
N ALA D 79 -22.88 -12.23 -1.84
CA ALA D 79 -22.83 -12.80 -3.18
C ALA D 79 -22.76 -14.31 -3.22
N GLU D 80 -22.18 -14.99 -2.25
CA GLU D 80 -22.12 -16.44 -2.35
C GLU D 80 -23.53 -17.06 -2.35
N GLY D 81 -24.53 -16.29 -1.90
CA GLY D 81 -25.90 -16.70 -1.83
C GLY D 81 -26.74 -16.34 -3.05
N ILE D 82 -26.15 -15.73 -4.09
CA ILE D 82 -26.98 -15.37 -5.25
C ILE D 82 -26.78 -16.37 -6.36
N TYR D 83 -26.11 -17.44 -6.01
CA TYR D 83 -25.85 -18.49 -6.94
C TYR D 83 -26.99 -19.48 -7.01
N THR D 84 -27.33 -19.82 -8.23
CA THR D 84 -28.35 -20.78 -8.55
C THR D 84 -27.65 -22.07 -8.92
N GLU D 85 -28.37 -23.18 -8.88
CA GLU D 85 -27.75 -24.44 -9.22
C GLU D 85 -28.69 -25.52 -9.74
N GLY D 86 -28.12 -26.52 -10.40
CA GLY D 86 -28.87 -27.71 -10.83
C GLY D 86 -28.04 -28.71 -11.61
N LEU D 87 -28.66 -29.84 -11.97
CA LEU D 87 -27.94 -30.88 -12.70
C LEU D 87 -28.32 -30.97 -14.16
N MET D 88 -27.37 -31.38 -14.97
CA MET D 88 -27.56 -31.64 -16.40
C MET D 88 -26.85 -32.91 -16.83
N HIS D 89 -27.40 -33.60 -17.84
CA HIS D 89 -26.73 -34.81 -18.31
C HIS D 89 -26.14 -34.68 -19.70
N ASN D 90 -25.43 -35.73 -20.16
CA ASN D 90 -24.72 -35.70 -21.43
C ASN D 90 -25.65 -36.06 -22.57
N GLN D 91 -26.65 -35.21 -22.74
CA GLN D 91 -27.65 -35.47 -23.74
C GLN D 91 -26.98 -35.41 -25.07
N ASP D 92 -27.08 -36.47 -25.82
CA ASP D 92 -26.50 -36.57 -27.14
C ASP D 92 -25.03 -36.14 -27.21
N GLY D 93 -24.25 -36.46 -26.19
CA GLY D 93 -22.81 -36.21 -26.22
C GLY D 93 -22.40 -34.76 -25.95
N LEU D 94 -23.34 -33.90 -25.57
CA LEU D 94 -23.00 -32.51 -25.39
C LEU D 94 -22.00 -32.21 -24.28
N ILE D 95 -22.05 -32.88 -23.15
CA ILE D 95 -21.10 -32.53 -22.08
C ILE D 95 -19.68 -32.84 -22.44
N CYS D 96 -19.42 -34.06 -22.99
CA CYS D 96 -18.07 -34.47 -23.36
C CYS D 96 -17.56 -33.61 -24.50
N GLY D 97 -18.44 -33.24 -25.42
CA GLY D 97 -18.01 -32.37 -26.48
C GLY D 97 -17.58 -31.03 -25.90
N LEU D 98 -18.31 -30.51 -24.90
CA LEU D 98 -17.96 -29.24 -24.30
C LEU D 98 -16.64 -29.31 -23.58
N ARG D 99 -16.37 -30.44 -22.92
CA ARG D 99 -15.12 -30.55 -22.25
C ARG D 99 -13.99 -30.51 -23.25
N GLN D 100 -14.16 -31.19 -24.38
CA GLN D 100 -13.11 -31.19 -25.36
C GLN D 100 -12.92 -29.81 -25.96
N LEU D 101 -14.02 -29.07 -26.18
CA LEU D 101 -13.84 -27.75 -26.76
C LEU D 101 -13.09 -26.86 -25.83
N ALA D 102 -13.43 -26.91 -24.54
CA ALA D 102 -12.74 -26.03 -23.61
C ALA D 102 -11.24 -26.33 -23.57
N ASN D 103 -10.84 -27.64 -23.66
CA ASN D 103 -9.46 -28.09 -23.65
C ASN D 103 -8.68 -27.60 -24.89
N GLU D 104 -9.33 -27.63 -26.09
CA GLU D 104 -8.74 -27.17 -27.35
C GLU D 104 -8.64 -25.64 -27.42
N THR D 105 -9.62 -24.99 -26.81
CA THR D 105 -9.74 -23.55 -26.82
C THR D 105 -8.76 -22.91 -25.84
N THR D 106 -8.37 -23.63 -24.80
CA THR D 106 -7.43 -23.09 -23.83
C THR D 106 -6.15 -22.61 -24.50
N GLN D 107 -5.61 -23.36 -25.46
CA GLN D 107 -4.41 -22.89 -26.12
C GLN D 107 -4.60 -21.57 -26.84
N ALA D 108 -5.70 -21.42 -27.57
CA ALA D 108 -5.94 -20.18 -28.29
C ALA D 108 -6.09 -19.04 -27.32
N LEU D 109 -6.73 -19.31 -26.18
CA LEU D 109 -6.93 -18.29 -25.19
C LEU D 109 -5.64 -17.80 -24.63
N GLN D 110 -4.75 -18.69 -24.26
CA GLN D 110 -3.55 -18.15 -23.70
C GLN D 110 -2.64 -17.51 -24.72
N LEU D 111 -2.62 -17.97 -25.97
CA LEU D 111 -1.75 -17.29 -26.92
C LEU D 111 -2.27 -15.86 -27.11
N PHE D 112 -3.59 -15.74 -27.14
CA PHE D 112 -4.27 -14.47 -27.23
C PHE D 112 -3.90 -13.56 -26.08
N LEU D 113 -3.99 -14.08 -24.86
CA LEU D 113 -3.68 -13.28 -23.71
C LEU D 113 -2.21 -12.90 -23.68
N ARG D 114 -1.32 -13.77 -24.11
CA ARG D 114 0.09 -13.42 -24.08
C ARG D 114 0.34 -12.16 -24.87
N ALA D 115 -0.39 -12.00 -25.96
CA ALA D 115 -0.26 -10.86 -26.85
C ALA D 115 -0.98 -9.58 -26.37
N THR D 116 -1.72 -9.60 -25.26
CA THR D 116 -2.39 -8.36 -24.83
C THR D 116 -1.63 -7.62 -23.74
N THR D 117 -2.19 -6.48 -23.35
CA THR D 117 -1.63 -5.62 -22.32
C THR D 117 -2.48 -5.56 -21.07
N GLU D 118 -3.73 -5.97 -21.19
CA GLU D 118 -4.65 -5.89 -20.08
C GLU D 118 -4.49 -7.05 -19.13
N LEU D 119 -4.50 -6.76 -17.84
CA LEU D 119 -4.50 -7.82 -16.84
C LEU D 119 -5.84 -8.50 -16.84
N ARG D 120 -6.87 -7.70 -16.95
CA ARG D 120 -8.24 -8.16 -16.90
C ARG D 120 -8.90 -8.04 -18.25
N THR D 121 -8.92 -9.12 -19.00
CA THR D 121 -9.50 -9.03 -20.33
C THR D 121 -10.84 -9.69 -20.30
N PHE D 122 -11.88 -8.88 -20.19
CA PHE D 122 -13.22 -9.39 -20.01
C PHE D 122 -14.08 -9.04 -21.23
N SER D 123 -13.40 -8.70 -22.30
CA SER D 123 -14.00 -8.25 -23.55
C SER D 123 -14.02 -9.26 -24.69
N ILE D 124 -13.64 -10.51 -24.45
CA ILE D 124 -13.54 -11.45 -25.56
C ILE D 124 -14.87 -11.69 -26.24
N LEU D 125 -15.93 -11.90 -25.47
CA LEU D 125 -17.19 -12.15 -26.11
C LEU D 125 -17.79 -10.88 -26.69
N ASN D 126 -17.41 -9.70 -26.20
CA ASN D 126 -17.95 -8.50 -26.81
C ASN D 126 -17.34 -8.36 -28.19
N ARG D 127 -16.04 -8.70 -28.29
CA ARG D 127 -15.38 -8.64 -29.57
C ARG D 127 -16.00 -9.64 -30.50
N LYS D 128 -16.38 -10.80 -29.98
CA LYS D 128 -16.99 -11.79 -30.83
C LYS D 128 -18.32 -11.33 -31.33
N ALA D 129 -19.11 -10.67 -30.50
CA ALA D 129 -20.39 -10.20 -30.96
C ALA D 129 -20.21 -9.17 -32.07
N ILE D 130 -19.18 -8.32 -31.95
CA ILE D 130 -18.96 -7.33 -32.98
C ILE D 130 -18.58 -8.02 -34.26
N ASP D 131 -17.65 -8.97 -34.20
CA ASP D 131 -17.25 -9.68 -35.40
C ASP D 131 -18.40 -10.47 -35.97
N PHE D 132 -19.27 -11.00 -35.14
CA PHE D 132 -20.36 -11.78 -35.70
C PHE D 132 -21.13 -10.95 -36.69
N LEU D 133 -21.50 -9.73 -36.29
CA LEU D 133 -22.22 -8.92 -37.24
C LEU D 133 -21.33 -8.36 -38.33
N LEU D 134 -20.14 -7.94 -37.99
CA LEU D 134 -19.26 -7.29 -38.95
C LEU D 134 -18.89 -8.23 -40.09
N GLN D 135 -18.77 -9.52 -39.76
CA GLN D 135 -18.45 -10.58 -40.67
C GLN D 135 -19.41 -10.63 -41.85
N ARG D 136 -20.66 -10.25 -41.62
CA ARG D 136 -21.66 -10.29 -42.68
C ARG D 136 -22.12 -8.89 -43.11
N TRP D 137 -22.05 -7.92 -42.20
CA TRP D 137 -22.53 -6.55 -42.45
C TRP D 137 -21.49 -5.41 -42.71
N GLY D 138 -20.18 -5.74 -42.79
CA GLY D 138 -19.05 -4.82 -43.05
C GLY D 138 -19.14 -3.94 -44.33
N GLN E 19 39.32 18.01 0.38
CA GLN E 19 39.84 17.20 -0.71
C GLN E 19 41.38 17.18 -0.64
N THR E 20 41.99 16.02 -0.26
CA THR E 20 43.46 15.76 -0.12
C THR E 20 44.24 16.98 0.33
N VAL E 21 43.85 17.51 1.48
CA VAL E 21 44.43 18.73 1.98
C VAL E 21 45.69 18.38 2.68
N MET E 22 46.79 19.01 2.29
CA MET E 22 48.05 18.67 2.91
C MET E 22 48.73 19.79 3.64
N THR E 23 49.28 19.42 4.79
CA THR E 23 50.05 20.33 5.61
C THR E 23 51.44 19.78 5.75
N GLN E 24 52.40 20.60 5.38
CA GLN E 24 53.77 20.15 5.46
C GLN E 24 54.30 20.54 6.82
N SER E 25 55.07 19.65 7.45
CA SER E 25 55.63 19.92 8.75
C SER E 25 57.01 19.24 8.95
N PRO E 26 58.05 20.01 9.30
CA PRO E 26 58.15 21.45 9.51
C PRO E 26 57.87 22.20 8.22
N GLY E 27 57.36 23.44 8.35
CA GLY E 27 57.13 24.31 7.18
C GLY E 27 58.44 24.98 6.78
N THR E 28 59.43 24.82 7.65
CA THR E 28 60.77 25.29 7.47
C THR E 28 61.70 24.48 8.33
N LEU E 29 62.88 24.24 7.81
CA LEU E 29 63.95 23.55 8.51
C LEU E 29 65.19 24.41 8.50
N SER E 30 66.02 24.34 9.53
CA SER E 30 67.25 25.13 9.52
C SER E 30 68.43 24.26 9.94
N LEU E 31 69.25 23.89 8.96
CA LEU E 31 70.38 22.99 9.18
C LEU E 31 71.66 23.48 8.57
N SER E 32 72.78 23.14 9.18
CA SER E 32 74.07 23.42 8.56
C SER E 32 74.19 22.41 7.41
N PRO E 33 74.79 22.74 6.26
CA PRO E 33 75.01 21.78 5.20
C PRO E 33 75.80 20.62 5.79
N GLY E 34 75.42 19.41 5.40
CA GLY E 34 76.04 18.17 5.86
C GLY E 34 75.25 17.46 6.97
N GLU E 35 74.26 18.15 7.54
CA GLU E 35 73.42 17.55 8.58
C GLU E 35 72.27 16.74 7.97
N ARG E 36 71.75 15.78 8.74
CA ARG E 36 70.61 14.95 8.37
C ARG E 36 69.28 15.65 8.53
N ALA E 37 68.36 15.49 7.56
CA ALA E 37 67.05 16.14 7.74
C ALA E 37 65.87 15.30 7.26
N THR E 38 64.75 15.47 7.93
CA THR E 38 63.50 14.83 7.53
C THR E 38 62.35 15.82 7.47
N LEU E 39 61.42 15.53 6.59
CA LEU E 39 60.19 16.27 6.37
C LEU E 39 59.00 15.37 6.13
N SER E 40 57.88 15.65 6.76
CA SER E 40 56.73 14.83 6.45
C SER E 40 55.53 15.72 6.17
N CYS E 41 54.52 15.14 5.50
CA CYS E 41 53.26 15.80 5.20
C CYS E 41 52.09 14.96 5.69
N GLY E 42 51.15 15.64 6.31
CA GLY E 42 49.95 14.96 6.74
C GLY E 42 48.89 15.30 5.72
N VAL E 43 48.00 14.36 5.49
CA VAL E 43 46.90 14.64 4.58
C VAL E 43 45.56 14.33 5.24
N SER E 44 44.54 15.14 4.94
CA SER E 44 43.20 14.99 5.49
C SER E 44 42.47 13.68 5.14
N GLN E 45 42.92 13.00 4.11
CA GLN E 45 42.35 11.74 3.68
C GLN E 45 43.47 10.85 3.19
N SER E 46 43.26 9.56 3.22
CA SER E 46 44.29 8.70 2.68
C SER E 46 44.48 8.92 1.19
N ILE E 47 45.74 8.84 0.78
CA ILE E 47 46.13 8.91 -0.62
C ILE E 47 46.92 7.63 -0.85
N SER E 48 46.60 6.87 -1.90
CA SER E 48 47.41 5.67 -2.10
C SER E 48 48.81 6.18 -2.32
N SER E 49 49.82 5.47 -1.89
CA SER E 49 51.15 6.02 -2.08
C SER E 49 51.47 6.24 -3.54
N THR E 50 50.84 5.45 -4.40
CA THR E 50 51.02 5.50 -5.84
C THR E 50 50.44 6.75 -6.49
N TYR E 51 49.66 7.52 -5.75
CA TYR E 51 49.06 8.73 -6.28
C TYR E 51 49.68 9.97 -5.65
N PHE E 52 50.80 9.77 -4.96
CA PHE E 52 51.53 10.84 -4.28
C PHE E 52 53.01 11.01 -4.71
N ALA E 53 53.46 12.27 -4.84
CA ALA E 53 54.88 12.52 -5.16
C ALA E 53 55.49 13.70 -4.42
N TRP E 54 56.82 13.62 -4.29
CA TRP E 54 57.62 14.69 -3.69
C TRP E 54 58.37 15.47 -4.76
N TYR E 55 58.51 16.79 -4.54
CA TYR E 55 59.29 17.72 -5.37
C TYR E 55 60.31 18.57 -4.62
N GLN E 56 61.37 18.99 -5.32
CA GLN E 56 62.37 19.95 -4.83
C GLN E 56 62.38 21.23 -5.68
N GLN E 57 61.99 22.37 -5.09
CA GLN E 57 61.95 23.64 -5.81
C GLN E 57 63.09 24.58 -5.47
N LYS E 58 63.89 24.87 -6.48
CA LYS E 58 65.01 25.75 -6.32
C LYS E 58 64.51 27.17 -6.51
N VAL E 59 65.20 28.14 -5.98
CA VAL E 59 64.65 29.47 -6.08
C VAL E 59 64.64 29.98 -7.51
N GLY E 60 63.46 30.43 -7.92
CA GLY E 60 63.23 30.99 -9.24
C GLY E 60 62.98 29.92 -10.30
N GLN E 61 62.96 28.65 -9.89
CA GLN E 61 62.78 27.57 -10.83
C GLN E 61 61.49 26.80 -10.64
N ALA E 62 61.04 26.16 -11.71
CA ALA E 62 59.93 25.23 -11.59
C ALA E 62 60.43 24.09 -10.71
N PRO E 63 59.58 23.44 -9.89
CA PRO E 63 59.94 22.35 -9.01
C PRO E 63 60.34 21.10 -9.75
N ARG E 64 61.30 20.38 -9.21
CA ARG E 64 61.73 19.12 -9.80
C ARG E 64 61.16 17.91 -9.09
N LEU E 65 60.60 16.97 -9.84
CA LEU E 65 60.04 15.77 -9.22
C LEU E 65 61.19 14.99 -8.59
N LEU E 66 61.04 14.61 -7.34
CA LEU E 66 62.01 13.81 -6.64
C LEU E 66 61.59 12.36 -6.51
N ILE E 67 60.39 12.17 -5.96
CA ILE E 67 59.94 10.81 -5.66
C ILE E 67 58.56 10.44 -6.18
N TYR E 68 58.48 9.32 -6.90
CA TYR E 68 57.25 8.78 -7.46
C TYR E 68 56.59 7.72 -6.60
N GLY E 69 55.29 7.84 -6.42
CA GLY E 69 54.58 6.83 -5.66
C GLY E 69 55.00 6.87 -4.20
N ALA E 70 55.42 8.04 -3.79
CA ALA E 70 55.97 8.34 -2.49
C ALA E 70 57.22 7.49 -2.13
N SER E 71 57.87 6.81 -3.10
CA SER E 71 59.06 6.03 -2.76
C SER E 71 60.16 5.90 -3.86
N ASN E 72 59.81 6.02 -5.13
CA ASN E 72 60.73 5.76 -6.21
C ASN E 72 61.48 6.97 -6.73
N ARG E 73 62.80 6.96 -6.64
CA ARG E 73 63.52 8.14 -7.10
C ARG E 73 63.29 8.42 -8.58
N ALA E 74 63.07 9.69 -8.87
CA ALA E 74 62.88 10.22 -10.19
C ALA E 74 64.19 10.23 -10.92
N SER E 75 64.12 10.33 -12.23
CA SER E 75 65.35 10.32 -12.98
C SER E 75 66.26 11.46 -12.57
N GLY E 76 67.53 11.10 -12.42
CA GLY E 76 68.56 12.07 -12.09
C GLY E 76 68.60 12.44 -10.61
N ILE E 77 67.83 11.74 -9.77
CA ILE E 77 67.78 12.04 -8.36
C ILE E 77 68.77 11.20 -7.56
N PRO E 78 69.68 11.84 -6.79
CA PRO E 78 70.69 11.23 -5.95
C PRO E 78 70.11 10.32 -4.89
N ASP E 79 70.89 9.32 -4.53
CA ASP E 79 70.54 8.29 -3.56
C ASP E 79 70.41 8.81 -2.14
N ARG E 80 70.88 10.02 -1.91
CA ARG E 80 70.74 10.62 -0.60
C ARG E 80 69.27 10.95 -0.33
N PHE E 81 68.44 10.98 -1.37
CA PHE E 81 67.02 11.26 -1.23
C PHE E 81 66.24 9.96 -1.11
N SER E 82 65.37 9.90 -0.13
CA SER E 82 64.56 8.71 0.03
C SER E 82 63.27 9.05 0.74
N GLY E 83 62.33 8.13 0.74
CA GLY E 83 61.09 8.36 1.44
C GLY E 83 60.15 7.19 1.27
N SER E 84 59.02 7.28 1.95
CA SER E 84 57.99 6.25 1.92
C SER E 84 56.66 6.81 2.40
N ALA E 85 55.58 6.07 2.15
CA ALA E 85 54.31 6.52 2.66
C ALA E 85 53.24 5.46 2.74
N SER E 86 52.27 5.73 3.61
CA SER E 86 51.05 4.95 3.70
C SER E 86 49.95 5.79 4.33
N GLY E 87 48.69 5.48 4.04
CA GLY E 87 47.63 6.19 4.73
C GLY E 87 47.68 7.69 4.46
N THR E 88 47.80 8.41 5.57
CA THR E 88 47.85 9.85 5.60
C THR E 88 49.24 10.39 5.99
N ASP E 89 50.24 9.49 6.06
CA ASP E 89 51.61 9.79 6.49
C ASP E 89 52.68 9.70 5.38
N PHE E 90 53.12 10.86 4.89
CA PHE E 90 54.08 10.93 3.79
C PHE E 90 55.44 11.49 4.22
N THR E 91 56.53 10.70 4.13
CA THR E 91 57.82 11.21 4.61
C THR E 91 58.98 11.18 3.60
N LEU E 92 59.69 12.32 3.56
CA LEU E 92 60.90 12.59 2.79
C LEU E 92 62.11 12.76 3.67
N THR E 93 63.22 12.20 3.26
CA THR E 93 64.44 12.46 3.99
C THR E 93 65.63 12.61 3.08
N ILE E 94 66.61 13.37 3.57
CA ILE E 94 67.87 13.52 2.88
C ILE E 94 68.94 13.07 3.89
N SER E 95 69.80 12.13 3.50
CA SER E 95 70.81 11.62 4.44
C SER E 95 71.80 12.68 4.91
N ARG E 96 72.11 13.62 4.04
CA ARG E 96 72.99 14.75 4.27
C ARG E 96 72.44 15.87 3.43
N VAL E 97 72.15 17.02 4.00
CA VAL E 97 71.61 18.05 3.14
C VAL E 97 72.78 18.82 2.54
N GLU E 98 72.87 18.84 1.23
CA GLU E 98 73.98 19.53 0.60
C GLU E 98 73.57 20.99 0.41
N PRO E 99 74.48 21.96 0.22
CA PRO E 99 74.14 23.35 -0.03
C PRO E 99 73.10 23.49 -1.16
N GLU E 100 73.19 22.61 -2.15
CA GLU E 100 72.31 22.59 -3.30
C GLU E 100 70.89 22.10 -2.99
N ASP E 101 70.71 21.51 -1.82
CA ASP E 101 69.44 20.95 -1.39
C ASP E 101 68.63 21.89 -0.50
N PHE E 102 69.10 23.11 -0.26
CA PHE E 102 68.33 23.99 0.61
C PHE E 102 67.21 24.71 -0.19
N ALA E 103 66.26 23.87 -0.59
CA ALA E 103 65.12 24.09 -1.48
C ALA E 103 63.78 24.04 -0.79
N VAL E 104 62.74 24.43 -1.51
CA VAL E 104 61.40 24.29 -0.96
C VAL E 104 60.85 22.98 -1.43
N TYR E 105 60.47 22.13 -0.51
CA TYR E 105 60.00 20.84 -0.91
C TYR E 105 58.51 20.80 -0.91
N TYR E 106 57.96 20.09 -1.86
CA TYR E 106 56.51 20.00 -1.94
C TYR E 106 55.95 18.59 -2.00
N CYS E 107 54.76 18.45 -1.39
CA CYS E 107 53.90 17.27 -1.42
C CYS E 107 52.76 17.45 -2.43
N GLN E 108 52.69 16.51 -3.39
CA GLN E 108 51.65 16.54 -4.41
C GLN E 108 50.77 15.31 -4.52
N GLN E 109 49.48 15.58 -4.59
CA GLN E 109 48.50 14.54 -4.88
C GLN E 109 48.15 14.68 -6.35
N TYR E 110 48.23 13.61 -7.13
CA TYR E 110 47.92 13.68 -8.55
C TYR E 110 46.94 12.67 -9.15
N GLY E 111 46.29 11.84 -8.34
CA GLY E 111 45.43 10.81 -8.91
C GLY E 111 44.10 11.36 -9.48
N SER E 112 43.68 12.52 -8.98
CA SER E 112 42.44 13.18 -9.41
C SER E 112 42.73 14.65 -9.59
N SER E 113 41.74 15.50 -9.32
CA SER E 113 42.05 16.91 -9.41
C SER E 113 43.19 17.00 -8.40
N PRO E 114 44.39 17.49 -8.79
CA PRO E 114 45.59 17.54 -8.00
C PRO E 114 45.58 18.59 -6.94
N THR E 115 46.35 18.36 -5.89
CA THR E 115 46.56 19.33 -4.83
C THR E 115 48.01 19.38 -4.39
N PHE E 116 48.40 20.48 -3.77
CA PHE E 116 49.73 20.62 -3.18
C PHE E 116 49.68 21.13 -1.75
N GLY E 117 50.70 20.79 -0.98
CA GLY E 117 50.86 21.34 0.37
C GLY E 117 51.43 22.75 0.22
N GLN E 118 51.66 23.47 1.33
CA GLN E 118 52.13 24.85 1.19
C GLN E 118 53.60 24.98 0.81
N GLY E 119 54.34 23.91 0.98
CA GLY E 119 55.77 23.89 0.69
C GLY E 119 56.63 24.11 1.94
N THR E 120 57.75 23.41 2.00
CA THR E 120 58.67 23.56 3.13
C THR E 120 60.04 24.03 2.75
N ARG E 121 60.49 25.13 3.34
CA ARG E 121 61.82 25.58 2.96
C ARG E 121 62.90 25.07 3.88
N LEU E 122 63.88 24.46 3.29
CA LEU E 122 65.04 24.02 4.00
C LEU E 122 66.10 25.09 3.85
N GLU E 123 66.38 25.81 4.93
CA GLU E 123 67.31 26.94 4.99
C GLU E 123 68.65 26.57 5.62
N ILE E 124 69.69 27.34 5.28
CA ILE E 124 71.05 27.14 5.78
C ILE E 124 71.32 27.80 7.14
N LYS E 125 71.79 26.99 8.12
CA LYS E 125 72.15 27.38 9.50
C LYS E 125 73.70 27.45 9.63
N GLN F 20 63.83 14.55 -22.51
CA GLN F 20 63.06 15.53 -21.77
C GLN F 20 62.35 16.43 -22.79
N VAL F 21 61.00 16.39 -22.82
CA VAL F 21 60.13 17.12 -23.75
C VAL F 21 59.99 18.54 -23.18
N GLN F 22 60.16 19.54 -24.03
CA GLN F 22 60.16 20.94 -23.60
C GLN F 22 58.84 21.68 -23.73
N LEU F 23 58.70 22.71 -22.90
CA LEU F 23 57.59 23.66 -22.90
C LEU F 23 58.16 25.07 -23.01
N VAL F 24 57.78 25.82 -24.03
CA VAL F 24 58.31 27.17 -24.23
C VAL F 24 57.27 28.27 -24.10
N GLN F 25 57.52 29.24 -23.22
CA GLN F 25 56.54 30.29 -22.96
C GLN F 25 56.97 31.70 -23.32
N SER F 26 55.97 32.56 -23.50
CA SER F 26 56.15 33.98 -23.76
C SER F 26 56.60 34.74 -22.51
N GLY F 27 57.06 35.98 -22.72
CA GLY F 27 57.52 36.79 -21.60
C GLY F 27 56.40 37.50 -20.85
N ALA F 28 56.80 38.32 -19.88
CA ALA F 28 55.89 39.03 -19.00
C ALA F 28 55.01 40.06 -19.70
N GLU F 29 53.79 40.21 -19.19
CA GLU F 29 52.84 41.19 -19.71
C GLU F 29 52.04 41.86 -18.60
N VAL F 30 51.80 43.17 -18.75
CA VAL F 30 51.03 43.93 -17.77
C VAL F 30 49.62 44.23 -18.28
N LYS F 31 48.65 43.89 -17.47
CA LYS F 31 47.23 44.07 -17.74
C LYS F 31 46.55 44.98 -16.77
N LYS F 32 45.44 45.57 -17.22
CA LYS F 32 44.66 46.41 -16.35
C LYS F 32 43.53 45.57 -15.75
N PRO F 33 43.04 45.90 -14.55
CA PRO F 33 41.96 45.21 -13.92
C PRO F 33 40.74 45.16 -14.82
N GLY F 34 40.10 44.00 -14.83
CA GLY F 34 38.90 43.72 -15.60
C GLY F 34 39.17 43.07 -16.96
N SER F 35 40.43 43.06 -17.40
CA SER F 35 40.79 42.49 -18.69
C SER F 35 41.16 41.01 -18.62
N SER F 36 41.82 40.52 -19.68
CA SER F 36 42.21 39.13 -19.74
C SER F 36 43.56 38.98 -20.41
N VAL F 37 44.22 37.88 -20.08
CA VAL F 37 45.50 37.57 -20.67
C VAL F 37 45.49 36.20 -21.27
N LYS F 38 46.05 36.10 -22.44
CA LYS F 38 46.19 34.82 -23.06
C LYS F 38 47.64 34.43 -22.96
N VAL F 39 47.87 33.24 -22.47
CA VAL F 39 49.20 32.72 -22.33
C VAL F 39 49.29 31.39 -23.05
N SER F 40 50.49 30.96 -23.38
CA SER F 40 50.61 29.70 -24.07
C SER F 40 51.96 29.07 -23.82
N CYS F 41 52.06 27.74 -24.11
CA CYS F 41 53.30 26.97 -24.03
C CYS F 41 53.47 26.14 -25.30
N LYS F 42 54.57 26.31 -25.99
CA LYS F 42 54.76 25.50 -27.17
C LYS F 42 55.42 24.21 -26.75
N ALA F 43 54.84 23.10 -27.13
CA ALA F 43 55.40 21.82 -26.79
C ALA F 43 56.32 21.37 -27.91
N SER F 44 57.49 20.89 -27.55
CA SER F 44 58.41 20.38 -28.56
C SER F 44 59.32 19.30 -28.01
N GLY F 45 59.80 18.43 -28.89
CA GLY F 45 60.68 17.36 -28.45
C GLY F 45 59.90 16.10 -28.04
N GLY F 46 58.60 16.10 -28.30
CA GLY F 46 57.74 14.98 -27.92
C GLY F 46 56.31 15.15 -28.39
N THR F 47 55.46 14.21 -28.00
CA THR F 47 54.06 14.16 -28.43
C THR F 47 53.20 15.23 -27.74
N PHE F 48 52.31 15.85 -28.49
CA PHE F 48 51.36 16.76 -27.91
C PHE F 48 50.12 15.99 -27.43
N ILE F 49 49.67 15.09 -28.27
CA ILE F 49 48.46 14.33 -28.04
C ILE F 49 48.49 13.42 -26.80
N ASP F 50 49.62 12.79 -26.54
CA ASP F 50 49.82 11.82 -25.46
C ASP F 50 49.85 12.38 -24.06
N TYR F 51 50.03 13.68 -23.89
CA TYR F 51 50.20 14.18 -22.53
C TYR F 51 49.18 15.14 -22.05
N THR F 52 49.04 15.20 -20.73
CA THR F 52 48.18 16.22 -20.20
C THR F 52 49.04 17.44 -20.05
N TYR F 53 48.51 18.54 -20.50
CA TYR F 53 49.16 19.79 -20.32
C TYR F 53 48.39 20.54 -19.26
N ASN F 54 49.03 20.72 -18.12
CA ASN F 54 48.39 21.32 -16.98
C ASN F 54 48.88 22.72 -16.73
N TRP F 55 47.95 23.61 -16.48
CA TRP F 55 48.29 24.96 -16.10
C TRP F 55 48.25 25.07 -14.60
N VAL F 56 49.30 25.69 -14.09
CA VAL F 56 49.46 25.93 -12.68
C VAL F 56 49.84 27.41 -12.44
N ARG F 57 49.64 27.88 -11.21
CA ARG F 57 49.97 29.24 -10.83
C ARG F 57 50.81 29.35 -9.58
N GLN F 58 51.84 30.19 -9.63
CA GLN F 58 52.62 30.45 -8.41
C GLN F 58 53.04 31.88 -8.23
N ALA F 59 52.45 32.54 -7.25
CA ALA F 59 52.85 33.89 -6.95
C ALA F 59 53.98 33.72 -5.96
N PRO F 60 54.97 34.61 -5.89
CA PRO F 60 56.04 34.52 -4.93
C PRO F 60 55.47 34.47 -3.52
N GLY F 61 55.97 33.54 -2.74
CA GLY F 61 55.56 33.40 -1.34
C GLY F 61 54.25 32.64 -1.12
N GLN F 62 53.55 32.27 -2.20
CA GLN F 62 52.27 31.60 -2.02
C GLN F 62 52.26 30.10 -2.22
N GLY F 63 53.26 29.57 -2.91
CA GLY F 63 53.27 28.14 -3.21
C GLY F 63 52.55 27.90 -4.53
N LEU F 64 52.46 26.64 -4.92
CA LEU F 64 51.89 26.34 -6.21
C LEU F 64 50.48 25.77 -6.14
N VAL F 65 49.60 26.23 -7.04
CA VAL F 65 48.28 25.64 -7.15
C VAL F 65 47.98 25.25 -8.58
N TRP F 66 47.10 24.28 -8.75
CA TRP F 66 46.68 23.87 -10.09
C TRP F 66 45.50 24.70 -10.54
N MET F 67 45.50 25.08 -11.82
CA MET F 67 44.41 25.86 -12.38
C MET F 67 43.48 25.03 -13.25
N GLY F 68 44.06 24.11 -14.00
CA GLY F 68 43.28 23.32 -14.93
C GLY F 68 44.16 22.58 -15.92
N ARG F 69 43.54 21.81 -16.81
CA ARG F 69 44.30 21.03 -17.78
C ARG F 69 43.58 20.71 -19.06
N VAL F 70 44.36 20.39 -20.08
CA VAL F 70 43.86 19.87 -21.33
C VAL F 70 44.59 18.60 -21.72
N VAL F 71 43.86 17.62 -22.20
CA VAL F 71 44.44 16.39 -22.69
C VAL F 71 44.00 16.25 -24.12
N PRO F 72 44.76 16.75 -25.12
CA PRO F 72 44.39 16.79 -26.52
C PRO F 72 43.97 15.39 -27.03
N GLY F 73 44.57 14.33 -26.49
CA GLY F 73 44.21 12.96 -26.87
C GLY F 73 42.76 12.61 -26.55
N LEU F 74 42.21 13.19 -25.49
CA LEU F 74 40.82 12.93 -25.13
C LEU F 74 39.97 14.04 -25.72
N GLY F 75 40.58 15.23 -25.85
CA GLY F 75 39.90 16.41 -26.36
C GLY F 75 39.13 17.09 -25.25
N LEU F 76 39.50 16.75 -24.02
CA LEU F 76 38.86 17.23 -22.81
C LEU F 76 39.72 18.15 -21.98
N SER F 77 39.06 18.95 -21.17
CA SER F 77 39.76 19.80 -20.23
C SER F 77 39.05 19.85 -18.90
N SER F 78 39.78 20.19 -17.86
CA SER F 78 39.19 20.24 -16.52
C SER F 78 39.80 21.34 -15.71
N TYR F 79 39.10 21.77 -14.66
CA TYR F 79 39.53 22.94 -13.93
C TYR F 79 39.52 22.83 -12.43
N ALA F 80 40.37 23.66 -11.82
CA ALA F 80 40.38 23.87 -10.41
C ALA F 80 39.13 24.64 -10.08
N GLN F 81 38.47 24.35 -8.98
CA GLN F 81 37.21 25.04 -8.72
C GLN F 81 37.32 26.55 -8.57
N GLN F 82 38.39 27.04 -7.98
CA GLN F 82 38.52 28.48 -7.74
C GLN F 82 38.80 29.26 -9.01
N PHE F 83 39.13 28.56 -10.09
CA PHE F 83 39.41 29.18 -11.36
C PHE F 83 38.28 28.95 -12.37
N GLU F 84 37.16 28.40 -11.89
CA GLU F 84 36.02 28.11 -12.74
C GLU F 84 35.53 29.32 -13.51
N ASP F 85 35.31 29.15 -14.82
CA ASP F 85 34.80 30.17 -15.76
C ASP F 85 35.87 31.19 -16.17
N ARG F 86 36.53 31.76 -15.18
CA ARG F 86 37.58 32.74 -15.41
C ARG F 86 38.74 32.14 -16.18
N VAL F 87 38.98 30.85 -15.99
CA VAL F 87 40.04 30.20 -16.73
C VAL F 87 39.52 29.21 -17.73
N THR F 88 39.93 29.42 -18.97
CA THR F 88 39.60 28.53 -20.07
C THR F 88 40.87 27.96 -20.66
N ILE F 89 40.93 26.64 -20.77
CA ILE F 89 42.11 25.96 -21.28
C ILE F 89 41.82 25.19 -22.54
N THR F 90 42.62 25.43 -23.53
CA THR F 90 42.47 24.79 -24.81
C THR F 90 43.82 24.42 -25.38
N ALA F 91 43.82 23.95 -26.61
CA ALA F 91 45.03 23.53 -27.25
C ALA F 91 44.92 23.63 -28.75
N ALA F 92 46.03 23.86 -29.39
CA ALA F 92 46.08 23.82 -30.84
C ALA F 92 46.86 22.62 -31.23
N LYS F 93 46.17 21.57 -31.66
CA LYS F 93 46.88 20.36 -31.98
C LYS F 93 47.83 20.63 -33.12
N SER F 94 47.39 21.48 -34.05
CA SER F 94 48.11 21.79 -35.25
C SER F 94 49.41 22.56 -35.04
N THR F 95 49.59 23.17 -33.87
CA THR F 95 50.81 23.91 -33.61
C THR F 95 51.48 23.35 -32.37
N SER F 96 50.95 22.23 -31.87
CA SER F 96 51.43 21.62 -30.64
C SER F 96 51.55 22.65 -29.53
N THR F 97 50.55 23.51 -29.40
CA THR F 97 50.63 24.56 -28.40
C THR F 97 49.48 24.55 -27.42
N VAL F 98 49.85 24.68 -26.17
CA VAL F 98 48.95 24.69 -25.04
C VAL F 98 48.47 26.11 -24.80
N TYR F 99 47.17 26.34 -24.66
CA TYR F 99 46.71 27.70 -24.42
C TYR F 99 45.82 27.87 -23.21
N MET F 100 45.95 29.02 -22.57
CA MET F 100 45.05 29.35 -21.49
C MET F 100 44.69 30.82 -21.48
N GLU F 101 43.43 31.10 -21.17
CA GLU F 101 43.05 32.47 -21.00
C GLU F 101 42.49 32.68 -19.62
N LEU F 102 43.06 33.65 -18.94
CA LEU F 102 42.64 34.05 -17.61
C LEU F 102 41.94 35.39 -17.73
N ARG F 103 40.70 35.46 -17.30
CA ARG F 103 39.96 36.70 -17.43
C ARG F 103 39.33 37.20 -16.15
N GLY F 104 39.01 38.50 -16.13
CA GLY F 104 38.41 39.11 -14.97
C GLY F 104 39.54 39.39 -14.01
N LEU F 105 40.67 39.75 -14.61
CA LEU F 105 41.91 39.98 -13.90
C LEU F 105 41.88 41.08 -12.88
N THR F 106 42.52 40.79 -11.76
CA THR F 106 42.73 41.71 -10.67
C THR F 106 44.18 41.72 -10.23
N SER F 107 44.56 42.62 -9.34
CA SER F 107 45.94 42.71 -8.88
C SER F 107 46.37 41.47 -8.09
N GLU F 108 45.40 40.79 -7.49
CA GLU F 108 45.63 39.57 -6.72
C GLU F 108 46.04 38.40 -7.63
N ASP F 109 45.85 38.54 -8.94
CA ASP F 109 46.16 37.46 -9.86
C ASP F 109 47.64 37.49 -10.27
N THR F 110 48.39 38.51 -9.86
CA THR F 110 49.78 38.55 -10.30
C THR F 110 50.50 37.31 -9.83
N ALA F 111 51.13 36.62 -10.77
CA ALA F 111 51.84 35.36 -10.49
C ALA F 111 52.61 34.88 -11.69
N MET F 112 53.45 33.87 -11.47
CA MET F 112 54.05 33.22 -12.59
C MET F 112 53.09 32.14 -13.06
N TYR F 113 52.87 32.07 -14.35
CA TYR F 113 52.00 31.06 -14.88
C TYR F 113 52.78 30.06 -15.68
N TYR F 114 52.58 28.82 -15.34
CA TYR F 114 53.31 27.72 -15.94
C TYR F 114 52.45 26.65 -16.54
N CYS F 115 53.03 25.95 -17.52
CA CYS F 115 52.53 24.70 -18.02
C CYS F 115 53.47 23.69 -17.42
N ALA F 116 52.93 22.55 -17.16
CA ALA F 116 53.71 21.43 -16.77
C ALA F 116 53.07 20.24 -17.43
N ARG F 117 53.92 19.40 -17.95
CA ARG F 117 53.48 18.22 -18.63
C ARG F 117 53.58 17.05 -17.69
N ASP F 118 52.55 16.25 -17.68
CA ASP F 118 52.57 15.10 -16.84
C ASP F 118 53.23 13.94 -17.54
N THR F 119 53.20 12.83 -16.86
CA THR F 119 53.72 11.58 -17.31
C THR F 119 52.60 10.61 -17.71
N ALA F 120 51.53 11.13 -18.31
CA ALA F 120 50.38 10.29 -18.68
C ALA F 120 50.77 9.12 -19.59
N SER F 121 51.75 9.35 -20.46
CA SER F 121 52.22 8.34 -21.41
C SER F 121 52.98 7.21 -20.71
N PHE F 122 53.32 7.42 -19.43
CA PHE F 122 54.07 6.49 -18.60
C PHE F 122 53.14 5.78 -17.61
N GLY F 123 51.85 6.14 -17.62
CA GLY F 123 50.89 5.60 -16.65
C GLY F 123 50.84 6.33 -15.30
N TRP F 124 51.52 7.47 -15.19
CA TRP F 124 51.57 8.24 -13.95
C TRP F 124 50.99 9.63 -14.18
N LEU F 125 50.36 10.24 -13.20
CA LEU F 125 49.85 11.60 -13.43
C LEU F 125 50.64 12.86 -12.89
N PRO F 126 51.81 12.79 -12.17
CA PRO F 126 52.59 13.92 -11.65
C PRO F 126 53.34 14.62 -12.76
N PHE F 127 53.94 15.78 -12.44
CA PHE F 127 54.66 16.56 -13.43
C PHE F 127 56.14 16.33 -13.57
N ALA F 128 56.53 15.89 -14.75
CA ALA F 128 57.94 15.64 -15.00
C ALA F 128 58.58 16.71 -15.84
N PHE F 129 57.78 17.48 -16.59
CA PHE F 129 58.38 18.43 -17.50
C PHE F 129 57.82 19.80 -17.16
N TRP F 130 58.66 20.81 -17.06
CA TRP F 130 58.20 22.13 -16.67
C TRP F 130 58.69 23.26 -17.55
N GLY F 131 57.88 24.32 -17.64
CA GLY F 131 58.24 25.53 -18.39
C GLY F 131 59.08 26.51 -17.58
N GLN F 132 59.20 27.75 -18.09
CA GLN F 132 60.01 28.80 -17.50
C GLN F 132 59.16 29.67 -16.60
N GLY F 133 57.92 29.87 -17.02
CA GLY F 133 56.94 30.68 -16.32
C GLY F 133 56.76 32.04 -16.94
N THR F 134 55.52 32.40 -17.20
CA THR F 134 55.21 33.70 -17.77
C THR F 134 54.67 34.59 -16.69
N LEU F 135 55.26 35.76 -16.50
CA LEU F 135 54.69 36.61 -15.46
C LEU F 135 53.51 37.39 -15.94
N VAL F 136 52.44 37.28 -15.19
CA VAL F 136 51.26 38.05 -15.44
C VAL F 136 51.17 39.06 -14.34
N THR F 137 51.18 40.32 -14.74
CA THR F 137 51.12 41.44 -13.83
C THR F 137 49.85 42.18 -14.03
N VAL F 138 49.13 42.43 -12.96
CA VAL F 138 47.92 43.20 -13.14
C VAL F 138 48.04 44.40 -12.23
N SER F 139 47.86 45.57 -12.80
CA SER F 139 48.02 46.81 -12.04
C SER F 139 47.29 47.99 -12.68
N SER F 140 47.12 49.08 -11.89
CA SER F 140 46.53 50.35 -12.27
C SER F 140 46.96 51.38 -11.22
N SER G 36 -15.01 11.94 -31.39
CA SER G 36 -14.71 12.73 -32.57
C SER G 36 -13.25 12.55 -33.11
N ILE G 37 -12.59 11.43 -32.74
CA ILE G 37 -11.24 11.06 -33.16
C ILE G 37 -11.26 10.47 -34.58
N PRO G 38 -10.52 11.03 -35.55
CA PRO G 38 -10.42 10.54 -36.91
C PRO G 38 -9.57 9.30 -36.94
N LEU G 39 -9.79 8.45 -37.92
CA LEU G 39 -8.97 7.26 -38.15
C LEU G 39 -8.21 7.35 -39.45
N GLY G 40 -7.14 6.58 -39.61
CA GLY G 40 -6.50 6.53 -40.94
C GLY G 40 -7.09 5.40 -41.77
N VAL G 41 -7.24 5.62 -43.08
CA VAL G 41 -7.72 4.55 -43.96
C VAL G 41 -6.91 4.57 -45.24
N ILE G 42 -6.71 3.43 -45.90
CA ILE G 42 -5.93 3.46 -47.12
C ILE G 42 -6.86 3.68 -48.31
N HIS G 43 -6.49 4.65 -49.15
CA HIS G 43 -7.17 5.07 -50.37
C HIS G 43 -6.91 4.01 -51.42
N ASN G 44 -7.44 4.17 -52.62
CA ASN G 44 -7.14 3.17 -53.62
C ASN G 44 -5.65 3.22 -53.95
N SER G 45 -5.04 4.41 -53.81
CA SER G 45 -3.63 4.61 -54.03
C SER G 45 -2.83 4.77 -52.71
N THR G 46 -2.79 5.99 -52.18
CA THR G 46 -2.05 6.38 -50.98
C THR G 46 -2.92 6.43 -49.71
N LEU G 47 -2.41 6.99 -48.65
CA LEU G 47 -3.12 7.08 -47.37
C LEU G 47 -4.06 8.28 -47.33
N GLN G 48 -5.27 8.08 -46.80
CA GLN G 48 -6.20 9.18 -46.68
C GLN G 48 -6.77 9.30 -45.27
N VAL G 49 -7.27 10.48 -44.99
CA VAL G 49 -7.90 10.72 -43.71
C VAL G 49 -9.26 10.03 -43.75
N SER G 50 -9.58 9.23 -42.75
CA SER G 50 -10.90 8.61 -42.72
C SER G 50 -11.78 9.61 -41.99
N ASP G 51 -13.01 9.76 -42.45
CA ASP G 51 -13.93 10.67 -41.81
C ASP G 51 -14.52 10.06 -40.54
N VAL G 52 -15.00 10.93 -39.68
CA VAL G 52 -15.73 10.56 -38.51
C VAL G 52 -17.22 10.44 -38.86
N ASP G 53 -17.73 11.41 -39.64
CA ASP G 53 -19.17 11.42 -39.95
C ASP G 53 -19.64 10.74 -41.25
N LYS G 54 -18.88 10.86 -42.35
CA LYS G 54 -19.24 10.30 -43.64
C LYS G 54 -19.13 8.79 -43.70
N LEU G 55 -20.07 8.17 -44.40
CA LEU G 55 -20.02 6.75 -44.65
C LEU G 55 -19.34 6.55 -45.97
N VAL G 56 -18.26 5.80 -45.97
CA VAL G 56 -17.51 5.58 -47.18
C VAL G 56 -17.80 4.19 -47.72
N CYS G 57 -18.27 4.14 -48.97
CA CYS G 57 -18.70 2.89 -49.59
C CYS G 57 -17.59 1.89 -49.86
N ARG G 58 -16.37 2.39 -50.01
CA ARG G 58 -15.24 1.52 -50.26
C ARG G 58 -14.54 1.10 -48.97
N ASP G 59 -15.02 1.61 -47.84
CA ASP G 59 -14.34 1.32 -46.58
C ASP G 59 -14.87 0.01 -46.04
N LYS G 60 -14.40 -1.09 -46.61
CA LYS G 60 -14.92 -2.39 -46.23
C LYS G 60 -14.24 -2.86 -44.96
N LEU G 61 -15.05 -3.14 -43.93
CA LEU G 61 -14.52 -3.56 -42.66
C LEU G 61 -15.12 -4.92 -42.31
N SER G 62 -14.42 -5.99 -42.58
CA SER G 62 -14.97 -7.32 -42.34
C SER G 62 -14.67 -7.82 -40.94
N SER G 63 -13.66 -7.26 -40.28
CA SER G 63 -13.35 -7.71 -38.92
C SER G 63 -12.75 -6.61 -38.06
N THR G 64 -12.76 -6.83 -36.74
CA THR G 64 -12.16 -5.88 -35.81
C THR G 64 -10.64 -5.97 -35.84
N ASN G 65 -10.14 -6.98 -36.53
CA ASN G 65 -8.73 -7.22 -36.67
C ASN G 65 -8.12 -6.26 -37.70
N GLN G 66 -8.98 -5.47 -38.33
CA GLN G 66 -8.50 -4.47 -39.25
C GLN G 66 -8.27 -3.14 -38.55
N LEU G 67 -8.61 -3.02 -37.27
CA LEU G 67 -8.40 -1.76 -36.57
C LEU G 67 -7.28 -1.91 -35.56
N ARG G 68 -6.20 -1.16 -35.77
CA ARG G 68 -5.04 -1.31 -34.91
C ARG G 68 -4.50 0.00 -34.34
N SER G 69 -4.01 -0.09 -33.13
CA SER G 69 -3.40 1.05 -32.46
C SER G 69 -1.88 0.98 -32.56
N VAL G 70 -1.33 1.96 -33.27
CA VAL G 70 0.10 2.01 -33.54
C VAL G 70 0.77 3.25 -32.94
N GLY G 71 1.86 3.00 -32.21
CA GLY G 71 2.62 4.10 -31.61
C GLY G 71 3.76 4.55 -32.49
N LEU G 72 3.90 5.86 -32.61
CA LEU G 72 4.95 6.46 -33.41
C LEU G 72 5.85 7.31 -32.54
N ASN G 73 7.13 7.35 -32.86
CA ASN G 73 8.08 8.14 -32.09
C ASN G 73 8.31 9.51 -32.74
N LEU G 74 8.32 10.58 -31.94
CA LEU G 74 8.47 11.95 -32.49
C LEU G 74 9.87 12.26 -32.98
N GLU G 75 10.79 11.39 -32.67
CA GLU G 75 12.14 11.55 -33.17
C GLU G 75 12.08 11.49 -34.71
N GLY G 76 11.05 10.82 -35.28
CA GLY G 76 10.88 10.67 -36.72
C GLY G 76 10.33 11.96 -37.36
N ASN G 77 9.97 12.93 -36.53
CA ASN G 77 9.46 14.19 -37.00
C ASN G 77 10.54 15.25 -36.82
N GLY G 78 11.73 14.83 -36.40
CA GLY G 78 12.80 15.77 -36.17
C GLY G 78 12.93 16.30 -34.75
N VAL G 79 12.29 15.69 -33.76
CA VAL G 79 12.46 16.20 -32.42
C VAL G 79 13.84 15.82 -31.88
N ALA G 80 14.55 16.80 -31.34
CA ALA G 80 15.88 16.61 -30.80
C ALA G 80 15.84 15.66 -29.62
N THR G 81 16.88 14.85 -29.51
CA THR G 81 17.03 13.85 -28.47
C THR G 81 18.06 14.20 -27.40
N ASP G 82 18.60 15.42 -27.44
CA ASP G 82 19.59 15.83 -26.46
C ASP G 82 18.95 15.93 -25.10
N VAL G 83 19.75 15.82 -24.07
CA VAL G 83 19.15 15.82 -22.76
C VAL G 83 18.40 17.09 -22.44
N PRO G 84 18.98 18.30 -22.39
CA PRO G 84 18.21 19.48 -22.13
C PRO G 84 17.12 19.69 -23.18
N SER G 85 17.30 19.17 -24.39
CA SER G 85 16.26 19.34 -25.37
C SER G 85 15.02 18.57 -25.01
N VAL G 86 15.18 17.41 -24.38
CA VAL G 86 14.00 16.65 -24.04
C VAL G 86 13.48 17.06 -22.69
N THR G 87 14.35 17.36 -21.75
CA THR G 87 13.84 17.66 -20.44
C THR G 87 13.10 18.98 -20.42
N LYS G 88 13.47 19.91 -21.30
CA LYS G 88 12.80 21.20 -21.33
C LYS G 88 11.40 21.08 -21.89
N ARG G 89 11.09 19.94 -22.52
CA ARG G 89 9.81 19.69 -23.14
C ARG G 89 8.86 19.01 -22.18
N TRP G 90 9.33 18.77 -20.97
CA TRP G 90 8.55 18.09 -19.95
C TRP G 90 8.39 19.06 -18.78
N GLY G 91 7.32 18.96 -18.01
CA GLY G 91 7.32 19.81 -16.82
C GLY G 91 6.21 19.51 -15.86
N PHE G 92 6.32 20.04 -14.66
CA PHE G 92 5.34 19.70 -13.65
C PHE G 92 4.22 20.68 -13.46
N ARG G 93 3.03 20.11 -13.35
CA ARG G 93 1.79 20.83 -13.11
C ARG G 93 0.88 20.06 -12.18
N SER G 94 0.08 20.80 -11.44
CA SER G 94 -0.91 20.23 -10.53
C SER G 94 -2.33 20.21 -11.08
N GLY G 95 -3.21 19.49 -10.39
CA GLY G 95 -4.65 19.50 -10.64
C GLY G 95 -5.13 18.55 -11.73
N VAL G 96 -4.50 18.61 -12.86
CA VAL G 96 -4.86 17.78 -13.99
C VAL G 96 -4.45 16.32 -13.75
N PRO G 97 -5.37 15.35 -13.86
CA PRO G 97 -5.14 13.93 -13.70
C PRO G 97 -4.44 13.34 -14.93
N PRO G 98 -3.75 12.19 -14.80
CA PRO G 98 -3.13 11.40 -15.85
C PRO G 98 -4.15 10.60 -16.64
N LYS G 99 -3.78 10.22 -17.86
CA LYS G 99 -4.55 9.30 -18.70
C LYS G 99 -3.64 8.22 -19.30
N VAL G 100 -4.20 7.01 -19.51
CA VAL G 100 -3.50 5.88 -20.14
C VAL G 100 -4.29 5.35 -21.36
N VAL G 101 -3.56 5.07 -22.45
CA VAL G 101 -4.12 4.56 -23.71
C VAL G 101 -3.44 3.26 -24.11
N ASN G 102 -4.02 2.50 -25.05
CA ASN G 102 -3.41 1.23 -25.45
C ASN G 102 -3.02 1.08 -26.92
N TYR G 103 -1.84 0.49 -27.13
CA TYR G 103 -1.25 0.12 -28.40
C TYR G 103 -1.17 -1.38 -28.58
N GLU G 104 -1.12 -1.81 -29.83
CA GLU G 104 -0.84 -3.19 -30.13
C GLU G 104 0.52 -3.29 -30.78
N ALA G 105 0.91 -2.21 -31.45
CA ALA G 105 2.13 -2.14 -32.25
C ALA G 105 2.74 -0.77 -32.24
N GLY G 106 3.95 -0.66 -32.74
CA GLY G 106 4.61 0.63 -32.82
C GLY G 106 5.98 0.60 -33.45
N GLU G 107 6.58 1.78 -33.50
CA GLU G 107 7.90 1.97 -34.07
C GLU G 107 8.97 1.71 -33.04
N TRP G 108 10.06 1.15 -33.48
CA TRP G 108 11.24 0.91 -32.68
C TRP G 108 11.84 2.27 -32.42
N ALA G 109 12.28 2.55 -31.20
CA ALA G 109 12.83 3.88 -30.96
C ALA G 109 14.33 3.85 -30.93
N GLU G 110 14.97 4.83 -31.52
CA GLU G 110 16.41 4.81 -31.40
C GLU G 110 16.79 5.42 -30.04
N ASN G 111 16.09 6.50 -29.62
CA ASN G 111 16.42 7.17 -28.36
C ASN G 111 15.28 7.26 -27.34
N CYS G 112 15.49 6.67 -26.17
CA CYS G 112 14.51 6.67 -25.06
C CYS G 112 15.06 7.15 -23.74
N TYR G 113 14.15 7.49 -22.82
CA TYR G 113 14.54 8.05 -21.53
C TYR G 113 13.82 7.45 -20.34
N ASN G 114 14.44 7.50 -19.18
CA ASN G 114 13.79 7.19 -17.93
C ASN G 114 13.97 8.44 -17.11
N LEU G 115 13.44 8.43 -15.90
CA LEU G 115 13.69 9.47 -14.93
C LEU G 115 13.74 8.90 -13.54
N GLU G 116 14.78 9.31 -12.84
CA GLU G 116 14.95 8.93 -11.45
C GLU G 116 15.27 10.21 -10.72
N ILE G 117 14.30 11.11 -10.68
CA ILE G 117 14.51 12.43 -10.15
C ILE G 117 13.81 12.60 -8.84
N LYS G 118 14.57 13.09 -7.89
CA LYS G 118 14.05 13.36 -6.57
C LYS G 118 13.95 14.85 -6.37
N LYS G 119 13.07 15.27 -5.48
CA LYS G 119 12.96 16.67 -5.17
C LYS G 119 14.28 17.06 -4.53
N PRO G 120 14.62 18.34 -4.36
CA PRO G 120 15.88 18.77 -3.81
C PRO G 120 16.23 18.11 -2.47
N ASP G 121 15.22 17.74 -1.67
CA ASP G 121 15.46 17.11 -0.38
C ASP G 121 15.35 15.58 -0.43
N GLY G 122 15.27 15.02 -1.63
CA GLY G 122 15.16 13.59 -1.84
C GLY G 122 13.73 13.06 -1.94
N SER G 123 12.73 13.93 -1.83
CA SER G 123 11.33 13.47 -1.84
C SER G 123 10.67 13.16 -3.18
N GLU G 124 11.19 12.15 -3.88
CA GLU G 124 10.64 11.56 -5.14
C GLU G 124 9.73 12.48 -6.02
N CYS G 125 10.25 13.09 -7.14
CA CYS G 125 9.47 13.99 -8.01
C CYS G 125 8.33 13.27 -8.72
N LEU G 126 8.58 12.06 -9.16
CA LEU G 126 7.58 11.34 -9.90
C LEU G 126 6.97 10.23 -9.05
N PRO G 127 5.70 9.89 -9.25
CA PRO G 127 5.03 8.78 -8.61
C PRO G 127 5.59 7.53 -9.22
N ALA G 128 5.62 6.44 -8.46
CA ALA G 128 6.10 5.18 -9.01
C ALA G 128 5.19 4.71 -10.10
N ALA G 129 5.75 4.11 -11.13
CA ALA G 129 4.88 3.57 -12.14
C ALA G 129 3.94 2.55 -11.51
N PRO G 130 2.64 2.59 -11.80
CA PRO G 130 1.61 1.70 -11.30
C PRO G 130 1.72 0.36 -11.98
N ASP G 131 1.09 -0.63 -11.40
CA ASP G 131 1.11 -1.95 -11.99
C ASP G 131 0.58 -1.88 -13.41
N GLY G 132 1.29 -2.59 -14.28
CA GLY G 132 0.98 -2.69 -15.71
C GLY G 132 1.85 -1.77 -16.55
N ILE G 133 2.52 -0.81 -15.93
CA ILE G 133 3.38 0.08 -16.65
C ILE G 133 4.82 -0.41 -16.64
N ARG G 134 5.31 -0.66 -17.83
CA ARG G 134 6.63 -1.20 -18.10
C ARG G 134 7.22 -0.39 -19.23
N GLY G 135 8.52 -0.46 -19.44
CA GLY G 135 9.07 0.35 -20.53
C GLY G 135 8.72 -0.22 -21.89
N PHE G 136 8.91 0.58 -22.91
CA PHE G 136 8.63 0.20 -24.29
C PHE G 136 9.41 -1.08 -24.59
N PRO G 137 8.96 -1.92 -25.52
CA PRO G 137 9.63 -3.13 -25.93
C PRO G 137 11.12 -2.99 -26.26
N ARG G 138 11.46 -2.14 -27.25
CA ARG G 138 12.84 -2.08 -27.70
C ARG G 138 13.33 -0.67 -28.11
N CYS G 139 14.62 -0.43 -27.85
CA CYS G 139 15.33 0.80 -28.20
C CYS G 139 16.82 0.54 -28.33
N ARG G 140 17.63 1.57 -28.64
CA ARG G 140 19.07 1.40 -28.75
C ARG G 140 19.73 2.13 -27.60
N TYR G 141 19.51 3.44 -27.55
CA TYR G 141 20.11 4.23 -26.51
C TYR G 141 19.10 4.63 -25.49
N VAL G 142 19.23 4.07 -24.29
CA VAL G 142 18.29 4.39 -23.27
C VAL G 142 18.99 5.17 -22.17
N HIS G 143 18.45 6.32 -21.89
CA HIS G 143 19.04 7.21 -20.94
C HIS G 143 18.22 7.14 -19.64
N LYS G 144 18.84 7.33 -18.49
CA LYS G 144 18.04 7.32 -17.25
C LYS G 144 17.84 8.66 -16.58
N VAL G 145 18.69 9.63 -16.90
CA VAL G 145 18.61 10.96 -16.33
C VAL G 145 18.22 10.93 -14.85
N SER G 146 19.12 10.38 -14.02
CA SER G 146 18.86 10.31 -12.59
C SER G 146 19.28 11.64 -12.01
N GLY G 147 18.83 11.98 -10.80
CA GLY G 147 19.28 13.26 -10.25
C GLY G 147 18.22 13.94 -9.41
N THR G 148 18.39 15.25 -9.21
CA THR G 148 17.44 16.01 -8.41
C THR G 148 17.08 17.34 -9.05
N GLY G 149 15.99 17.92 -8.57
CA GLY G 149 15.57 19.25 -8.97
C GLY G 149 14.21 19.61 -8.40
N PRO G 150 13.79 20.87 -8.49
CA PRO G 150 12.52 21.34 -8.01
C PRO G 150 11.50 20.69 -8.92
N CYS G 151 10.34 20.26 -8.39
CA CYS G 151 9.29 19.58 -9.19
C CYS G 151 7.90 19.98 -8.68
N ALA G 152 7.63 21.28 -8.58
CA ALA G 152 6.30 21.65 -8.08
C ALA G 152 5.25 21.16 -9.06
N GLY G 153 4.18 20.57 -8.55
CA GLY G 153 3.12 20.04 -9.40
C GLY G 153 2.83 18.61 -8.95
N ASP G 154 1.84 17.97 -9.56
CA ASP G 154 1.51 16.61 -9.16
C ASP G 154 2.20 15.62 -10.11
N PHE G 155 2.24 15.99 -11.38
CA PHE G 155 2.80 15.12 -12.41
C PHE G 155 3.62 15.88 -13.40
N ALA G 156 4.57 15.17 -14.01
CA ALA G 156 5.31 15.71 -15.15
C ALA G 156 4.55 15.38 -16.41
N PHE G 157 4.15 16.42 -17.12
CA PHE G 157 3.37 16.31 -18.34
C PHE G 157 4.20 16.71 -19.53
N HIS G 158 3.88 16.16 -20.69
CA HIS G 158 4.60 16.62 -21.85
C HIS G 158 4.05 17.97 -22.26
N LYS G 159 4.94 18.92 -22.55
CA LYS G 159 4.51 20.26 -22.89
C LYS G 159 3.81 20.41 -24.23
N GLU G 160 4.06 19.52 -25.17
CA GLU G 160 3.42 19.67 -26.46
C GLU G 160 2.29 18.67 -26.51
N GLY G 161 2.05 17.98 -25.40
CA GLY G 161 1.03 16.97 -25.35
C GLY G 161 1.48 15.63 -25.92
N ALA G 162 2.77 15.36 -26.06
CA ALA G 162 3.12 14.06 -26.58
C ALA G 162 2.91 13.03 -25.48
N PHE G 163 2.72 11.79 -25.84
CA PHE G 163 2.58 10.73 -24.86
C PHE G 163 3.90 10.12 -24.50
N PHE G 164 3.99 9.66 -23.27
CA PHE G 164 5.15 8.95 -22.82
C PHE G 164 4.81 7.51 -23.10
N LEU G 165 5.58 6.86 -23.93
CA LEU G 165 5.15 5.55 -24.33
C LEU G 165 5.82 4.52 -23.48
N TYR G 166 5.01 3.80 -22.75
CA TYR G 166 5.43 2.76 -21.85
C TYR G 166 4.88 1.50 -22.40
N ASP G 167 5.60 0.40 -22.31
CA ASP G 167 5.14 -0.87 -22.81
C ASP G 167 4.40 -0.59 -24.10
N ARG G 168 3.16 -1.07 -24.18
CA ARG G 168 2.23 -0.69 -25.19
C ARG G 168 1.12 0.16 -24.56
N LEU G 169 1.36 0.64 -23.36
CA LEU G 169 0.40 1.48 -22.63
C LEU G 169 0.93 2.88 -22.36
N ALA G 170 0.77 3.76 -23.32
CA ALA G 170 1.28 5.11 -23.22
C ALA G 170 0.45 5.93 -22.28
N SER G 171 1.05 6.98 -21.74
CA SER G 171 0.34 7.84 -20.83
C SER G 171 0.71 9.30 -20.98
N THR G 172 -0.07 10.15 -20.35
CA THR G 172 0.16 11.58 -20.42
C THR G 172 1.18 12.10 -19.41
N VAL G 173 1.60 11.24 -18.48
CA VAL G 173 2.55 11.63 -17.46
C VAL G 173 3.74 10.72 -17.43
N ILE G 174 4.81 11.22 -16.83
CA ILE G 174 5.99 10.38 -16.68
C ILE G 174 5.90 9.66 -15.36
N TYR G 175 6.18 8.37 -15.39
CA TYR G 175 6.20 7.58 -14.18
C TYR G 175 7.62 7.25 -13.76
N ARG G 176 7.85 7.25 -12.45
CA ARG G 176 9.17 7.02 -11.93
C ARG G 176 9.69 5.63 -12.09
N GLY G 177 10.94 5.57 -12.53
CA GLY G 177 11.71 4.34 -12.65
C GLY G 177 11.42 3.56 -13.92
N THR G 178 10.50 4.04 -14.74
CA THR G 178 10.16 3.28 -15.92
C THR G 178 10.50 4.09 -17.16
N THR G 179 11.14 3.44 -18.12
CA THR G 179 11.55 4.13 -19.31
C THR G 179 10.39 4.36 -20.24
N PHE G 180 10.55 5.32 -21.13
CA PHE G 180 9.56 5.66 -22.13
C PHE G 180 10.10 6.26 -23.41
N ALA G 181 9.30 6.12 -24.45
CA ALA G 181 9.58 6.76 -25.73
C ALA G 181 8.73 8.01 -25.82
N GLU G 182 9.10 8.96 -26.65
CA GLU G 182 8.28 10.16 -26.81
C GLU G 182 7.44 10.05 -28.10
N GLY G 183 6.09 10.09 -28.00
CA GLY G 183 5.31 9.85 -29.22
C GLY G 183 3.80 10.12 -29.27
N VAL G 184 3.20 9.61 -30.35
CA VAL G 184 1.78 9.80 -30.69
C VAL G 184 1.02 8.51 -31.05
N VAL G 185 -0.32 8.58 -31.07
CA VAL G 185 -1.15 7.42 -31.39
C VAL G 185 -1.85 7.58 -32.74
N ALA G 186 -1.60 6.65 -33.67
CA ALA G 186 -2.15 6.75 -35.03
C ALA G 186 -3.58 6.25 -35.29
N PHE G 187 -4.13 5.29 -34.54
CA PHE G 187 -5.49 4.78 -34.84
C PHE G 187 -5.73 4.45 -36.34
N LEU G 188 -5.20 3.33 -36.82
CA LEU G 188 -5.24 3.01 -38.23
C LEU G 188 -6.05 1.76 -38.62
N ILE G 189 -6.60 1.72 -39.86
CA ILE G 189 -7.20 0.51 -40.45
C ILE G 189 -6.14 -0.62 -40.56
N SER G 219 20.27 -3.54 -25.51
CA SER G 219 21.08 -2.57 -26.21
C SER G 219 22.06 -1.89 -25.20
N THR G 220 21.95 -0.54 -24.92
CA THR G 220 22.83 0.13 -23.94
C THR G 220 22.14 1.17 -23.07
N THR G 221 22.68 1.28 -21.86
CA THR G 221 22.22 2.24 -20.87
C THR G 221 23.27 3.30 -20.64
N ILE G 222 22.85 4.53 -20.79
CA ILE G 222 23.74 5.67 -20.66
C ILE G 222 23.73 6.27 -19.27
N ARG G 223 22.56 6.36 -18.68
CA ARG G 223 22.41 6.84 -17.30
C ARG G 223 23.04 8.20 -16.96
N TYR G 224 22.70 9.26 -17.66
CA TYR G 224 23.25 10.57 -17.35
C TYR G 224 22.70 11.01 -15.99
N GLN G 225 23.44 11.89 -15.31
CA GLN G 225 23.01 12.51 -14.06
C GLN G 225 22.39 13.87 -14.33
N ALA G 226 21.53 14.35 -13.44
CA ALA G 226 20.93 15.67 -13.57
C ALA G 226 20.90 16.50 -12.30
N THR G 227 21.09 17.80 -12.47
CA THR G 227 20.93 18.77 -11.40
C THR G 227 19.98 19.89 -11.83
N GLY G 228 19.00 20.17 -10.97
CA GLY G 228 18.03 21.24 -11.23
C GLY G 228 17.04 20.74 -12.27
N PHE G 229 16.84 19.44 -12.29
CA PHE G 229 16.02 18.82 -13.29
C PHE G 229 14.71 19.48 -13.71
N GLY G 230 13.89 19.94 -12.78
CA GLY G 230 12.57 20.44 -13.15
C GLY G 230 12.51 21.93 -13.49
N THR G 231 13.65 22.60 -13.56
CA THR G 231 13.67 24.04 -13.85
C THR G 231 14.41 24.32 -15.18
N ASN G 232 14.55 25.61 -15.55
CA ASN G 232 15.23 26.08 -16.78
C ASN G 232 16.77 26.08 -16.66
N GLU G 233 17.32 26.25 -15.42
CA GLU G 233 18.76 26.29 -15.13
C GLU G 233 19.19 24.92 -14.65
N THR G 234 19.82 24.17 -15.55
CA THR G 234 20.16 22.79 -15.29
C THR G 234 21.58 22.44 -15.67
N GLU G 235 22.00 21.28 -15.19
CA GLU G 235 23.28 20.68 -15.55
C GLU G 235 23.12 19.19 -15.73
N TYR G 236 23.83 18.64 -16.71
CA TYR G 236 23.76 17.21 -16.95
C TYR G 236 25.13 16.58 -17.20
N LEU G 237 25.34 15.39 -16.65
CA LEU G 237 26.63 14.69 -16.80
C LEU G 237 26.60 13.26 -17.29
N PHE G 238 27.58 12.91 -18.10
CA PHE G 238 27.75 11.53 -18.51
C PHE G 238 28.76 10.86 -17.61
N GLU G 239 28.32 9.82 -16.93
CA GLU G 239 29.16 9.12 -15.98
C GLU G 239 30.00 8.04 -16.64
N VAL G 240 31.31 8.16 -16.44
CA VAL G 240 32.31 7.24 -16.94
C VAL G 240 32.69 6.29 -15.82
N ASP G 241 32.84 6.86 -14.64
CA ASP G 241 33.22 6.16 -13.42
C ASP G 241 32.55 6.91 -12.27
N ASN G 242 32.72 6.46 -11.01
CA ASN G 242 32.11 7.13 -9.83
C ASN G 242 32.68 8.54 -9.62
N LEU G 243 33.95 8.74 -10.02
CA LEU G 243 34.70 9.96 -9.90
C LEU G 243 34.85 10.67 -11.23
N THR G 244 34.30 10.12 -12.30
CA THR G 244 34.57 10.72 -13.60
C THR G 244 33.35 11.04 -14.40
N TYR G 245 33.26 12.32 -14.75
CA TYR G 245 32.10 12.78 -15.50
C TYR G 245 32.47 13.69 -16.62
N VAL G 246 31.61 13.71 -17.64
CA VAL G 246 31.75 14.63 -18.74
C VAL G 246 30.51 15.52 -18.87
N GLN G 247 30.74 16.82 -18.99
CA GLN G 247 29.66 17.79 -19.16
C GLN G 247 28.98 17.57 -20.51
N LEU G 248 27.65 17.56 -20.55
CA LEU G 248 27.00 17.37 -21.84
C LEU G 248 26.82 18.63 -22.64
N GLU G 249 26.83 18.44 -23.96
CA GLU G 249 26.53 19.49 -24.94
C GLU G 249 25.81 18.83 -26.09
N SER G 250 24.83 19.53 -26.65
CA SER G 250 23.95 19.06 -27.73
C SER G 250 24.63 18.73 -29.04
N ARG G 251 25.86 19.17 -29.22
CA ARG G 251 26.55 18.87 -30.46
C ARG G 251 27.18 17.48 -30.39
N PHE G 252 27.08 16.84 -29.23
CA PHE G 252 27.64 15.52 -29.06
C PHE G 252 26.59 14.45 -28.89
N THR G 253 26.54 13.59 -29.90
CA THR G 253 25.60 12.52 -30.01
C THR G 253 26.01 11.36 -29.13
N PRO G 254 25.10 10.39 -28.84
CA PRO G 254 25.41 9.18 -28.12
C PRO G 254 26.61 8.45 -28.70
N GLN G 255 26.81 8.49 -30.01
CA GLN G 255 27.94 7.77 -30.53
C GLN G 255 29.22 8.48 -30.12
N PHE G 256 29.22 9.79 -30.19
CA PHE G 256 30.39 10.53 -29.77
C PHE G 256 30.70 10.28 -28.34
N LEU G 257 29.69 10.41 -27.50
CA LEU G 257 29.85 10.33 -26.07
C LEU G 257 30.32 8.97 -25.65
N LEU G 258 29.81 7.92 -26.27
CA LEU G 258 30.21 6.60 -25.88
C LEU G 258 31.62 6.29 -26.35
N GLN G 259 32.00 6.79 -27.52
CA GLN G 259 33.36 6.59 -28.01
C GLN G 259 34.32 7.33 -27.08
N LEU G 260 33.88 8.50 -26.63
CA LEU G 260 34.66 9.29 -25.70
C LEU G 260 34.85 8.57 -24.37
N ASN G 261 33.75 7.98 -23.79
CA ASN G 261 33.75 7.27 -22.52
C ASN G 261 34.70 6.05 -22.57
N GLU G 262 34.75 5.31 -23.71
CA GLU G 262 35.64 4.17 -23.87
C GLU G 262 37.07 4.66 -23.94
N THR G 263 37.30 5.76 -24.62
CA THR G 263 38.65 6.28 -24.72
C THR G 263 39.17 6.70 -23.34
N ILE G 264 38.33 7.40 -22.58
CA ILE G 264 38.75 7.88 -21.27
C ILE G 264 38.99 6.70 -20.36
N TYR G 265 38.01 5.82 -20.32
CA TYR G 265 38.08 4.70 -19.42
C TYR G 265 39.27 3.82 -19.71
N ALA G 266 39.43 3.47 -20.99
CA ALA G 266 40.49 2.59 -21.45
C ALA G 266 41.87 3.20 -21.31
N SER G 267 42.00 4.50 -21.56
CA SER G 267 43.31 5.12 -21.45
C SER G 267 43.72 5.26 -20.00
N GLY G 268 42.70 5.35 -19.13
CA GLY G 268 42.90 5.43 -17.71
C GLY G 268 43.15 6.85 -17.23
N LYS G 269 43.05 7.81 -18.14
CA LYS G 269 43.34 9.19 -17.75
C LYS G 269 42.10 9.84 -17.16
N ARG G 270 41.81 9.43 -15.94
CA ARG G 270 40.65 9.85 -15.21
C ARG G 270 40.94 9.74 -13.74
N SER G 271 40.08 10.27 -12.88
CA SER G 271 40.35 10.14 -11.46
C SER G 271 40.39 8.71 -11.02
N ASN G 272 41.43 8.40 -10.26
CA ASN G 272 41.64 7.08 -9.72
C ASN G 272 41.74 7.04 -8.19
N THR G 273 41.27 8.09 -7.53
CA THR G 273 41.35 8.13 -6.07
C THR G 273 39.95 8.09 -5.50
N THR G 274 39.58 9.16 -4.80
CA THR G 274 38.27 9.30 -4.21
C THR G 274 37.63 10.62 -4.65
N GLY G 275 38.43 11.51 -5.25
CA GLY G 275 37.94 12.84 -5.64
C GLY G 275 37.33 12.87 -7.01
N LYS G 276 36.39 13.78 -7.22
CA LYS G 276 35.76 13.91 -8.53
C LYS G 276 36.61 14.73 -9.49
N LEU G 277 36.69 14.29 -10.74
CA LEU G 277 37.33 15.06 -11.79
C LEU G 277 36.32 15.17 -12.91
N ILE G 278 35.84 16.39 -13.18
CA ILE G 278 34.82 16.51 -14.21
C ILE G 278 35.33 17.28 -15.41
N TRP G 279 35.25 16.62 -16.53
CA TRP G 279 35.74 17.06 -17.79
C TRP G 279 34.73 17.82 -18.62
N LYS G 280 35.22 18.81 -19.34
CA LYS G 280 34.44 19.52 -20.29
C LYS G 280 34.98 19.19 -21.66
N VAL G 281 34.14 19.18 -22.66
CA VAL G 281 34.67 18.87 -23.97
C VAL G 281 35.18 20.16 -24.58
N ASN G 282 36.39 20.10 -25.14
CA ASN G 282 37.02 21.23 -25.77
C ASN G 282 36.07 21.86 -26.78
N PRO G 283 36.00 23.21 -26.88
CA PRO G 283 35.18 23.94 -27.83
C PRO G 283 35.28 23.52 -29.31
N GLU G 284 36.43 22.97 -29.79
CA GLU G 284 36.62 22.54 -31.19
C GLU G 284 36.16 21.05 -31.33
N VAL H 43 -6.81 13.25 -49.50
CA VAL H 43 -5.83 12.38 -48.84
C VAL H 43 -5.08 13.20 -47.77
N ILE H 44 -4.16 12.56 -47.00
CA ILE H 44 -3.35 13.24 -45.96
C ILE H 44 -1.98 13.66 -46.48
N VAL H 45 -1.65 14.94 -46.30
CA VAL H 45 -0.38 15.47 -46.74
C VAL H 45 0.46 15.92 -45.57
N ASN H 46 1.66 15.37 -45.49
CA ASN H 46 2.63 15.70 -44.45
C ASN H 46 3.22 17.07 -44.72
N ALA H 47 3.17 17.95 -43.72
CA ALA H 47 3.66 19.31 -43.88
C ALA H 47 4.37 19.80 -42.62
N GLN H 48 5.49 19.18 -42.30
CA GLN H 48 6.26 19.49 -41.10
C GLN H 48 7.71 19.58 -41.58
N PRO H 49 8.65 20.21 -40.85
CA PRO H 49 10.05 20.39 -41.25
C PRO H 49 10.80 19.17 -41.77
N LYS H 50 10.55 17.99 -41.21
CA LYS H 50 11.22 16.80 -41.72
C LYS H 50 10.38 15.58 -41.42
N CYS H 51 10.66 14.44 -42.10
CA CYS H 51 9.96 13.17 -41.96
C CYS H 51 10.93 12.01 -42.13
N ASN H 52 10.84 11.05 -41.22
CA ASN H 52 11.59 9.83 -41.33
C ASN H 52 10.81 8.80 -42.20
N PRO H 53 11.32 8.44 -43.40
CA PRO H 53 10.66 7.61 -44.38
C PRO H 53 10.85 6.11 -44.15
N ASN H 54 11.35 5.70 -43.00
CA ASN H 54 11.55 4.27 -42.79
C ASN H 54 10.97 3.81 -41.48
N LEU H 55 10.42 2.60 -41.50
CA LEU H 55 9.99 2.04 -40.25
C LEU H 55 10.81 0.87 -39.84
N HIS H 56 11.04 0.78 -38.56
CA HIS H 56 11.56 -0.40 -37.93
C HIS H 56 10.42 -0.63 -37.00
N TYR H 57 9.68 -1.66 -37.31
CA TYR H 57 8.42 -1.95 -36.71
C TYR H 57 8.39 -3.13 -35.80
N TRP H 58 7.64 -3.01 -34.72
CA TRP H 58 7.41 -4.13 -33.82
C TRP H 58 5.94 -4.30 -33.44
N THR H 59 5.61 -5.55 -33.12
CA THR H 59 4.30 -5.94 -32.55
C THR H 59 4.47 -7.31 -31.92
N THR H 60 3.39 -7.98 -31.54
CA THR H 60 3.51 -9.29 -30.93
C THR H 60 2.70 -10.36 -31.62
N GLN H 61 3.19 -11.59 -31.47
CA GLN H 61 2.56 -12.83 -31.90
C GLN H 61 2.84 -13.92 -30.87
N ALA H 66 1.96 -14.92 -30.80
CA ALA H 66 2.25 -16.05 -29.94
C ALA H 66 1.77 -17.31 -30.65
N ILE H 67 2.61 -18.35 -30.60
CA ILE H 67 2.33 -19.62 -31.23
C ILE H 67 3.10 -20.75 -30.54
N GLY H 68 2.54 -21.96 -30.54
CA GLY H 68 3.25 -23.12 -29.99
C GLY H 68 3.04 -23.27 -28.48
N LEU H 69 3.98 -24.00 -27.83
CA LEU H 69 3.90 -24.41 -26.42
C LEU H 69 4.01 -23.25 -25.47
N ALA H 70 4.36 -22.10 -26.03
CA ALA H 70 4.47 -20.86 -25.32
C ALA H 70 3.15 -20.53 -24.67
N TRP H 71 2.05 -21.11 -25.18
CA TRP H 71 0.72 -20.88 -24.64
C TRP H 71 0.71 -21.18 -23.16
N ILE H 72 1.62 -22.03 -22.69
CA ILE H 72 1.68 -22.33 -21.30
C ILE H 72 2.70 -21.34 -20.75
N PRO H 73 2.30 -20.39 -19.89
CA PRO H 73 3.14 -19.31 -19.42
C PRO H 73 4.36 -19.70 -18.61
N TYR H 74 4.38 -20.87 -17.97
CA TYR H 74 5.58 -21.21 -17.23
C TYR H 74 6.65 -21.64 -18.22
N PHE H 75 6.19 -22.14 -19.36
CA PHE H 75 7.01 -22.74 -20.37
C PHE H 75 7.57 -21.70 -21.31
N GLY H 76 6.70 -20.80 -21.75
CA GLY H 76 7.06 -19.83 -22.74
C GLY H 76 7.99 -18.75 -22.19
N PRO H 77 8.48 -17.87 -23.07
CA PRO H 77 9.37 -16.76 -22.80
C PRO H 77 8.69 -15.60 -22.10
N ALA H 78 9.50 -14.74 -21.52
CA ALA H 78 8.99 -13.47 -20.99
C ALA H 78 8.50 -12.67 -22.17
N ALA H 79 7.53 -11.79 -21.92
CA ALA H 79 6.85 -11.01 -22.95
C ALA H 79 7.78 -10.20 -23.85
N GLU H 80 8.93 -9.75 -23.38
CA GLU H 80 9.77 -8.96 -24.27
C GLU H 80 10.24 -9.78 -25.48
N GLY H 81 10.15 -11.12 -25.38
CA GLY H 81 10.54 -12.05 -26.40
C GLY H 81 9.40 -12.48 -27.34
N ILE H 82 8.18 -11.93 -27.18
CA ILE H 82 7.10 -12.37 -28.07
C ILE H 82 6.88 -11.34 -29.15
N TYR H 83 7.80 -10.41 -29.20
CA TYR H 83 7.73 -9.36 -30.18
C TYR H 83 8.37 -9.77 -31.49
N THR H 84 7.66 -9.45 -32.55
CA THR H 84 8.08 -9.69 -33.90
C THR H 84 8.58 -8.39 -34.45
N GLU H 85 9.35 -8.44 -35.53
CA GLU H 85 9.86 -7.20 -36.10
C GLU H 85 10.20 -7.27 -37.58
N GLY H 86 10.29 -6.08 -38.20
CA GLY H 86 10.75 -5.97 -39.59
C GLY H 86 10.76 -4.54 -40.11
N LEU H 87 11.22 -4.36 -41.36
CA LEU H 87 11.30 -3.02 -41.93
C LEU H 87 10.25 -2.79 -43.00
N MET H 88 9.84 -1.53 -43.11
CA MET H 88 8.91 -1.07 -44.14
C MET H 88 9.35 0.27 -44.72
N HIS H 89 9.05 0.52 -45.99
CA HIS H 89 9.42 1.80 -46.58
C HIS H 89 8.24 2.69 -46.89
N ASN H 90 8.52 3.93 -47.35
CA ASN H 90 7.48 4.94 -47.59
C ASN H 90 6.88 4.76 -48.96
N GLN H 91 6.26 3.60 -49.15
CA GLN H 91 5.70 3.28 -50.43
C GLN H 91 4.61 4.25 -50.69
N ASP H 92 4.71 4.94 -51.81
CA ASP H 92 3.73 5.91 -52.22
C ASP H 92 3.32 6.91 -51.14
N GLY H 93 4.29 7.34 -50.31
CA GLY H 93 4.01 8.38 -49.32
C GLY H 93 3.29 7.91 -48.06
N LEU H 94 3.07 6.61 -47.90
CA LEU H 94 2.31 6.14 -46.77
C LEU H 94 2.92 6.42 -45.39
N ILE H 95 4.23 6.30 -45.22
CA ILE H 95 4.77 6.52 -43.88
C ILE H 95 4.63 7.95 -43.41
N CYS H 96 4.96 8.93 -44.28
CA CYS H 96 4.88 10.34 -43.93
C CYS H 96 3.43 10.73 -43.71
N GLY H 97 2.53 10.16 -44.51
CA GLY H 97 1.14 10.46 -44.30
C GLY H 97 0.71 9.95 -42.93
N LEU H 98 1.19 8.76 -42.52
CA LEU H 98 0.82 8.22 -41.22
C LEU H 98 1.35 9.07 -40.11
N ARG H 99 2.56 9.59 -40.27
CA ARG H 99 3.09 10.42 -39.22
C ARG H 99 2.23 11.66 -39.06
N GLN H 100 1.80 12.25 -40.18
CA GLN H 100 1.00 13.43 -40.08
C GLN H 100 -0.35 13.12 -39.46
N LEU H 101 -0.93 11.95 -39.79
CA LEU H 101 -2.23 11.66 -39.21
C LEU H 101 -2.12 11.51 -37.72
N ALA H 102 -1.08 10.81 -37.26
CA ALA H 102 -0.96 10.62 -35.83
C ALA H 102 -0.81 11.95 -35.09
N ASN H 103 -0.07 12.93 -35.68
CA ASN H 103 0.16 14.26 -35.13
C ASN H 103 -1.15 15.08 -35.04
N GLU H 104 -2.02 15.00 -36.08
CA GLU H 104 -3.32 15.68 -36.14
C GLU H 104 -4.33 15.04 -35.20
N THR H 105 -4.24 13.73 -35.07
CA THR H 105 -5.15 12.94 -34.27
C THR H 105 -4.87 13.08 -32.79
N THR H 106 -3.62 13.38 -32.42
CA THR H 106 -3.27 13.53 -31.03
C THR H 106 -4.14 14.55 -30.33
N GLN H 107 -4.44 15.69 -30.98
CA GLN H 107 -5.31 16.65 -30.33
C GLN H 107 -6.69 16.11 -30.04
N ALA H 108 -7.29 15.41 -31.00
CA ALA H 108 -8.61 14.86 -30.78
C ALA H 108 -8.60 13.86 -29.66
N LEU H 109 -7.51 13.09 -29.59
CA LEU H 109 -7.39 12.08 -28.58
C LEU H 109 -7.34 12.68 -27.22
N GLN H 110 -6.54 13.70 -27.01
CA GLN H 110 -6.50 14.20 -25.68
C GLN H 110 -7.75 14.97 -25.31
N LEU H 111 -8.41 15.66 -26.24
CA LEU H 111 -9.62 16.35 -25.82
C LEU H 111 -10.65 15.31 -25.38
N PHE H 112 -10.69 14.19 -26.11
CA PHE H 112 -11.53 13.07 -25.79
C PHE H 112 -11.24 12.53 -24.41
N LEU H 113 -9.98 12.28 -24.13
CA LEU H 113 -9.61 11.74 -22.85
C LEU H 113 -9.90 12.71 -21.73
N ARG H 114 -9.73 14.01 -21.95
CA ARG H 114 -9.99 14.97 -20.88
C ARG H 114 -11.43 14.82 -20.40
N ALA H 115 -12.32 14.54 -21.33
CA ALA H 115 -13.73 14.40 -21.04
C ALA H 115 -14.15 13.04 -20.45
N THR H 116 -13.25 12.07 -20.30
CA THR H 116 -13.67 10.77 -19.73
C THR H 116 -13.33 10.65 -18.26
N THR H 117 -13.74 9.52 -17.68
CA THR H 117 -13.52 9.19 -16.29
C THR H 117 -12.56 8.05 -16.09
N GLU H 118 -12.32 7.28 -17.15
CA GLU H 118 -11.47 6.12 -17.04
C GLU H 118 -10.01 6.48 -17.14
N LEU H 119 -9.20 5.87 -16.28
CA LEU H 119 -7.75 6.05 -16.39
C LEU H 119 -7.25 5.30 -17.59
N ARG H 120 -7.80 4.12 -17.78
CA ARG H 120 -7.39 3.23 -18.85
C ARG H 120 -8.47 3.10 -19.87
N THR H 121 -8.36 3.87 -20.95
CA THR H 121 -9.42 3.83 -21.95
C THR H 121 -8.91 3.07 -23.12
N PHE H 122 -9.29 1.80 -23.20
CA PHE H 122 -8.76 0.91 -24.21
C PHE H 122 -9.87 0.48 -25.16
N SER H 123 -10.95 1.23 -25.13
CA SER H 123 -12.16 0.97 -25.89
C SER H 123 -12.41 1.85 -27.11
N ILE H 124 -11.44 2.67 -27.51
CA ILE H 124 -11.70 3.58 -28.61
C ILE H 124 -12.00 2.87 -29.90
N LEU H 125 -11.22 1.86 -30.24
CA LEU H 125 -11.50 1.19 -31.49
C LEU H 125 -12.71 0.29 -31.40
N ASN H 126 -13.11 -0.14 -30.19
CA ASN H 126 -14.32 -0.95 -30.13
C ASN H 126 -15.50 -0.04 -30.40
N ARG H 127 -15.42 1.20 -29.91
CA ARG H 127 -16.48 2.15 -30.15
C ARG H 127 -16.53 2.45 -31.63
N LYS H 128 -15.36 2.53 -32.26
CA LYS H 128 -15.36 2.82 -33.67
C LYS H 128 -15.97 1.70 -34.47
N ALA H 129 -15.71 0.46 -34.09
CA ALA H 129 -16.31 -0.64 -34.82
C ALA H 129 -17.83 -0.60 -34.69
N ILE H 130 -18.32 -0.23 -33.51
CA ILE H 130 -19.75 -0.17 -33.33
C ILE H 130 -20.33 0.91 -34.19
N ASP H 131 -19.72 2.09 -34.19
CA ASP H 131 -20.22 3.18 -35.01
C ASP H 131 -20.09 2.83 -36.48
N PHE H 132 -19.07 2.11 -36.87
CA PHE H 132 -18.95 1.80 -38.27
C PHE H 132 -20.20 1.12 -38.77
N LEU H 133 -20.66 0.12 -38.05
CA LEU H 133 -21.86 -0.54 -38.50
C LEU H 133 -23.10 0.28 -38.22
N LEU H 134 -23.16 0.92 -37.08
CA LEU H 134 -24.36 1.65 -36.66
C LEU H 134 -24.65 2.79 -37.63
N GLN H 135 -23.60 3.40 -38.15
CA GLN H 135 -23.63 4.49 -39.09
C GLN H 135 -24.46 4.14 -40.32
N ARG H 136 -24.46 2.88 -40.71
CA ARG H 136 -25.20 2.47 -41.90
C ARG H 136 -26.40 1.57 -41.57
N TRP H 137 -26.32 0.84 -40.45
CA TRP H 137 -27.37 -0.12 -40.05
C TRP H 137 -28.34 0.26 -38.89
N GLY H 138 -28.25 1.49 -38.34
CA GLY H 138 -29.11 2.03 -37.27
C GLY H 138 -30.64 1.99 -37.48
N GLN I 19 -13.16 22.68 34.38
CA GLN I 19 -13.51 23.88 33.63
C GLN I 19 -13.53 25.09 34.57
N THR I 20 -12.52 26.02 34.43
CA THR I 20 -12.32 27.27 35.23
C THR I 20 -12.79 27.16 36.68
N VAL I 21 -12.22 26.18 37.37
CA VAL I 21 -12.65 25.88 38.71
C VAL I 21 -11.94 26.82 39.64
N MET I 22 -12.71 27.53 40.47
CA MET I 22 -12.08 28.49 41.33
C MET I 22 -12.26 28.24 42.80
N THR I 23 -11.17 28.45 43.51
CA THR I 23 -11.15 28.35 44.96
C THR I 23 -10.77 29.68 45.54
N GLN I 24 -11.62 30.20 46.40
CA GLN I 24 -11.34 31.48 46.98
C GLN I 24 -10.57 31.24 48.26
N SER I 25 -9.55 32.07 48.51
CA SER I 25 -8.75 31.94 49.72
C SER I 25 -8.24 33.30 50.23
N PRO I 26 -8.52 33.64 51.50
CA PRO I 26 -9.27 32.96 52.54
C PRO I 26 -10.72 32.81 52.14
N GLY I 27 -11.40 31.76 52.64
CA GLY I 27 -12.83 31.56 52.41
C GLY I 27 -13.64 32.43 53.37
N THR I 28 -12.91 32.98 54.32
CA THR I 28 -13.43 33.90 55.31
C THR I 28 -12.28 34.74 55.85
N LEU I 29 -12.59 35.99 56.11
CA LEU I 29 -11.68 36.94 56.71
C LEU I 29 -12.30 37.51 57.97
N SER I 30 -11.49 37.86 58.97
CA SER I 30 -12.07 38.48 60.16
C SER I 30 -11.25 39.68 60.57
N LEU I 31 -11.82 40.86 60.31
CA LEU I 31 -11.12 42.13 60.56
C LEU I 31 -11.96 43.14 61.28
N SER I 32 -11.34 43.99 62.08
CA SER I 32 -12.06 45.10 62.68
C SER I 32 -12.31 46.09 61.54
N PRO I 33 -13.43 46.81 61.47
CA PRO I 33 -13.64 47.82 60.46
C PRO I 33 -12.49 48.81 60.54
N GLY I 34 -12.01 49.23 59.39
CA GLY I 34 -10.89 50.16 59.27
C GLY I 34 -9.56 49.48 58.96
N GLU I 35 -9.50 48.16 59.08
CA GLU I 35 -8.28 47.41 58.78
C GLU I 35 -8.17 47.10 57.29
N ARG I 36 -6.95 46.88 56.82
CA ARG I 36 -6.64 46.50 55.44
C ARG I 36 -6.90 45.02 55.14
N ALA I 37 -7.50 44.70 54.00
CA ALA I 37 -7.71 43.28 53.70
C ALA I 37 -7.49 42.91 52.24
N THR I 38 -7.02 41.69 52.03
CA THR I 38 -6.85 41.15 50.69
C THR I 38 -7.47 39.76 50.57
N LEU I 39 -7.92 39.46 49.37
CA LEU I 39 -8.49 38.19 48.96
C LEU I 39 -8.05 37.76 47.59
N SER I 40 -7.68 36.50 47.42
CA SER I 40 -7.35 36.09 46.09
C SER I 40 -8.06 34.79 45.76
N CYS I 41 -8.17 34.48 44.45
CA CYS I 41 -8.75 33.27 43.93
C CYS I 41 -7.77 32.57 43.00
N GLY I 42 -7.67 31.27 43.18
CA GLY I 42 -6.87 30.48 42.29
C GLY I 42 -7.80 29.82 41.32
N VAL I 43 -7.35 29.64 40.09
CA VAL I 43 -8.16 28.94 39.12
C VAL I 43 -7.39 27.79 38.50
N SER I 44 -8.09 26.69 38.21
CA SER I 44 -7.49 25.49 37.62
C SER I 44 -6.89 25.66 36.22
N GLN I 45 -7.28 26.71 35.53
CA GLN I 45 -6.78 27.01 34.20
C GLN I 45 -6.64 28.50 34.07
N SER I 46 -5.78 28.96 33.19
CA SER I 46 -5.71 30.39 33.00
C SER I 46 -7.01 30.95 32.44
N ILE I 47 -7.34 32.15 32.92
CA ILE I 47 -8.47 32.92 32.45
C ILE I 47 -7.88 34.25 32.01
N SER I 48 -8.19 34.73 30.82
CA SER I 48 -7.63 36.01 30.46
C SER I 48 -8.19 36.97 31.50
N SER I 49 -7.45 37.98 31.90
CA SER I 49 -8.01 38.85 32.93
C SER I 49 -9.29 39.51 32.46
N THR I 50 -9.43 39.68 31.14
CA THR I 50 -10.57 40.30 30.51
C THR I 50 -11.85 39.46 30.57
N TYR I 51 -11.72 38.20 30.96
CA TYR I 51 -12.87 37.32 31.06
C TYR I 51 -13.20 37.00 32.50
N PHE I 52 -12.61 37.76 33.42
CA PHE I 52 -12.80 37.58 34.85
C PHE I 52 -13.31 38.83 35.61
N ALA I 53 -14.23 38.64 36.56
CA ALA I 53 -14.72 39.76 37.38
C ALA I 53 -14.92 39.42 38.85
N TRP I 54 -14.84 40.48 39.66
CA TRP I 54 -15.11 40.40 41.10
C TRP I 54 -16.46 40.99 41.45
N TYR I 55 -17.14 40.39 42.45
CA TYR I 55 -18.42 40.85 43.02
C TYR I 55 -18.42 41.00 44.54
N GLN I 56 -19.28 41.89 45.04
CA GLN I 56 -19.57 42.06 46.48
C GLN I 56 -21.03 41.74 46.80
N GLN I 57 -21.29 40.67 47.56
CA GLN I 57 -22.65 40.28 47.92
C GLN I 57 -23.04 40.61 49.34
N LYS I 58 -24.04 41.46 49.44
CA LYS I 58 -24.55 41.88 50.73
C LYS I 58 -25.57 40.86 51.17
N VAL I 59 -25.81 40.76 52.45
CA VAL I 59 -26.70 39.71 52.86
C VAL I 59 -28.12 39.95 52.41
N GLY I 60 -28.67 38.92 51.75
CA GLY I 60 -30.04 38.93 51.24
C GLY I 60 -30.15 39.61 49.89
N GLN I 61 -29.03 40.07 49.33
CA GLN I 61 -29.05 40.79 48.08
C GLN I 61 -28.36 40.06 46.94
N ALA I 62 -28.74 40.38 45.72
CA ALA I 62 -28.01 39.89 44.57
C ALA I 62 -26.62 40.53 44.66
N PRO I 63 -25.55 39.89 44.21
CA PRO I 63 -24.19 40.40 44.24
C PRO I 63 -23.99 41.58 43.32
N ARG I 64 -23.16 42.51 43.75
CA ARG I 64 -22.83 43.68 42.94
C ARG I 64 -21.49 43.55 42.25
N LEU I 65 -21.43 43.84 40.95
CA LEU I 65 -20.17 43.74 40.23
C LEU I 65 -19.25 44.83 40.78
N LEU I 66 -18.04 44.45 41.13
CA LEU I 66 -17.03 45.39 41.61
C LEU I 66 -15.99 45.69 40.56
N ILE I 67 -15.38 44.63 40.01
CA ILE I 67 -14.27 44.82 39.11
C ILE I 67 -14.36 44.07 37.78
N TYR I 68 -14.19 44.81 36.68
CA TYR I 68 -14.22 44.28 35.32
C TYR I 68 -12.85 43.96 34.76
N GLY I 69 -12.72 42.80 34.15
CA GLY I 69 -11.46 42.45 33.52
C GLY I 69 -10.39 42.26 34.58
N ALA I 70 -10.83 41.89 35.76
CA ALA I 70 -10.04 41.74 36.95
C ALA I 70 -9.30 43.02 37.38
N SER I 71 -9.64 44.20 36.83
CA SER I 71 -8.95 45.44 37.27
C SER I 71 -9.77 46.75 37.26
N ASN I 72 -10.80 46.86 36.43
CA ASN I 72 -11.52 48.11 36.25
C ASN I 72 -12.73 48.30 37.14
N ARG I 73 -12.71 49.32 37.96
CA ARG I 73 -13.85 49.49 38.86
C ARG I 73 -15.16 49.69 38.09
N ALA I 74 -16.18 49.00 38.57
CA ALA I 74 -17.52 49.04 38.07
C ALA I 74 -18.16 50.35 38.46
N SER I 75 -19.23 50.71 37.79
CA SER I 75 -19.86 51.95 38.10
C SER I 75 -20.31 52.00 39.55
N GLY I 76 -20.03 53.12 40.18
CA GLY I 76 -20.45 53.36 41.54
C GLY I 76 -19.54 52.70 42.58
N ILE I 77 -18.42 52.14 42.15
CA ILE I 77 -17.51 51.46 43.05
C ILE I 77 -16.42 52.39 43.57
N PRO I 78 -16.29 52.53 44.91
CA PRO I 78 -15.30 53.35 45.59
C PRO I 78 -13.88 52.96 45.27
N ASP I 79 -13.00 53.94 45.33
CA ASP I 79 -11.58 53.82 45.02
C ASP I 79 -10.81 52.97 46.01
N ARG I 80 -11.43 52.68 47.14
CA ARG I 80 -10.81 51.82 48.12
C ARG I 80 -10.72 50.40 47.59
N PHE I 81 -11.51 50.07 46.55
CA PHE I 81 -11.50 48.75 45.96
C PHE I 81 -10.55 48.71 44.78
N SER I 82 -9.70 47.70 44.74
CA SER I 82 -8.78 47.56 43.63
C SER I 82 -8.39 46.13 43.46
N GLY I 83 -7.75 45.82 42.34
CA GLY I 83 -7.30 44.47 42.11
C GLY I 83 -6.64 44.34 40.77
N SER I 84 -6.11 43.15 40.51
CA SER I 84 -5.43 42.84 39.27
C SER I 84 -5.36 41.33 39.06
N ALA I 85 -5.02 40.91 37.84
CA ALA I 85 -4.85 39.48 37.62
C ALA I 85 -4.05 39.11 36.40
N SER I 86 -3.51 37.91 36.46
CA SER I 86 -2.88 37.28 35.31
C SER I 86 -2.88 35.77 35.50
N GLY I 87 -2.84 35.01 34.41
CA GLY I 87 -2.71 33.57 34.56
C GLY I 87 -3.86 32.98 35.36
N THR I 88 -3.48 32.34 36.46
CA THR I 88 -4.37 31.67 37.37
C THR I 88 -4.49 32.39 38.72
N ASP I 89 -3.91 33.60 38.81
CA ASP I 89 -3.84 34.41 40.04
C ASP I 89 -4.69 35.69 40.03
N PHE I 90 -5.84 35.65 40.73
CA PHE I 90 -6.78 36.78 40.75
C PHE I 90 -6.85 37.44 42.12
N THR I 91 -6.49 38.73 42.25
CA THR I 91 -6.51 39.36 43.58
C THR I 91 -7.33 40.66 43.71
N LEU I 92 -8.11 40.68 44.79
CA LEU I 92 -8.95 41.79 45.26
C LEU I 92 -8.43 42.38 46.55
N THR I 93 -8.45 43.68 46.66
CA THR I 93 -8.12 44.28 47.92
C THR I 93 -8.98 45.48 48.24
N ILE I 94 -9.13 45.72 49.53
CA ILE I 94 -9.81 46.90 50.02
C ILE I 94 -8.81 47.62 50.92
N SER I 95 -8.55 48.90 50.65
CA SER I 95 -7.55 49.63 51.45
C SER I 95 -7.91 49.76 52.93
N ARG I 96 -9.20 49.85 53.22
CA ARG I 96 -9.79 49.93 54.54
C ARG I 96 -11.12 49.24 54.43
N VAL I 97 -11.41 48.25 55.25
CA VAL I 97 -12.69 47.61 55.10
C VAL I 97 -13.71 48.39 55.93
N GLU I 98 -14.73 48.91 55.30
CA GLU I 98 -15.71 49.68 56.02
C GLU I 98 -16.77 48.72 56.56
N PRO I 99 -17.56 49.04 57.59
CA PRO I 99 -18.63 48.18 58.08
C PRO I 99 -19.53 47.67 56.94
N GLU I 100 -19.74 48.51 55.94
CA GLU I 100 -20.57 48.22 54.79
C GLU I 100 -19.95 47.21 53.82
N ASP I 101 -18.66 46.93 53.98
CA ASP I 101 -17.92 46.04 53.12
C ASP I 101 -17.79 44.64 53.69
N PHE I 102 -18.41 44.34 54.81
CA PHE I 102 -18.25 42.98 55.35
C PHE I 102 -19.27 42.02 54.70
N ALA I 103 -19.00 41.79 53.42
CA ALA I 103 -19.77 41.09 52.39
C ALA I 103 -19.13 39.80 51.93
N VAL I 104 -19.89 39.02 51.15
CA VAL I 104 -19.31 37.83 50.57
C VAL I 104 -18.80 38.19 49.20
N TYR I 105 -17.54 37.97 48.97
CA TYR I 105 -17.00 38.36 47.71
C TYR I 105 -16.90 37.18 46.79
N TYR I 106 -17.15 37.41 45.52
CA TYR I 106 -17.08 36.32 44.57
C TYR I 106 -16.20 36.57 43.36
N CYS I 107 -15.59 35.48 42.89
CA CYS I 107 -14.81 35.37 41.65
C CYS I 107 -15.64 34.73 40.55
N GLN I 108 -15.78 35.45 39.42
CA GLN I 108 -16.54 34.96 38.27
C GLN I 108 -15.78 34.88 36.96
N GLN I 109 -15.95 33.75 36.31
CA GLN I 109 -15.47 33.56 34.95
C GLN I 109 -16.67 33.73 34.04
N TYR I 110 -16.58 34.58 33.03
CA TYR I 110 -17.72 34.79 32.12
C TYR I 110 -17.47 34.71 30.62
N GLY I 111 -16.29 34.31 30.16
CA GLY I 111 -16.03 34.31 28.73
C GLY I 111 -16.75 33.18 27.97
N SER I 112 -17.09 32.10 28.68
CA SER I 112 -17.78 30.95 28.11
C SER I 112 -18.85 30.52 29.07
N SER I 113 -19.14 29.23 29.14
CA SER I 113 -20.13 28.82 30.11
C SER I 113 -19.46 29.35 31.39
N PRO I 114 -20.13 30.20 32.19
CA PRO I 114 -19.61 30.86 33.35
C PRO I 114 -19.48 29.97 34.54
N THR I 115 -18.56 30.34 35.42
CA THR I 115 -18.39 29.67 36.70
C THR I 115 -18.13 30.66 37.83
N PHE I 116 -18.38 30.21 39.06
CA PHE I 116 -18.09 31.01 40.24
C PHE I 116 -17.30 30.23 41.27
N GLY I 117 -16.54 30.95 42.09
CA GLY I 117 -15.86 30.34 43.24
C GLY I 117 -16.91 30.16 44.35
N GLN I 118 -16.53 29.61 45.51
CA GLN I 118 -17.53 29.36 46.55
C GLN I 118 -17.99 30.62 47.29
N GLY I 119 -17.22 31.67 47.18
CA GLY I 119 -17.49 32.93 47.86
C GLY I 119 -16.72 33.08 49.18
N THR I 120 -16.28 34.30 49.47
CA THR I 120 -15.55 34.57 50.70
C THR I 120 -16.20 35.58 51.60
N ARG I 121 -16.48 35.19 52.83
CA ARG I 121 -17.12 36.17 53.70
C ARG I 121 -16.15 36.96 54.52
N LEU I 122 -16.27 38.26 54.42
CA LEU I 122 -15.50 39.15 55.24
C LEU I 122 -16.35 39.54 56.42
N GLU I 123 -15.98 39.04 57.60
CA GLU I 123 -16.71 39.22 58.87
C GLU I 123 -16.05 40.25 59.77
N ILE I 124 -16.86 40.83 60.67
CA ILE I 124 -16.42 41.83 61.62
C ILE I 124 -15.80 41.25 62.91
N LYS I 125 -14.56 41.69 63.23
CA LYS I 125 -13.76 41.31 64.41
C LYS I 125 -13.79 42.47 65.44
N GLN J 20 -29.81 52.01 34.63
CA GLN J 20 -29.82 50.65 35.17
C GLN J 20 -31.15 50.00 34.74
N VAL J 21 -31.08 48.95 33.89
CA VAL J 21 -32.22 48.22 33.31
C VAL J 21 -32.68 47.22 34.40
N GLN J 22 -33.97 47.16 34.65
CA GLN J 22 -34.52 46.33 35.71
C GLN J 22 -35.04 44.96 35.29
N LEU J 23 -35.05 44.06 36.27
CA LEU J 23 -35.60 42.70 36.18
C LEU J 23 -36.60 42.52 37.31
N VAL J 24 -37.85 42.20 36.99
CA VAL J 24 -38.89 42.06 38.01
C VAL J 24 -39.44 40.64 38.12
N GLN J 25 -39.38 40.07 39.32
CA GLN J 25 -39.81 38.68 39.50
C GLN J 25 -41.00 38.46 40.42
N SER J 26 -41.63 37.32 40.24
CA SER J 26 -42.75 36.86 41.06
C SER J 26 -42.30 36.43 42.45
N GLY J 27 -43.26 36.26 43.36
CA GLY J 27 -42.95 35.85 44.72
C GLY J 27 -42.77 34.34 44.88
N ALA J 28 -42.57 33.92 46.12
CA ALA J 28 -42.29 32.54 46.48
C ALA J 28 -43.44 31.58 46.20
N GLU J 29 -43.08 30.35 45.83
CA GLU J 29 -44.06 29.29 45.58
C GLU J 29 -43.58 27.94 46.10
N VAL J 30 -44.52 27.17 46.67
CA VAL J 30 -44.22 25.83 47.19
C VAL J 30 -44.73 24.75 46.26
N LYS J 31 -43.83 23.83 45.91
CA LYS J 31 -44.08 22.71 45.03
C LYS J 31 -43.89 21.38 45.69
N LYS J 32 -44.55 20.37 45.14
CA LYS J 32 -44.39 19.03 45.64
C LYS J 32 -43.33 18.31 44.80
N PRO J 33 -42.60 17.35 45.35
CA PRO J 33 -41.60 16.60 44.62
C PRO J 33 -42.21 15.95 43.39
N GLY J 34 -41.45 16.02 42.30
CA GLY J 34 -41.80 15.45 41.00
C GLY J 34 -42.44 16.46 40.05
N SER J 35 -42.84 17.62 40.57
CA SER J 35 -43.49 18.64 39.74
C SER J 35 -42.51 19.63 39.11
N SER J 36 -43.05 20.77 38.65
CA SER J 36 -42.23 21.78 38.01
C SER J 36 -42.72 23.16 38.37
N VAL J 37 -41.80 24.10 38.28
CA VAL J 37 -42.12 25.50 38.53
C VAL J 37 -41.71 26.37 37.38
N LYS J 38 -42.58 27.27 37.03
CA LYS J 38 -42.24 28.22 36.01
C LYS J 38 -41.99 29.53 36.69
N VAL J 39 -40.87 30.13 36.38
CA VAL J 39 -40.49 31.40 36.94
C VAL J 39 -40.21 32.35 35.80
N SER J 40 -40.26 33.64 36.09
CA SER J 40 -39.99 34.59 35.04
C SER J 40 -39.46 35.90 35.58
N CYS J 41 -38.84 36.73 34.70
CA CYS J 41 -38.35 38.06 35.01
C CYS J 41 -38.81 39.05 33.93
N LYS J 42 -39.51 40.08 34.33
CA LYS J 42 -39.90 41.04 33.33
C LYS J 42 -38.80 42.04 33.17
N ALA J 43 -38.36 42.24 31.95
CA ALA J 43 -37.30 43.21 31.70
C ALA J 43 -37.92 44.55 31.38
N SER J 44 -37.40 45.60 31.98
CA SER J 44 -37.90 46.93 31.67
C SER J 44 -36.84 47.99 31.86
N GLY J 45 -36.99 49.10 31.16
CA GLY J 45 -36.01 50.19 31.27
C GLY J 45 -34.85 50.02 30.28
N GLY J 46 -34.98 49.07 29.36
CA GLY J 46 -33.94 48.79 28.38
C GLY J 46 -34.34 47.72 27.37
N THR J 47 -33.40 47.35 26.52
CA THR J 47 -33.63 46.42 25.43
C THR J 47 -33.72 44.96 25.92
N PHE J 48 -34.66 44.21 25.37
CA PHE J 48 -34.75 42.79 25.66
C PHE J 48 -33.82 42.02 24.71
N ILE J 49 -33.87 42.38 23.46
CA ILE J 49 -33.15 41.71 22.41
C ILE J 49 -31.62 41.73 22.55
N ASP J 50 -31.07 42.86 22.98
CA ASP J 50 -29.64 43.12 23.09
C ASP J 50 -28.91 42.38 24.20
N TYR J 51 -29.62 41.82 25.17
CA TYR J 51 -28.90 41.25 26.30
C TYR J 51 -29.09 39.80 26.52
N THR J 52 -28.11 39.20 27.19
CA THR J 52 -28.30 37.83 27.58
C THR J 52 -29.01 37.87 28.89
N TYR J 53 -30.03 37.08 29.00
CA TYR J 53 -30.72 36.93 30.23
C TYR J 53 -30.34 35.57 30.79
N ASN J 54 -29.61 35.60 31.88
CA ASN J 54 -29.08 34.41 32.48
C ASN J 54 -29.81 34.03 33.74
N TRP J 55 -30.13 32.76 33.86
CA TRP J 55 -30.71 32.25 35.07
C TRP J 55 -29.64 31.65 35.93
N VAL J 56 -29.68 32.01 37.19
CA VAL J 56 -28.75 31.54 38.19
C VAL J 56 -29.54 31.04 39.41
N ARG J 57 -28.88 30.23 40.24
CA ARG J 57 -29.47 29.69 41.46
C ARG J 57 -28.62 29.87 42.70
N GLN J 58 -29.24 30.31 43.79
CA GLN J 58 -28.51 30.39 45.05
C GLN J 58 -29.32 29.97 46.26
N ALA J 59 -28.95 28.84 46.83
CA ALA J 59 -29.59 28.40 48.04
C ALA J 59 -28.78 29.05 49.15
N PRO J 60 -29.34 29.38 50.30
CA PRO J 60 -28.59 29.95 51.40
C PRO J 60 -27.46 29.03 51.78
N GLY J 61 -26.28 29.61 51.93
CA GLY J 61 -25.10 28.86 52.36
C GLY J 61 -24.39 28.10 51.25
N GLN J 62 -24.94 28.10 50.03
CA GLN J 62 -24.32 27.33 48.96
C GLN J 62 -23.50 28.12 47.94
N GLY J 63 -23.74 29.42 47.85
CA GLY J 63 -23.08 30.23 46.84
C GLY J 63 -23.89 30.22 45.57
N LEU J 64 -23.40 30.90 44.55
CA LEU J 64 -24.17 31.03 43.33
C LEU J 64 -23.69 30.15 42.19
N VAL J 65 -24.62 29.54 41.48
CA VAL J 65 -24.27 28.80 40.27
C VAL J 65 -25.10 29.25 39.09
N TRP J 66 -24.57 29.07 37.89
CA TRP J 66 -25.31 29.38 36.68
C TRP J 66 -26.14 28.21 36.23
N MET J 67 -27.36 28.46 35.78
CA MET J 67 -28.23 27.42 35.30
C MET J 67 -28.33 27.37 33.79
N GLY J 68 -28.35 28.53 33.17
CA GLY J 68 -28.53 28.62 31.74
C GLY J 68 -28.86 30.03 31.28
N ARG J 69 -29.01 30.22 29.99
CA ARG J 69 -29.31 31.53 29.44
C ARG J 69 -30.05 31.56 28.14
N VAL J 70 -30.67 32.70 27.87
CA VAL J 70 -31.28 32.99 26.58
C VAL J 70 -30.80 34.33 26.05
N VAL J 71 -30.52 34.38 24.77
CA VAL J 71 -30.15 35.61 24.12
C VAL J 71 -31.13 35.83 23.01
N PRO J 72 -32.25 36.54 23.22
CA PRO J 72 -33.33 36.72 22.27
C PRO J 72 -32.82 37.23 20.92
N GLY J 73 -31.76 38.05 20.92
CA GLY J 73 -31.16 38.55 19.68
C GLY J 73 -30.62 37.45 18.79
N LEU J 74 -30.14 36.35 19.37
CA LEU J 74 -29.63 35.24 18.59
C LEU J 74 -30.75 34.22 18.44
N GLY J 75 -31.64 34.18 19.43
CA GLY J 75 -32.74 33.24 19.47
C GLY J 75 -32.28 31.90 20.02
N LEU J 76 -31.15 31.94 20.68
CA LEU J 76 -30.49 30.77 21.25
C LEU J 76 -30.48 30.73 22.74
N SER J 77 -30.33 29.52 23.27
CA SER J 77 -30.18 29.35 24.70
C SER J 77 -29.15 28.28 25.02
N SER J 78 -28.59 28.36 26.22
CA SER J 78 -27.58 27.38 26.60
C SER J 78 -27.69 27.05 28.07
N TYR J 79 -27.11 25.93 28.46
CA TYR J 79 -27.32 25.46 29.81
C TYR J 79 -26.10 24.97 30.55
N ALA J 80 -26.20 25.04 31.87
CA ALA J 80 -25.24 24.46 32.76
C ALA J 80 -25.42 22.95 32.65
N GLN J 81 -24.35 22.19 32.68
CA GLN J 81 -24.53 20.76 32.48
C GLN J 81 -25.38 20.05 33.54
N GLN J 82 -25.29 20.48 34.79
CA GLN J 82 -26.03 19.79 35.85
C GLN J 82 -27.52 20.08 35.81
N PHE J 83 -27.92 21.06 35.00
CA PHE J 83 -29.31 21.44 34.86
C PHE J 83 -29.88 20.98 33.51
N GLU J 84 -29.10 20.19 32.77
CA GLU J 84 -29.51 19.72 31.46
C GLU J 84 -30.86 19.00 31.48
N ASP J 85 -31.74 19.37 30.55
CA ASP J 85 -33.09 18.79 30.35
C ASP J 85 -34.11 19.29 31.39
N ARG J 86 -33.76 19.20 32.66
CA ARG J 86 -34.59 19.65 33.75
C ARG J 86 -34.86 21.14 33.66
N VAL J 87 -33.91 21.90 33.13
CA VAL J 87 -34.12 23.32 32.99
C VAL J 87 -34.24 23.73 31.53
N THR J 88 -35.34 24.39 31.24
CA THR J 88 -35.61 24.93 29.92
C THR J 88 -35.76 26.44 30.02
N ILE J 89 -35.00 27.16 29.20
CA ILE J 89 -35.04 28.61 29.23
C ILE J 89 -35.49 29.18 27.91
N THR J 90 -36.46 30.07 28.01
CA THR J 90 -37.02 30.70 26.85
C THR J 90 -37.29 32.16 27.12
N ALA J 91 -37.94 32.81 26.18
CA ALA J 91 -38.22 34.22 26.32
C ALA J 91 -39.43 34.60 25.51
N ALA J 92 -40.14 35.60 25.96
CA ALA J 92 -41.21 36.16 25.19
C ALA J 92 -40.81 37.51 24.72
N LYS J 93 -40.43 37.61 23.46
CA LYS J 93 -39.94 38.88 22.97
C LYS J 93 -41.04 39.92 23.09
N SER J 94 -42.26 39.47 22.84
CA SER J 94 -43.44 40.32 22.81
C SER J 94 -43.82 40.91 24.17
N THR J 95 -43.33 40.35 25.25
CA THR J 95 -43.65 40.88 26.57
C THR J 95 -42.38 41.25 27.29
N SER J 96 -41.24 41.20 26.58
CA SER J 96 -39.93 41.45 27.15
C SER J 96 -39.75 40.67 28.43
N THR J 97 -40.14 39.41 28.42
CA THR J 97 -40.06 38.61 29.64
C THR J 97 -39.23 37.36 29.48
N VAL J 98 -38.37 37.14 30.45
CA VAL J 98 -37.46 36.02 30.51
C VAL J 98 -38.16 34.87 31.22
N TYR J 99 -38.12 33.67 30.65
CA TYR J 99 -38.78 32.55 31.32
C TYR J 99 -37.92 31.34 31.54
N MET J 100 -38.16 30.68 32.66
CA MET J 100 -37.51 29.41 32.90
C MET J 100 -38.40 28.40 33.56
N GLU J 101 -38.28 27.16 33.15
CA GLU J 101 -39.00 26.11 33.84
C GLU J 101 -38.04 25.08 34.37
N LEU J 102 -38.18 24.83 35.66
CA LEU J 102 -37.38 23.84 36.36
C LEU J 102 -38.30 22.68 36.68
N ARG J 103 -37.94 21.49 36.22
CA ARG J 103 -38.80 20.34 36.45
C ARG J 103 -38.09 19.15 37.06
N GLY J 104 -38.89 18.26 37.65
CA GLY J 104 -38.36 17.06 38.28
C GLY J 104 -37.86 17.51 39.64
N LEU J 105 -38.60 18.46 40.21
CA LEU J 105 -38.27 19.10 41.47
C LEU J 105 -38.18 18.18 42.66
N THR J 106 -37.17 18.44 43.45
CA THR J 106 -36.92 17.78 44.72
C THR J 106 -36.66 18.79 45.83
N SER J 107 -36.57 18.34 47.07
CA SER J 107 -36.34 19.25 48.19
C SER J 107 -34.96 19.92 48.11
N GLU J 108 -34.02 19.26 47.46
CA GLU J 108 -32.67 19.78 47.27
C GLU J 108 -32.65 20.98 46.32
N ASP J 109 -33.73 21.23 45.60
CA ASP J 109 -33.77 22.32 44.65
C ASP J 109 -34.17 23.63 45.32
N THR J 110 -34.54 23.59 46.61
CA THR J 110 -34.99 24.84 47.22
C THR J 110 -33.85 25.86 47.15
N ALA J 111 -34.18 27.04 46.61
CA ALA J 111 -33.21 28.11 46.43
C ALA J 111 -33.85 29.38 45.95
N MET J 112 -33.09 30.46 45.97
CA MET J 112 -33.57 31.66 45.33
C MET J 112 -33.19 31.57 43.87
N TYR J 113 -34.12 31.87 43.00
CA TYR J 113 -33.83 31.85 41.59
C TYR J 113 -33.87 33.24 41.03
N TYR J 114 -32.81 33.56 40.35
CA TYR J 114 -32.61 34.89 39.80
C TYR J 114 -32.34 34.92 38.33
N CYS J 115 -32.68 36.07 37.72
CA CYS J 115 -32.24 36.45 36.41
C CYS J 115 -31.19 37.49 36.70
N ALA J 116 -30.24 37.51 35.81
CA ALA J 116 -29.26 38.54 35.82
C ALA J 116 -28.98 38.85 34.37
N ARG J 117 -28.88 40.12 34.10
CA ARG J 117 -28.64 40.57 32.75
C ARG J 117 -27.18 40.89 32.62
N ASP J 118 -26.61 40.44 31.54
CA ASP J 118 -25.22 40.73 31.31
C ASP J 118 -25.06 42.06 30.62
N THR J 119 -23.83 42.34 30.32
CA THR J 119 -23.41 43.53 29.63
C THR J 119 -23.03 43.23 28.17
N ALA J 120 -23.78 42.32 27.52
CA ALA J 120 -23.47 41.94 26.14
C ALA J 120 -23.45 43.13 25.18
N SER J 121 -24.31 44.12 25.43
CA SER J 121 -24.42 45.30 24.60
C SER J 121 -23.20 46.22 24.75
N PHE J 122 -22.37 45.96 25.76
CA PHE J 122 -21.18 46.72 26.09
C PHE J 122 -19.92 45.96 25.65
N GLY J 123 -20.09 44.76 25.09
CA GLY J 123 -18.95 43.92 24.71
C GLY J 123 -18.37 43.05 25.84
N TRP J 124 -19.05 43.00 26.99
CA TRP J 124 -18.59 42.24 28.15
C TRP J 124 -19.62 41.19 28.52
N LEU J 125 -19.22 40.04 29.03
CA LEU J 125 -20.23 39.05 29.42
C LEU J 125 -20.66 38.88 30.94
N PRO J 126 -20.12 39.62 31.96
CA PRO J 126 -20.47 39.51 33.39
C PRO J 126 -21.82 40.17 33.67
N PHE J 127 -22.34 39.97 34.87
CA PHE J 127 -23.65 40.51 35.25
C PHE J 127 -23.68 41.85 35.91
N ALA J 128 -24.32 42.79 35.26
CA ALA J 128 -24.42 44.13 35.81
C ALA J 128 -25.80 44.42 36.38
N PHE J 129 -26.81 43.66 35.96
CA PHE J 129 -28.15 44.00 36.42
C PHE J 129 -28.73 42.77 37.08
N TRP J 130 -29.33 42.92 38.23
CA TRP J 130 -29.86 41.78 38.97
C TRP J 130 -31.28 41.93 39.46
N GLY J 131 -31.98 40.81 39.56
CA GLY J 131 -33.35 40.76 40.10
C GLY J 131 -33.39 40.68 41.63
N GLN J 132 -34.58 40.35 42.17
CA GLN J 132 -34.82 40.28 43.60
C GLN J 132 -34.64 38.87 44.10
N GLY J 133 -35.04 37.93 43.25
CA GLY J 133 -34.96 36.51 43.54
C GLY J 133 -36.30 35.92 43.91
N THR J 134 -36.67 34.84 43.25
CA THR J 134 -37.91 34.15 43.54
C THR J 134 -37.62 32.91 44.33
N LEU J 135 -38.24 32.75 45.47
CA LEU J 135 -37.97 31.53 46.21
C LEU J 135 -38.77 30.36 45.73
N VAL J 136 -38.06 29.30 45.41
CA VAL J 136 -38.69 28.06 45.04
C VAL J 136 -38.49 27.12 46.19
N THR J 137 -39.60 26.66 46.73
CA THR J 137 -39.60 25.75 47.86
C THR J 137 -40.16 24.44 47.44
N VAL J 138 -39.46 23.36 47.73
CA VAL J 138 -40.02 22.08 47.38
C VAL J 138 -40.10 21.27 48.66
N SER J 139 -41.28 20.77 48.95
CA SER J 139 -41.49 20.04 50.19
C SER J 139 -42.69 19.08 50.13
N SER J 140 -42.78 18.16 51.10
CA SER J 140 -43.86 17.20 51.30
C SER J 140 -43.70 16.68 52.75
N SER K 36 -30.99 -6.91 -18.56
CA SER K 36 -32.44 -6.64 -18.55
C SER K 36 -32.81 -5.18 -18.07
N ILE K 37 -31.84 -4.25 -18.16
CA ILE K 37 -31.99 -2.83 -17.80
C ILE K 37 -32.71 -2.07 -18.92
N PRO K 38 -33.85 -1.41 -18.67
CA PRO K 38 -34.59 -0.62 -19.63
C PRO K 38 -33.87 0.68 -19.88
N LEU K 39 -34.06 1.25 -21.05
CA LEU K 39 -33.52 2.57 -21.40
C LEU K 39 -34.63 3.59 -21.59
N GLY K 40 -34.31 4.87 -21.49
CA GLY K 40 -35.33 5.87 -21.86
C GLY K 40 -35.22 6.24 -23.34
N VAL K 41 -36.36 6.46 -24.00
CA VAL K 41 -36.33 6.91 -25.39
C VAL K 41 -37.37 8.00 -25.59
N ILE K 42 -37.17 8.93 -26.50
CA ILE K 42 -38.17 9.97 -26.67
C ILE K 42 -39.17 9.53 -27.73
N HIS K 43 -40.46 9.67 -27.38
CA HIS K 43 -41.63 9.34 -28.18
C HIS K 43 -41.78 10.42 -29.23
N ASN K 44 -42.78 10.34 -30.08
CA ASN K 44 -42.92 11.41 -31.05
C ASN K 44 -43.28 12.70 -30.31
N SER K 45 -43.96 12.54 -29.15
CA SER K 45 -44.33 13.67 -28.30
C SER K 45 -43.45 13.78 -27.03
N THR K 46 -43.82 13.03 -26.00
CA THR K 46 -43.18 13.02 -24.67
C THR K 46 -42.20 11.86 -24.49
N LEU K 47 -41.77 11.62 -23.28
CA LEU K 47 -40.81 10.57 -22.96
C LEU K 47 -41.49 9.21 -22.78
N GLN K 48 -40.90 8.16 -23.33
CA GLN K 48 -41.45 6.83 -23.16
C GLN K 48 -40.43 5.83 -22.67
N VAL K 49 -40.93 4.75 -22.11
CA VAL K 49 -40.06 3.69 -21.67
C VAL K 49 -39.58 2.95 -22.90
N SER K 50 -38.28 2.73 -23.04
CA SER K 50 -37.81 1.96 -24.18
C SER K 50 -37.84 0.52 -23.72
N ASP K 51 -38.23 -0.39 -24.60
CA ASP K 51 -38.26 -1.79 -24.26
C ASP K 51 -36.87 -2.40 -24.30
N VAL K 52 -36.74 -3.51 -23.60
CA VAL K 52 -35.56 -4.33 -23.63
C VAL K 52 -35.68 -5.35 -24.77
N ASP K 53 -36.88 -5.96 -24.92
CA ASP K 53 -37.05 -7.01 -25.94
C ASP K 53 -37.60 -6.60 -27.32
N LYS K 54 -38.54 -5.66 -27.38
CA LYS K 54 -39.17 -5.23 -28.63
C LYS K 54 -38.26 -4.39 -29.49
N LEU K 55 -38.36 -4.61 -30.80
CA LEU K 55 -37.64 -3.78 -31.75
C LEU K 55 -38.57 -2.68 -32.17
N VAL K 56 -38.14 -1.45 -31.98
CA VAL K 56 -38.97 -0.32 -32.32
C VAL K 56 -38.50 0.31 -33.61
N CYS K 57 -39.40 0.38 -34.59
CA CYS K 57 -39.06 0.86 -35.93
C CYS K 57 -38.68 2.33 -36.01
N ARG K 58 -39.17 3.12 -35.07
CA ARG K 58 -38.89 4.54 -35.04
C ARG K 58 -37.65 4.85 -34.20
N ASP K 59 -37.08 3.83 -33.57
CA ASP K 59 -35.97 4.07 -32.67
C ASP K 59 -34.68 4.09 -33.48
N LYS K 60 -34.46 5.21 -34.16
CA LYS K 60 -33.30 5.29 -35.05
C LYS K 60 -32.06 5.61 -34.25
N LEU K 61 -31.05 4.74 -34.35
CA LEU K 61 -29.83 4.93 -33.60
C LEU K 61 -28.67 4.98 -34.58
N SER K 62 -28.22 6.17 -34.96
CA SER K 62 -27.17 6.28 -35.95
C SER K 62 -25.79 6.27 -35.34
N SER K 63 -25.69 6.58 -34.04
CA SER K 63 -24.38 6.58 -33.40
C SER K 63 -24.43 6.22 -31.91
N THR K 64 -23.28 5.86 -31.35
CA THR K 64 -23.20 5.56 -29.92
C THR K 64 -23.24 6.83 -29.08
N ASN K 65 -23.15 7.97 -29.77
CA ASN K 65 -23.18 9.28 -29.15
C ASN K 65 -24.61 9.65 -28.76
N GLN K 66 -25.56 8.81 -29.15
CA GLN K 66 -26.94 9.01 -28.75
C GLN K 66 -27.25 8.31 -27.45
N LEU K 67 -26.33 7.53 -26.88
CA LEU K 67 -26.60 6.84 -25.62
C LEU K 67 -25.79 7.46 -24.51
N ARG K 68 -26.47 8.03 -23.53
CA ARG K 68 -25.78 8.76 -22.47
C ARG K 68 -26.20 8.34 -21.06
N SER K 69 -25.23 8.36 -20.16
CA SER K 69 -25.48 8.07 -18.77
C SER K 69 -25.59 9.35 -17.96
N VAL K 70 -26.78 9.57 -17.41
CA VAL K 70 -27.10 10.79 -16.69
C VAL K 70 -27.46 10.52 -15.23
N GLY K 71 -26.79 11.25 -14.34
CA GLY K 71 -27.07 11.12 -12.91
C GLY K 71 -28.09 12.12 -12.43
N LEU K 72 -29.03 11.64 -11.62
CA LEU K 72 -30.07 12.47 -11.05
C LEU K 72 -29.99 12.48 -9.56
N ASN K 73 -30.33 13.60 -8.94
CA ASN K 73 -30.28 13.71 -7.49
C ASN K 73 -31.67 13.46 -6.89
N LEU K 74 -31.74 12.67 -5.81
CA LEU K 74 -33.03 12.32 -5.19
C LEU K 74 -33.68 13.45 -4.43
N GLU K 75 -32.94 14.52 -4.23
CA GLU K 75 -33.50 15.70 -3.61
C GLU K 75 -34.64 16.21 -4.51
N GLY K 76 -34.60 15.89 -5.82
CA GLY K 76 -35.60 16.34 -6.78
C GLY K 76 -36.88 15.50 -6.69
N ASN K 77 -36.85 14.45 -5.87
CA ASN K 77 -37.99 13.59 -5.66
C ASN K 77 -38.57 13.88 -4.29
N GLY K 78 -38.04 14.91 -3.61
CA GLY K 78 -38.52 15.22 -2.28
C GLY K 78 -37.78 14.58 -1.13
N VAL K 79 -36.59 14.01 -1.35
CA VAL K 79 -35.89 13.44 -0.23
C VAL K 79 -35.31 14.54 0.65
N ALA K 80 -35.56 14.44 1.96
CA ALA K 80 -35.08 15.42 2.92
C ALA K 80 -33.57 15.43 2.96
N THR K 81 -33.02 16.62 3.15
CA THR K 81 -31.58 16.86 3.20
C THR K 81 -31.04 17.16 4.60
N ASP K 82 -31.87 17.00 5.62
CA ASP K 82 -31.43 17.25 6.99
C ASP K 82 -30.41 16.22 7.39
N VAL K 83 -29.59 16.56 8.36
CA VAL K 83 -28.55 15.62 8.70
C VAL K 83 -29.08 14.29 9.18
N PRO K 84 -29.84 14.16 10.28
CA PRO K 84 -30.35 12.87 10.67
C PRO K 84 -31.24 12.26 9.59
N SER K 85 -31.85 13.08 8.74
CA SER K 85 -32.66 12.51 7.69
C SER K 85 -31.82 11.76 6.67
N VAL K 86 -30.61 12.23 6.42
CA VAL K 86 -29.80 11.53 5.44
C VAL K 86 -29.00 10.45 6.10
N THR K 87 -28.51 10.67 7.31
CA THR K 87 -27.67 9.66 7.89
C THR K 87 -28.46 8.43 8.25
N LYS K 88 -29.74 8.57 8.56
CA LYS K 88 -30.55 7.42 8.92
C LYS K 88 -30.84 6.55 7.71
N ARG K 89 -30.59 7.07 6.51
CA ARG K 89 -30.84 6.39 5.26
C ARG K 89 -29.62 5.61 4.81
N TRP K 90 -28.55 5.69 5.59
CA TRP K 90 -27.30 5.03 5.26
C TRP K 90 -27.01 4.03 6.37
N GLY K 91 -26.30 2.96 6.09
CA GLY K 91 -25.93 2.12 7.24
C GLY K 91 -24.94 1.05 6.90
N PHE K 92 -24.35 0.46 7.93
CA PHE K 92 -23.32 -0.50 7.69
C PHE K 92 -23.73 -1.96 7.72
N ARG K 93 -23.23 -2.66 6.71
CA ARG K 93 -23.43 -4.09 6.54
C ARG K 93 -22.18 -4.77 6.04
N SER K 94 -22.03 -6.04 6.40
CA SER K 94 -20.92 -6.86 5.96
C SER K 94 -21.27 -7.80 4.81
N GLY K 95 -20.24 -8.40 4.23
CA GLY K 95 -20.38 -9.47 3.23
C GLY K 95 -20.57 -9.02 1.80
N VAL K 96 -21.52 -8.15 1.60
CA VAL K 96 -21.83 -7.64 0.29
C VAL K 96 -20.74 -6.69 -0.21
N PRO K 97 -20.16 -6.93 -1.41
CA PRO K 97 -19.14 -6.10 -2.03
C PRO K 97 -19.75 -4.83 -2.64
N PRO K 98 -18.96 -3.77 -2.84
CA PRO K 98 -19.29 -2.53 -3.51
C PRO K 98 -19.34 -2.67 -5.02
N LYS K 99 -20.06 -1.77 -5.67
CA LYS K 99 -20.08 -1.65 -7.14
C LYS K 99 -19.90 -0.19 -7.56
N VAL K 100 -19.27 0.03 -8.73
CA VAL K 100 -19.06 1.35 -9.34
C VAL K 100 -19.62 1.41 -10.78
N VAL K 101 -20.32 2.51 -11.09
CA VAL K 101 -20.94 2.74 -12.41
C VAL K 101 -20.45 4.05 -13.00
N ASN K 102 -20.67 4.29 -14.29
CA ASN K 102 -20.20 5.53 -14.91
C ASN K 102 -21.26 6.42 -15.55
N TYR K 103 -21.09 7.73 -15.32
CA TYR K 103 -21.86 8.84 -15.88
C TYR K 103 -21.06 9.68 -16.82
N GLU K 104 -21.75 10.36 -17.72
CA GLU K 104 -21.12 11.36 -18.54
C GLU K 104 -21.62 12.73 -18.13
N ALA K 105 -22.85 12.75 -17.61
CA ALA K 105 -23.56 13.98 -17.29
C ALA K 105 -24.46 13.80 -16.09
N GLY K 106 -24.98 14.90 -15.56
CA GLY K 106 -25.89 14.82 -14.45
C GLY K 106 -26.43 16.15 -13.98
N GLU K 107 -27.25 16.08 -12.96
CA GLU K 107 -27.87 17.25 -12.36
C GLU K 107 -26.96 17.87 -11.32
N TRP K 108 -27.01 19.18 -11.25
CA TRP K 108 -26.30 19.96 -10.26
C TRP K 108 -26.99 19.69 -8.96
N ALA K 109 -26.26 19.48 -7.87
CA ALA K 109 -26.94 19.20 -6.61
C ALA K 109 -26.97 20.40 -5.72
N GLU K 110 -28.09 20.64 -5.07
CA GLU K 110 -28.06 21.76 -4.16
C GLU K 110 -27.42 21.31 -2.85
N ASN K 111 -27.74 20.08 -2.39
CA ASN K 111 -27.22 19.58 -1.12
C ASN K 111 -26.43 18.26 -1.20
N CYS K 112 -25.16 18.31 -0.79
CA CYS K 112 -24.28 17.14 -0.78
C CYS K 112 -23.59 16.89 0.54
N TYR K 113 -23.05 15.67 0.69
CA TYR K 113 -22.43 15.26 1.95
C TYR K 113 -21.10 14.56 1.80
N ASN K 114 -20.27 14.64 2.82
CA ASN K 114 -19.07 13.82 2.92
C ASN K 114 -19.25 13.07 4.21
N LEU K 115 -18.28 12.23 4.54
CA LEU K 115 -18.20 11.60 5.83
C LEU K 115 -16.78 11.42 6.27
N GLU K 116 -16.55 11.82 7.50
CA GLU K 116 -15.25 11.64 8.12
C GLU K 116 -15.52 11.04 9.47
N ILE K 117 -16.01 9.81 9.45
CA ILE K 117 -16.46 9.15 10.65
C ILE K 117 -15.52 8.06 11.05
N LYS K 118 -15.14 8.09 12.29
CA LYS K 118 -14.27 7.09 12.85
C LYS K 118 -15.07 6.21 13.80
N LYS K 119 -14.60 5.00 14.00
CA LYS K 119 -15.25 4.12 14.93
C LYS K 119 -15.07 4.77 16.30
N PRO K 120 -15.77 4.35 17.35
CA PRO K 120 -15.68 4.97 18.66
C PRO K 120 -14.25 5.10 19.20
N ASP K 121 -13.34 4.20 18.79
CA ASP K 121 -11.97 4.25 19.26
C ASP K 121 -11.03 4.91 18.25
N GLY K 122 -11.59 5.54 17.23
CA GLY K 122 -10.84 6.23 16.19
C GLY K 122 -10.50 5.36 14.96
N SER K 123 -10.91 4.09 14.95
CA SER K 123 -10.56 3.20 13.83
C SER K 123 -11.37 3.29 12.53
N GLU K 124 -11.29 4.44 11.86
CA GLU K 124 -11.85 4.72 10.52
C GLU K 124 -13.07 3.86 10.05
N CYS K 125 -14.35 4.36 10.12
CA CYS K 125 -15.55 3.61 9.73
C CYS K 125 -15.58 3.29 8.24
N LEU K 126 -15.16 4.23 7.44
CA LEU K 126 -15.22 4.03 6.01
C LEU K 126 -13.83 3.79 5.45
N PRO K 127 -13.70 3.00 4.37
CA PRO K 127 -12.47 2.78 3.65
C PRO K 127 -12.17 4.05 2.91
N ALA K 128 -10.90 4.34 2.67
CA ALA K 128 -10.54 5.52 1.91
C ALA K 128 -11.03 5.39 0.50
N ALA K 129 -11.48 6.50 -0.07
CA ALA K 129 -11.87 6.42 -1.46
C ALA K 129 -10.68 5.93 -2.28
N PRO K 130 -10.86 4.97 -3.19
CA PRO K 130 -9.86 4.41 -4.07
C PRO K 130 -9.54 5.37 -5.17
N ASP K 131 -8.43 5.15 -5.83
CA ASP K 131 -8.05 6.00 -6.93
C ASP K 131 -9.16 6.05 -7.96
N GLY K 132 -9.41 7.26 -8.43
CA GLY K 132 -10.42 7.56 -9.44
C GLY K 132 -11.70 8.11 -8.82
N ILE K 133 -11.86 7.97 -7.51
CA ILE K 133 -13.05 8.47 -6.85
C ILE K 133 -12.79 9.86 -6.28
N ARG K 134 -13.58 10.79 -6.78
CA ARG K 134 -13.50 12.21 -6.48
C ARG K 134 -14.92 12.68 -6.23
N GLY K 135 -15.11 13.82 -5.61
CA GLY K 135 -16.48 14.26 -5.38
C GLY K 135 -17.15 14.72 -6.66
N PHE K 136 -18.46 14.86 -6.61
CA PHE K 136 -19.25 15.29 -7.74
C PHE K 136 -18.71 16.63 -8.22
N PRO K 137 -18.88 17.01 -9.49
CA PRO K 137 -18.45 18.27 -10.03
C PRO K 137 -18.87 19.51 -9.24
N ARG K 138 -20.18 19.71 -9.06
CA ARG K 138 -20.66 20.95 -8.43
C ARG K 138 -21.88 20.81 -7.52
N CYS K 139 -21.89 21.64 -6.46
CA CYS K 139 -22.99 21.73 -5.50
C CYS K 139 -23.00 23.11 -4.84
N ARG K 140 -23.94 23.37 -3.91
CA ARG K 140 -23.97 24.63 -3.21
C ARG K 140 -23.60 24.42 -1.77
N TYR K 141 -24.37 23.57 -1.08
CA TYR K 141 -24.11 23.32 0.31
C TYR K 141 -23.52 21.96 0.49
N VAL K 142 -22.26 21.91 0.88
CA VAL K 142 -21.63 20.64 1.05
C VAL K 142 -21.31 20.45 2.52
N HIS K 143 -21.80 19.36 3.05
CA HIS K 143 -21.67 19.06 4.44
C HIS K 143 -20.59 18.00 4.60
N LYS K 144 -19.84 18.00 5.71
CA LYS K 144 -18.85 16.93 5.89
C LYS K 144 -19.17 15.89 6.92
N VAL K 145 -20.08 16.22 7.84
CA VAL K 145 -20.48 15.30 8.91
C VAL K 145 -19.30 14.50 9.44
N SER K 146 -18.36 15.18 10.09
CA SER K 146 -17.21 14.51 10.66
C SER K 146 -17.62 14.01 12.02
N GLY K 147 -16.90 13.06 12.61
CA GLY K 147 -17.31 12.60 13.93
C GLY K 147 -17.04 11.13 14.16
N THR K 148 -17.72 10.58 15.15
CA THR K 148 -17.55 9.16 15.48
C THR K 148 -18.86 8.45 15.71
N GLY K 149 -18.81 7.12 15.67
CA GLY K 149 -19.95 6.29 16.01
C GLY K 149 -19.66 4.83 15.72
N PRO K 150 -20.51 3.91 16.18
CA PRO K 150 -20.38 2.48 15.95
C PRO K 150 -20.62 2.32 14.48
N CYS K 151 -19.88 1.40 13.80
CA CYS K 151 -20.00 1.16 12.36
C CYS K 151 -19.80 -0.32 12.03
N ALA K 152 -20.54 -1.21 12.70
CA ALA K 152 -20.32 -2.62 12.41
C ALA K 152 -20.71 -2.89 10.97
N GLY K 153 -19.89 -3.64 10.24
CA GLY K 153 -20.15 -3.95 8.85
C GLY K 153 -18.88 -3.63 8.06
N ASP K 154 -18.88 -3.90 6.76
CA ASP K 154 -17.70 -3.64 5.96
C ASP K 154 -17.84 -2.29 5.27
N PHE K 155 -19.05 -1.99 4.83
CA PHE K 155 -19.31 -0.76 4.10
C PHE K 155 -20.60 -0.13 4.51
N ALA K 156 -20.68 1.19 4.31
CA ALA K 156 -21.92 1.92 4.48
C ALA K 156 -22.65 1.91 3.15
N PHE K 157 -23.83 1.33 3.15
CA PHE K 157 -24.66 1.19 1.97
C PHE K 157 -25.88 2.07 2.07
N HIS K 158 -26.41 2.48 0.94
CA HIS K 158 -27.63 3.24 1.00
C HIS K 158 -28.78 2.30 1.27
N LYS K 159 -29.65 2.64 2.21
CA LYS K 159 -30.74 1.77 2.58
C LYS K 159 -31.84 1.61 1.54
N GLU K 160 -32.02 2.56 0.65
CA GLU K 160 -33.05 2.42 -0.33
C GLU K 160 -32.41 2.02 -1.64
N GLY K 161 -31.10 1.77 -1.59
CA GLY K 161 -30.36 1.43 -2.78
C GLY K 161 -29.97 2.64 -3.62
N ALA K 162 -29.97 3.85 -3.08
CA ALA K 162 -29.55 4.95 -3.95
C ALA K 162 -28.05 4.88 -4.08
N PHE K 163 -27.53 5.47 -5.14
CA PHE K 163 -26.09 5.53 -5.33
C PHE K 163 -25.50 6.76 -4.72
N PHE K 164 -24.26 6.62 -4.29
CA PHE K 164 -23.52 7.75 -3.78
C PHE K 164 -22.80 8.26 -5.00
N LEU K 165 -23.07 9.48 -5.38
CA LEU K 165 -22.52 9.91 -6.63
C LEU K 165 -21.23 10.66 -6.40
N TYR K 166 -20.18 10.09 -6.92
CA TYR K 166 -18.84 10.63 -6.81
C TYR K 166 -18.44 10.99 -8.19
N ASP K 167 -17.70 12.08 -8.36
CA ASP K 167 -17.26 12.49 -9.68
C ASP K 167 -18.40 12.21 -10.64
N ARG K 168 -18.08 11.46 -11.70
CA ARG K 168 -19.06 10.89 -12.57
C ARG K 168 -19.07 9.37 -12.38
N LEU K 169 -18.45 8.91 -11.31
CA LEU K 169 -18.38 7.48 -10.99
C LEU K 169 -19.08 7.13 -9.69
N ALA K 170 -20.38 6.92 -9.77
CA ALA K 170 -21.19 6.63 -8.60
C ALA K 170 -20.95 5.24 -8.10
N SER K 171 -21.23 5.02 -6.82
CA SER K 171 -21.04 3.72 -6.24
C SER K 171 -22.10 3.36 -5.22
N THR K 172 -22.12 2.11 -4.84
CA THR K 172 -23.10 1.64 -3.88
C THR K 172 -22.70 1.84 -2.43
N VAL K 173 -21.46 2.28 -2.21
CA VAL K 173 -20.97 2.48 -0.85
C VAL K 173 -20.43 3.87 -0.67
N ILE K 174 -20.33 4.29 0.58
CA ILE K 174 -19.75 5.58 0.86
C ILE K 174 -18.27 5.40 1.08
N TYR K 175 -17.49 6.26 0.46
CA TYR K 175 -16.05 6.24 0.65
C TYR K 175 -15.58 7.39 1.51
N ARG K 176 -14.59 7.11 2.35
CA ARG K 176 -14.11 8.11 3.29
C ARG K 176 -13.38 9.26 2.66
N GLY K 177 -13.74 10.45 3.14
CA GLY K 177 -13.10 11.70 2.79
C GLY K 177 -13.56 12.28 1.49
N THR K 178 -14.45 11.60 0.77
CA THR K 178 -14.85 12.12 -0.52
C THR K 178 -16.33 12.41 -0.49
N THR K 179 -16.70 13.58 -1.01
CA THR K 179 -18.07 13.99 -0.99
C THR K 179 -18.88 13.26 -2.04
N PHE K 180 -20.19 13.24 -1.85
CA PHE K 180 -21.10 12.64 -2.76
C PHE K 180 -22.51 13.22 -2.77
N ALA K 181 -23.18 13.02 -3.89
CA ALA K 181 -24.58 13.37 -4.02
C ALA K 181 -25.41 12.11 -3.83
N GLU K 182 -26.67 12.24 -3.48
CA GLU K 182 -27.52 11.06 -3.33
C GLU K 182 -28.39 10.88 -4.58
N GLY K 183 -28.28 9.74 -5.31
CA GLY K 183 -29.03 9.66 -6.57
C GLY K 183 -29.16 8.33 -7.34
N VAL K 184 -29.64 8.47 -8.58
CA VAL K 184 -29.95 7.36 -9.49
C VAL K 184 -29.37 7.51 -10.90
N VAL K 185 -29.36 6.40 -11.67
CA VAL K 185 -28.82 6.41 -13.03
C VAL K 185 -29.93 6.25 -14.08
N ALA K 186 -30.07 7.22 -14.98
CA ALA K 186 -31.14 7.20 -15.98
C ALA K 186 -30.96 6.38 -17.27
N PHE K 187 -29.74 6.15 -17.76
CA PHE K 187 -29.58 5.42 -19.04
C PHE K 187 -30.51 5.90 -20.19
N LEU K 188 -30.18 7.03 -20.79
CA LEU K 188 -31.08 7.66 -21.77
C LEU K 188 -30.53 7.75 -23.20
N ILE K 189 -31.44 7.75 -24.23
CA ILE K 189 -31.09 8.05 -25.63
C ILE K 189 -30.51 9.50 -25.72
N SER K 219 -18.40 26.87 -3.73
CA SER K 219 -19.61 27.28 -3.03
C SER K 219 -19.30 27.39 -1.50
N THR K 220 -19.95 26.55 -0.62
CA THR K 220 -19.66 26.58 0.84
C THR K 220 -19.61 25.23 1.52
N THR K 221 -18.78 25.18 2.56
CA THR K 221 -18.61 24.01 3.40
C THR K 221 -19.15 24.26 4.77
N ILE K 222 -20.04 23.37 5.19
CA ILE K 222 -20.70 23.49 6.45
C ILE K 222 -20.03 22.71 7.56
N ARG K 223 -19.56 21.52 7.24
CA ARG K 223 -18.80 20.69 8.17
C ARG K 223 -19.42 20.42 9.55
N TYR K 224 -20.64 19.88 9.60
CA TYR K 224 -21.25 19.57 10.88
C TYR K 224 -20.46 18.44 11.56
N GLN K 225 -20.53 18.38 12.89
CA GLN K 225 -19.95 17.30 13.67
C GLN K 225 -21.00 16.24 13.97
N ALA K 226 -20.56 14.99 14.22
CA ALA K 226 -21.48 13.92 14.58
C ALA K 226 -21.02 13.05 15.74
N THR K 227 -22.00 12.64 16.55
CA THR K 227 -21.79 11.66 17.61
C THR K 227 -22.77 10.51 17.49
N GLY K 228 -22.24 9.28 17.53
CA GLY K 228 -23.08 8.09 17.45
C GLY K 228 -23.50 7.89 16.01
N PHE K 229 -22.68 8.36 15.10
CA PHE K 229 -23.02 8.36 13.70
C PHE K 229 -23.70 7.13 13.10
N GLY K 230 -23.22 5.93 13.38
CA GLY K 230 -23.76 4.77 12.70
C GLY K 230 -24.97 4.10 13.37
N THR K 231 -25.51 4.72 14.42
CA THR K 231 -26.65 4.15 15.14
C THR K 231 -27.89 5.06 15.03
N ASN K 232 -29.01 4.68 15.70
CA ASN K 232 -30.28 5.42 15.72
C ASN K 232 -30.27 6.61 16.70
N GLU K 233 -29.45 6.55 17.80
CA GLU K 233 -29.33 7.59 18.83
C GLU K 233 -28.11 8.42 18.53
N THR K 234 -28.35 9.59 17.96
CA THR K 234 -27.30 10.45 17.48
C THR K 234 -27.43 11.89 17.91
N GLU K 235 -26.34 12.62 17.72
CA GLU K 235 -26.31 14.06 17.93
C GLU K 235 -25.49 14.73 16.84
N TYR K 236 -25.93 15.90 16.41
CA TYR K 236 -25.20 16.62 15.38
C TYR K 236 -25.07 18.11 15.69
N LEU K 237 -23.88 18.68 15.38
CA LEU K 237 -23.63 20.09 15.66
C LEU K 237 -23.09 20.93 14.51
N PHE K 238 -23.54 22.17 14.46
CA PHE K 238 -22.98 23.12 13.52
C PHE K 238 -21.92 23.95 14.19
N GLU K 239 -20.71 23.86 13.67
CA GLU K 239 -19.58 24.55 14.25
C GLU K 239 -19.44 25.97 13.75
N VAL K 240 -19.42 26.89 14.70
CA VAL K 240 -19.28 28.33 14.49
C VAL K 240 -17.83 28.70 14.75
N ASP K 241 -17.30 28.11 15.80
CA ASP K 241 -15.94 28.34 16.26
C ASP K 241 -15.49 27.04 16.95
N ASN K 242 -14.23 26.95 17.44
CA ASN K 242 -13.73 25.73 18.10
C ASN K 242 -14.48 25.43 19.42
N LEU K 243 -14.98 26.50 20.07
CA LEU K 243 -15.72 26.46 21.31
C LEU K 243 -17.20 26.71 21.12
N THR K 244 -17.64 26.91 19.88
CA THR K 244 -19.04 27.28 19.71
C THR K 244 -19.80 26.42 18.75
N TYR K 245 -20.88 25.85 19.27
CA TYR K 245 -21.69 24.96 18.47
C TYR K 245 -23.15 25.20 18.62
N VAL K 246 -23.90 24.86 17.59
CA VAL K 246 -25.34 24.91 17.62
C VAL K 246 -25.94 23.52 17.35
N GLN K 247 -26.87 23.12 18.21
CA GLN K 247 -27.56 21.85 18.06
C GLN K 247 -28.42 21.88 16.81
N LEU K 248 -28.39 20.83 15.98
CA LEU K 248 -29.22 20.85 14.79
C LEU K 248 -30.64 20.37 15.01
N GLU K 249 -31.54 20.92 14.20
CA GLU K 249 -32.93 20.52 14.13
C GLU K 249 -33.37 20.67 12.68
N SER K 250 -34.20 19.74 12.22
CA SER K 250 -34.69 19.64 10.84
C SER K 250 -35.52 20.79 10.33
N ARG K 251 -36.00 21.64 11.23
CA ARG K 251 -36.80 22.77 10.80
C ARG K 251 -35.89 23.91 10.38
N PHE K 252 -34.59 23.75 10.56
CA PHE K 252 -33.64 24.78 10.20
C PHE K 252 -32.78 24.40 9.01
N THR K 253 -33.00 25.11 7.94
CA THR K 253 -32.37 24.92 6.67
C THR K 253 -30.96 25.50 6.68
N PRO K 254 -30.08 25.15 5.73
CA PRO K 254 -28.77 25.73 5.57
C PRO K 254 -28.81 27.25 5.53
N GLN K 255 -29.85 27.84 4.98
CA GLN K 255 -29.86 29.28 4.93
C GLN K 255 -30.05 29.83 6.33
N PHE K 256 -30.94 29.21 7.09
CA PHE K 256 -31.15 29.65 8.46
C PHE K 256 -29.90 29.52 9.26
N LEU K 257 -29.29 28.35 9.17
CA LEU K 257 -28.15 28.03 9.99
C LEU K 257 -26.97 28.91 9.69
N LEU K 258 -26.77 29.23 8.42
CA LEU K 258 -25.64 30.05 8.07
C LEU K 258 -25.87 31.49 8.47
N GLN K 259 -27.12 31.97 8.37
CA GLN K 259 -27.44 33.32 8.80
C GLN K 259 -27.24 33.41 10.31
N LEU K 260 -27.62 32.34 11.01
CA LEU K 260 -27.43 32.26 12.43
C LEU K 260 -25.97 32.29 12.82
N ASN K 261 -25.10 31.50 12.12
CA ASN K 261 -23.66 31.41 12.39
C ASN K 261 -22.98 32.76 12.19
N GLU K 262 -23.39 33.56 11.16
CA GLU K 262 -22.83 34.88 10.91
C GLU K 262 -23.26 35.82 12.02
N THR K 263 -24.50 35.71 12.46
CA THR K 263 -24.97 36.58 13.52
C THR K 263 -24.21 36.30 14.81
N ILE K 264 -24.03 35.03 15.15
CA ILE K 264 -23.34 34.69 16.39
C ILE K 264 -21.91 35.13 16.31
N TYR K 265 -21.26 34.76 15.23
CA TYR K 265 -19.87 35.04 15.08
C TYR K 265 -19.59 36.53 15.10
N ALA K 266 -20.35 37.27 14.29
CA ALA K 266 -20.20 38.69 14.15
C ALA K 266 -20.55 39.47 15.41
N SER K 267 -21.59 39.02 16.14
CA SER K 267 -21.96 39.74 17.34
C SER K 267 -20.95 39.48 18.44
N GLY K 268 -20.28 38.34 18.37
CA GLY K 268 -19.25 37.96 19.30
C GLY K 268 -19.80 37.30 20.54
N LYS K 269 -21.11 37.08 20.58
CA LYS K 269 -21.70 36.50 21.78
C LYS K 269 -21.60 34.98 21.75
N ARG K 270 -20.38 34.53 21.99
CA ARG K 270 -20.03 33.13 21.94
C ARG K 270 -18.83 32.92 22.84
N SER K 271 -18.47 31.67 23.09
CA SER K 271 -17.31 31.45 23.94
C SER K 271 -16.05 32.03 23.34
N ASN K 272 -15.33 32.74 24.18
CA ASN K 272 -14.09 33.36 23.82
C ASN K 272 -12.90 32.93 24.66
N THR K 273 -13.03 31.81 25.37
CA THR K 273 -11.93 31.35 26.22
C THR K 273 -11.40 30.05 25.67
N THR K 274 -11.51 28.99 26.46
CA THR K 274 -11.09 27.67 26.08
C THR K 274 -12.24 26.66 26.25
N GLY K 275 -13.31 27.08 26.95
CA GLY K 275 -14.42 26.17 27.25
C GLY K 275 -15.47 26.16 26.17
N LYS K 276 -16.17 25.03 26.04
CA LYS K 276 -17.22 24.92 25.04
C LYS K 276 -18.53 25.53 25.53
N LEU K 277 -19.21 26.25 24.65
CA LEU K 277 -20.55 26.77 24.92
C LEU K 277 -21.44 26.29 23.79
N ILE K 278 -22.39 25.41 24.09
CA ILE K 278 -23.20 24.89 23.01
C ILE K 278 -24.64 25.34 23.13
N TRP K 279 -25.06 25.99 22.08
CA TRP K 279 -26.36 26.61 21.97
C TRP K 279 -27.42 25.71 21.38
N LYS K 280 -28.63 25.88 21.87
CA LYS K 280 -29.78 25.23 21.33
C LYS K 280 -30.65 26.31 20.73
N VAL K 281 -31.37 25.98 19.68
CA VAL K 281 -32.21 27.02 19.12
C VAL K 281 -33.53 27.02 19.86
N ASN K 282 -33.98 28.20 20.24
CA ASN K 282 -35.22 28.38 20.96
C ASN K 282 -36.35 27.67 20.23
N PRO K 283 -37.28 27.00 20.94
CA PRO K 283 -38.44 26.31 20.38
C PRO K 283 -39.32 27.11 19.40
N GLU K 284 -39.39 28.47 19.50
CA GLU K 284 -40.20 29.32 18.60
C GLU K 284 -39.33 29.72 17.37
N VAL L 43 -46.19 5.36 -22.59
CA VAL L 43 -45.18 6.33 -22.18
C VAL L 43 -44.92 6.16 -20.67
N ILE L 44 -43.96 6.95 -20.10
CA ILE L 44 -43.63 6.90 -18.64
C ILE L 44 -44.37 7.98 -17.86
N VAL L 45 -45.06 7.56 -16.80
CA VAL L 45 -45.80 8.47 -15.97
C VAL L 45 -45.23 8.52 -14.56
N ASN L 46 -44.88 9.73 -14.14
CA ASN L 46 -44.33 9.98 -12.82
C ASN L 46 -45.45 9.88 -11.78
N ALA L 47 -45.23 9.08 -10.75
CA ALA L 47 -46.24 8.86 -9.73
C ALA L 47 -45.63 8.75 -8.33
N GLN L 48 -45.04 9.83 -7.87
CA GLN L 48 -44.35 9.89 -6.58
C GLN L 48 -44.86 11.17 -5.92
N PRO L 49 -44.74 11.37 -4.59
CA PRO L 49 -45.23 12.54 -3.87
C PRO L 49 -44.89 13.92 -4.44
N LYS L 50 -43.70 14.09 -5.00
CA LYS L 50 -43.37 15.38 -5.57
C LYS L 50 -42.32 15.20 -6.65
N CYS L 51 -42.14 16.21 -7.53
CA CYS L 51 -41.18 16.23 -8.64
C CYS L 51 -40.62 17.62 -8.85
N ASN L 52 -39.31 17.70 -8.99
CA ASN L 52 -38.65 18.93 -9.33
C ASN L 52 -38.63 19.11 -10.87
N PRO L 53 -39.34 20.10 -11.43
CA PRO L 53 -39.53 20.33 -12.85
C PRO L 53 -38.42 21.11 -13.52
N ASN L 54 -37.29 21.31 -12.84
CA ASN L 54 -36.23 22.09 -13.46
C ASN L 54 -34.90 21.40 -13.40
N LEU L 55 -34.11 21.56 -14.45
CA LEU L 55 -32.79 21.04 -14.38
C LEU L 55 -31.77 22.14 -14.38
N HIS L 56 -30.73 21.91 -13.61
CA HIS L 56 -29.51 22.68 -13.67
C HIS L 56 -28.59 21.56 -13.98
N TYR L 57 -28.15 21.57 -15.20
CA TYR L 57 -27.44 20.49 -15.80
C TYR L 57 -25.98 20.72 -16.05
N TRP L 58 -25.19 19.68 -15.84
CA TRP L 58 -23.78 19.73 -16.17
C TRP L 58 -23.30 18.50 -16.94
N THR L 59 -22.24 18.72 -17.72
CA THR L 59 -21.48 17.66 -18.42
C THR L 59 -20.14 18.24 -18.81
N THR L 60 -19.37 17.56 -19.66
CA THR L 60 -18.06 18.09 -20.04
C THR L 60 -17.87 18.21 -21.53
N GLN L 61 -17.00 19.14 -21.89
CA GLN L 61 -16.50 19.38 -23.25
C GLN L 61 -15.04 19.76 -23.19
N ALA L 66 -14.31 19.54 -24.27
CA ALA L 66 -12.94 20.02 -24.31
C ALA L 66 -12.67 20.49 -25.73
N ILE L 67 -12.00 21.63 -25.83
CA ILE L 67 -11.66 22.25 -27.11
C ILE L 67 -10.45 23.18 -26.95
N GLY L 68 -9.65 23.33 -28.01
CA GLY L 68 -8.53 24.25 -27.99
C GLY L 68 -7.26 23.63 -27.40
N LEU L 69 -6.35 24.51 -26.93
CA LEU L 69 -5.00 24.16 -26.46
C LEU L 69 -5.01 23.36 -25.19
N ALA L 70 -6.18 23.27 -24.60
CA ALA L 70 -6.44 22.51 -23.40
C ALA L 70 -6.07 21.06 -23.64
N TRP L 71 -6.06 20.64 -24.92
CA TRP L 71 -5.71 19.28 -25.29
C TRP L 71 -4.37 18.89 -24.68
N ILE L 72 -3.52 19.88 -24.40
CA ILE L 72 -2.26 19.59 -23.79
C ILE L 72 -2.51 19.73 -22.30
N PRO L 73 -2.44 18.66 -21.50
CA PRO L 73 -2.81 18.64 -20.11
C PRO L 73 -2.00 19.53 -19.18
N TYR L 74 -0.77 19.89 -19.54
CA TYR L 74 -0.03 20.75 -18.63
C TYR L 74 -0.59 22.17 -18.78
N PHE L 75 -1.12 22.44 -19.97
CA PHE L 75 -1.56 23.74 -20.37
C PHE L 75 -2.97 24.02 -19.93
N GLY L 76 -3.84 23.04 -20.14
CA GLY L 76 -5.24 23.20 -19.86
C GLY L 76 -5.55 23.23 -18.38
N PRO L 77 -6.81 23.49 -18.03
CA PRO L 77 -7.35 23.58 -16.68
C PRO L 77 -7.52 22.23 -16.02
N ALA L 78 -7.66 22.25 -14.70
CA ALA L 78 -8.03 21.07 -13.97
C ALA L 78 -9.43 20.68 -14.41
N ALA L 79 -9.75 19.38 -14.32
CA ALA L 79 -11.01 18.84 -14.82
C ALA L 79 -12.26 19.49 -14.26
N GLU L 80 -12.24 20.03 -13.05
CA GLU L 80 -13.47 20.63 -12.56
C GLU L 80 -13.90 21.83 -13.41
N GLY L 81 -12.97 22.36 -14.22
CA GLY L 81 -13.18 23.49 -15.09
C GLY L 81 -13.57 23.11 -16.52
N ILE L 82 -13.73 21.82 -16.83
CA ILE L 82 -14.08 21.47 -18.22
C ILE L 82 -15.56 21.16 -18.31
N TYR L 83 -16.25 21.47 -17.23
CA TYR L 83 -17.66 21.25 -17.17
C TYR L 83 -18.43 22.41 -17.74
N THR L 84 -19.42 22.07 -18.53
CA THR L 84 -20.33 22.98 -19.15
C THR L 84 -21.61 22.94 -18.37
N GLU L 85 -22.45 23.96 -18.52
CA GLU L 85 -23.69 23.97 -17.78
C GLU L 85 -24.82 24.79 -18.41
N GLY L 86 -26.05 24.51 -17.98
CA GLY L 86 -27.21 25.31 -18.37
C GLY L 86 -28.53 24.81 -17.79
N LEU L 87 -29.63 25.52 -18.08
CA LEU L 87 -30.92 25.13 -17.54
C LEU L 87 -31.83 24.55 -18.59
N MET L 88 -32.70 23.65 -18.15
CA MET L 88 -33.74 23.03 -18.97
C MET L 88 -35.06 22.95 -18.21
N HIS L 89 -36.18 23.02 -18.92
CA HIS L 89 -37.47 22.90 -18.25
C HIS L 89 -38.22 21.63 -18.59
N ASN L 90 -39.37 21.41 -17.92
CA ASN L 90 -40.15 20.18 -18.06
C ASN L 90 -41.05 20.27 -19.26
N GLN L 91 -40.43 20.38 -20.42
CA GLN L 91 -41.18 20.55 -21.63
C GLN L 91 -41.95 19.30 -21.85
N ASP L 92 -43.26 19.43 -21.96
CA ASP L 92 -44.14 18.31 -22.19
C ASP L 92 -43.92 17.13 -21.24
N GLY L 93 -43.61 17.41 -19.97
CA GLY L 93 -43.49 16.34 -18.99
C GLY L 93 -42.18 15.54 -19.03
N LEU L 94 -41.23 15.95 -19.84
CA LEU L 94 -40.01 15.17 -19.98
C LEU L 94 -39.18 15.04 -18.71
N ILE L 95 -39.03 16.08 -17.91
CA ILE L 95 -38.16 15.95 -16.73
C ILE L 95 -38.70 14.97 -15.72
N CYS L 96 -40.02 15.07 -15.39
CA CYS L 96 -40.64 14.20 -14.41
C CYS L 96 -40.64 12.77 -14.93
N GLY L 97 -40.86 12.60 -16.22
CA GLY L 97 -40.82 11.28 -16.76
C GLY L 97 -39.41 10.70 -16.58
N LEU L 98 -38.36 11.52 -16.79
CA LEU L 98 -37.00 11.03 -16.65
C LEU L 98 -36.70 10.66 -15.23
N ARG L 99 -37.23 11.43 -14.28
CA ARG L 99 -36.98 11.09 -12.90
C ARG L 99 -37.60 9.74 -12.59
N GLN L 100 -38.81 9.50 -13.09
CA GLN L 100 -39.45 8.25 -12.80
C GLN L 100 -38.70 7.10 -13.46
N LEU L 101 -38.18 7.31 -14.68
CA LEU L 101 -37.49 6.21 -15.32
C LEU L 101 -36.25 5.86 -14.55
N ALA L 102 -35.50 6.87 -14.10
CA ALA L 102 -34.28 6.56 -13.38
C ALA L 102 -34.57 5.78 -12.09
N ASN L 103 -35.69 6.10 -11.38
CA ASN L 103 -36.12 5.46 -10.15
C ASN L 103 -36.52 3.97 -10.39
N GLU L 104 -37.21 3.67 -11.52
CA GLU L 104 -37.63 2.32 -11.91
C GLU L 104 -36.44 1.49 -12.40
N THR L 105 -35.51 2.15 -13.05
CA THR L 105 -34.35 1.53 -13.64
C THR L 105 -33.31 1.17 -12.60
N THR L 106 -33.29 1.90 -11.49
CA THR L 106 -32.33 1.64 -10.43
C THR L 106 -32.39 0.18 -9.97
N GLN L 107 -33.60 -0.38 -9.80
CA GLN L 107 -33.67 -1.77 -9.39
C GLN L 107 -33.03 -2.72 -10.39
N ALA L 108 -33.30 -2.52 -11.68
CA ALA L 108 -32.72 -3.40 -12.69
C ALA L 108 -31.21 -3.28 -12.67
N LEU L 109 -30.72 -2.07 -12.46
CA LEU L 109 -29.30 -1.84 -12.44
C LEU L 109 -28.64 -2.56 -11.32
N GLN L 110 -29.19 -2.48 -10.13
CA GLN L 110 -28.47 -3.16 -9.09
C GLN L 110 -28.62 -4.67 -9.17
N LEU L 111 -29.73 -5.20 -9.66
CA LEU L 111 -29.79 -6.65 -9.73
C LEU L 111 -28.73 -7.13 -10.73
N PHE L 112 -28.59 -6.36 -11.81
CA PHE L 112 -27.59 -6.61 -12.83
C PHE L 112 -26.19 -6.59 -12.23
N LEU L 113 -25.88 -5.55 -11.48
CA LEU L 113 -24.57 -5.44 -10.90
C LEU L 113 -24.32 -6.54 -9.89
N ARG L 114 -25.32 -6.95 -9.13
CA ARG L 114 -25.10 -8.00 -8.14
C ARG L 114 -24.56 -9.24 -8.82
N ALA L 115 -25.05 -9.51 -10.02
CA ALA L 115 -24.67 -10.68 -10.79
C ALA L 115 -23.32 -10.55 -11.54
N THR L 116 -22.63 -9.40 -11.50
CA THR L 116 -21.35 -9.32 -12.22
C THR L 116 -20.15 -9.49 -11.31
N THR L 117 -18.98 -9.48 -11.93
CA THR L 117 -17.70 -9.63 -11.25
C THR L 117 -16.87 -8.37 -11.25
N GLU L 118 -17.21 -7.45 -12.14
CA GLU L 118 -16.43 -6.24 -12.26
C GLU L 118 -16.81 -5.20 -11.24
N LEU L 119 -15.80 -4.55 -10.66
CA LEU L 119 -16.07 -3.45 -9.75
C LEU L 119 -16.54 -2.26 -10.55
N ARG L 120 -15.91 -2.07 -11.69
CA ARG L 120 -16.19 -0.93 -12.54
C ARG L 120 -16.85 -1.38 -13.82
N THR L 121 -18.17 -1.30 -13.86
CA THR L 121 -18.86 -1.78 -15.05
C THR L 121 -19.30 -0.58 -15.83
N PHE L 122 -18.54 -0.25 -16.86
CA PHE L 122 -18.77 0.97 -17.62
C PHE L 122 -19.17 0.61 -19.05
N SER L 123 -19.57 -0.64 -19.22
CA SER L 123 -19.92 -1.22 -20.51
C SER L 123 -21.41 -1.41 -20.78
N ILE L 124 -22.28 -0.89 -19.93
CA ILE L 124 -23.71 -1.16 -20.11
C ILE L 124 -24.23 -0.61 -21.42
N LEU L 125 -23.88 0.63 -21.75
CA LEU L 125 -24.42 1.16 -22.98
C LEU L 125 -23.71 0.58 -24.19
N ASN L 126 -22.49 0.06 -24.04
CA ASN L 126 -21.86 -0.54 -25.21
C ASN L 126 -22.59 -1.83 -25.51
N ARG L 127 -22.99 -2.54 -24.46
CA ARG L 127 -23.74 -3.76 -24.65
C ARG L 127 -25.07 -3.43 -25.29
N LYS L 128 -25.66 -2.32 -24.89
CA LYS L 128 -26.93 -1.97 -25.46
C LYS L 128 -26.80 -1.65 -26.93
N ALA L 129 -25.73 -0.96 -27.31
CA ALA L 129 -25.56 -0.65 -28.72
C ALA L 129 -25.41 -1.93 -29.53
N ILE L 130 -24.72 -2.91 -28.96
CA ILE L 130 -24.53 -4.15 -29.69
C ILE L 130 -25.87 -4.85 -29.84
N ASP L 131 -26.64 -4.93 -28.77
CA ASP L 131 -27.95 -5.57 -28.86
C ASP L 131 -28.86 -4.79 -29.77
N PHE L 132 -28.75 -3.48 -29.81
CA PHE L 132 -29.65 -2.75 -30.67
C PHE L 132 -29.53 -3.25 -32.09
N LEU L 133 -28.31 -3.37 -32.58
CA LEU L 133 -28.18 -3.87 -33.93
C LEU L 133 -28.43 -5.36 -34.02
N LEU L 134 -27.94 -6.13 -33.07
CA LEU L 134 -28.04 -7.57 -33.12
C LEU L 134 -29.50 -8.04 -33.12
N GLN L 135 -30.33 -7.29 -32.41
CA GLN L 135 -31.75 -7.52 -32.28
C GLN L 135 -32.43 -7.60 -33.64
N ARG L 136 -31.93 -6.85 -34.61
CA ARG L 136 -32.55 -6.83 -35.93
C ARG L 136 -31.66 -7.47 -37.00
N TRP L 137 -30.33 -7.45 -36.80
CA TRP L 137 -29.36 -7.95 -37.78
C TRP L 137 -28.66 -9.32 -37.51
N GLY L 138 -29.03 -10.05 -36.43
CA GLY L 138 -28.50 -11.36 -36.03
C GLY L 138 -28.57 -12.50 -37.08
#